data_8OXB
#
_entry.id   8OXB
#
_cell.length_a   1.00
_cell.length_b   1.00
_cell.length_c   1.00
_cell.angle_alpha   90.00
_cell.angle_beta   90.00
_cell.angle_gamma   90.00
#
_symmetry.space_group_name_H-M   'P 1'
#
loop_
_entity.id
_entity.type
_entity.pdbx_description
1 polymer 'Phospholipid-transporting ATPase IC'
2 polymer 'Cell cycle control protein 50A'
3 branched beta-D-mannopyranose-(1-4)-2-acetamido-2-deoxy-beta-D-glucopyranose-(1-4)-2-acetamido-2-deoxy-beta-D-glucopyranose
4 non-polymer oxido(dioxo)vanadium
5 non-polymer 'MAGNESIUM ION'
6 non-polymer '(2S)-3-(hexadecanoyloxy)-2-[(9Z)-octadec-9-enoyloxy]propyl 2-(trimethylammonio)ethyl phosphate'
7 non-polymer 2-acetamido-2-deoxy-beta-D-glucopyranose
8 water water
#
loop_
_entity_poly.entity_id
_entity_poly.type
_entity_poly.pdbx_seq_one_letter_code
_entity_poly.pdbx_strand_id
1 'polypeptide(L)'
;MSTERDSETTFDEDSQPNDEVVPYSDDETEDELDDQGSAVEPEQNRVNREAEENREPFRKECTWQVKANDRKYHEQPHFM
NTKFLCIKESKYANNAIKTYKYNAFTFIPMNLFEQFKRAANLYFLALLILQAVPQISTLAWYTTLVPLLVVLGVTAIKDL
VDDVARHKMDKEINNRTCEVIKDGRFKVAKWKEIQVGDVIRLKKNDFVPADILLLSSSEPNSLCYVETAELDGETNLKFK
MSLEITDQYLQREDTLATFDGFIECEEPNNRLDKFTGTLFWRNTSFPLDADKILLRGCVIRNTDFCHGLVIFAGADTKIM
KNSGKTRFKRTKIDYLMNYMVYTIFVVLILLSAGLAIGHAYWEAQVGNSSWYLYDGEDDTPSYRGFLIFWGYIIVLNTMV
PISLYVSVEVIRLGQSHFINWDLQMYYAEKDTPAKARTTTLNEQLGQIHYIFSDKTGTLTQNIMTFKKCCINGQIYGDHR
DASQHNHNKIEQVDFSWNTYADGKLAFYDHYLIEQIQSGKEPEVRQFFFLLAVCHTVMVDRTDGQLNYQAASPDEGALVN
AARNFGFAFLARTQNTITISELGTERTYNVLAILDFNSDRKRMSIIVRTPEGNIKLYCKGADTVIYERLHRMNPTKQETQ
DALDIFANETLRTLCLCYKEIEEKEFTEWNKKFMAASVASTNRDEALDKVYEEIEKDLILLGATAIEDKLQDGVPETISK
LAKADIKIWVLTGDKKETAENIGFACELLTEDTTICYGEDINSLLHARMENQRNRGGVYAKFAPPVQESFFPPGGNRALI
ITGSWLNEILLEKKTKRNKILKLKFPRTEEERRMRTQSKRRLEAKKEQRQKNFVDLACECSAVICCRVTPKQKAMVVDLV
KRYKKAITLAIGDGANDVNMIKTAHIGVGISGQEGMQAVMSSDYSFAQFRYLQRLLLVHGRWSYIRMCKFLRYFFYKNFA
FTLVHFWYSFFNGYSAQTAYEDWFITLYNVLYTSLPVLLMGLLDQDVSDKLSLRFPGLYIVGQRDLLFNYKRFFVSLLHG
VLTSMILFFIPLGAYLQTVGQDGEAPSDYQSFAVTIASALVITVNFQIGLDTSYWTFVNAFSIFGSIALYFGIMFDFHSA
GIHVLFPSAFQFTGTASNALRQPYIWLTIILTVAVCLLPVVAIRFLSMTIWPSESDKIQKHRKRL
;
A
2 'polypeptide(L)'
;MLGGMAMNYNAKDEVDGGPPCAPGGTAKTRRPDNTAFKQQRLPAWQPILTAGTVLPIFFIIGLIFIPIGIGIFVTSNNIR
EIEIDYTGTEPSSPCNKCLSPDVTPCFCTINFTLEKSFEGNVFMYYGLSNFYQNHRRYVKSRDDSQLNGDSSALLNPSKE
CEPYRRNEDKPIAPCGAIANSMFNDTLELFLIGNDSYPIPIALKKKGIAWWTDKNVKFRNPPGGDNLEERFKGTTKPVNW
LKPVYMLDSDPDNNGFINEDFIVWMRTAALPTFRKLYRLIERKSDLHPTLPAGRYSLNVTYNYPVHYFDGRKRMILSTIS
WMGGKNPFLGIAYIAVGSISFLLGVVLLVINHKYRNSSNTADITI
;
B
#
# COMPACT_ATOMS: atom_id res chain seq x y z
N THR A 63 -7.56 -31.04 -33.61
CA THR A 63 -7.08 -32.22 -32.91
C THR A 63 -5.56 -32.31 -32.99
N TRP A 64 -4.91 -32.42 -31.84
CA TRP A 64 -3.46 -32.49 -31.80
C TRP A 64 -2.97 -33.71 -32.58
N GLN A 65 -1.88 -33.52 -33.32
CA GLN A 65 -1.28 -34.59 -34.12
C GLN A 65 0.22 -34.54 -33.95
N VAL A 66 0.81 -35.64 -33.47
CA VAL A 66 2.22 -35.72 -33.17
C VAL A 66 2.83 -36.84 -33.98
N LYS A 67 3.86 -36.53 -34.75
CA LYS A 67 4.63 -37.51 -35.52
C LYS A 67 6.02 -37.62 -34.91
N ALA A 68 6.44 -38.85 -34.62
CA ALA A 68 7.72 -39.06 -33.96
C ALA A 68 8.87 -38.85 -34.94
N ASN A 69 9.84 -38.02 -34.53
CA ASN A 69 11.06 -37.80 -35.30
C ASN A 69 10.78 -37.39 -36.74
N ASP A 70 9.83 -36.46 -36.91
CA ASP A 70 9.54 -35.84 -38.20
C ASP A 70 9.66 -34.33 -37.97
N ARG A 71 10.84 -33.78 -38.25
CA ARG A 71 11.13 -32.40 -37.88
C ARG A 71 10.19 -31.39 -38.53
N LYS A 72 9.56 -31.76 -39.64
CA LYS A 72 8.81 -30.81 -40.46
C LYS A 72 7.38 -31.27 -40.71
N TYR A 73 6.76 -31.93 -39.72
CA TYR A 73 5.39 -32.39 -39.91
C TYR A 73 4.43 -31.21 -40.04
N HIS A 74 4.49 -30.27 -39.09
CA HIS A 74 3.61 -29.12 -39.09
C HIS A 74 4.28 -27.87 -39.63
N GLU A 75 5.61 -27.88 -39.80
CA GLU A 75 6.29 -26.73 -40.39
C GLU A 75 5.82 -26.44 -41.80
N GLN A 76 5.18 -27.40 -42.45
CA GLN A 76 4.56 -27.19 -43.77
C GLN A 76 3.67 -25.95 -43.77
N SER A 90 2.80 -23.13 -36.34
CA SER A 90 2.17 -22.07 -35.56
C SER A 90 1.36 -22.67 -34.41
N LYS A 91 0.53 -23.66 -34.73
CA LYS A 91 -0.25 -24.32 -33.69
C LYS A 91 0.66 -25.00 -32.67
N TYR A 92 1.72 -25.65 -33.15
CA TYR A 92 2.69 -26.27 -32.26
C TYR A 92 3.69 -25.23 -31.80
N ALA A 93 3.94 -25.19 -30.49
CA ALA A 93 4.84 -24.22 -29.87
C ALA A 93 6.14 -24.91 -29.51
N ASN A 94 7.26 -24.23 -29.80
CA ASN A 94 8.55 -24.71 -29.35
C ASN A 94 8.59 -24.68 -27.82
N ASN A 95 9.44 -25.52 -27.25
CA ASN A 95 9.37 -25.84 -25.83
C ASN A 95 10.09 -24.83 -24.94
N ALA A 96 10.28 -23.60 -25.41
CA ALA A 96 10.77 -22.51 -24.57
C ALA A 96 9.59 -21.79 -23.93
N ILE A 97 9.82 -21.25 -22.73
CA ILE A 97 8.80 -20.57 -21.97
C ILE A 97 9.17 -19.09 -21.85
N LYS A 98 8.15 -18.27 -21.57
CA LYS A 98 8.35 -16.87 -21.26
C LYS A 98 7.36 -16.45 -20.18
N THR A 99 7.88 -15.94 -19.07
CA THR A 99 7.07 -15.36 -18.02
C THR A 99 7.33 -13.87 -17.84
N TYR A 100 8.39 -13.34 -18.44
CA TYR A 100 8.65 -11.90 -18.39
C TYR A 100 7.57 -11.15 -19.16
N LYS A 101 7.49 -9.85 -18.90
CA LYS A 101 6.52 -8.97 -19.53
C LYS A 101 7.14 -7.93 -20.45
N TYR A 102 8.42 -7.59 -20.28
CA TYR A 102 9.05 -6.48 -20.97
C TYR A 102 10.25 -6.96 -21.77
N ASN A 103 10.47 -6.31 -22.91
CA ASN A 103 11.68 -6.48 -23.70
C ASN A 103 12.64 -5.34 -23.39
N ALA A 104 13.76 -5.30 -24.11
CA ALA A 104 14.73 -4.22 -23.90
C ALA A 104 14.27 -2.88 -24.46
N PHE A 105 13.19 -2.87 -25.24
CA PHE A 105 12.68 -1.65 -25.87
C PHE A 105 11.31 -1.23 -25.33
N THR A 106 10.36 -2.17 -25.24
CA THR A 106 9.00 -1.84 -24.85
C THR A 106 8.82 -1.68 -23.34
N PHE A 107 9.91 -1.55 -22.59
CA PHE A 107 9.80 -1.24 -21.16
C PHE A 107 9.44 0.23 -20.94
N ILE A 108 10.01 1.13 -21.74
CA ILE A 108 9.71 2.55 -21.58
C ILE A 108 8.22 2.83 -21.80
N PRO A 109 7.54 2.22 -22.80
CA PRO A 109 6.08 2.34 -22.88
C PRO A 109 5.30 1.79 -21.69
N MET A 110 5.99 1.28 -20.66
CA MET A 110 5.32 0.95 -19.41
C MET A 110 4.61 2.14 -18.77
N ASN A 111 4.99 3.36 -19.14
CA ASN A 111 4.30 4.54 -18.62
C ASN A 111 2.80 4.46 -18.86
N LEU A 112 2.38 3.89 -20.00
CA LEU A 112 0.96 3.81 -20.31
C LEU A 112 0.19 2.99 -19.27
N PHE A 113 0.85 2.08 -18.58
CA PHE A 113 0.22 1.35 -17.48
C PHE A 113 0.34 2.07 -16.15
N GLU A 114 1.15 3.14 -16.08
CA GLU A 114 1.19 4.00 -14.90
C GLU A 114 0.32 5.23 -15.08
N GLN A 115 0.44 5.88 -16.24
CA GLN A 115 -0.32 7.11 -16.48
C GLN A 115 -1.82 6.84 -16.46
N PHE A 116 -2.27 5.85 -17.23
CA PHE A 116 -3.71 5.67 -17.42
C PHE A 116 -4.35 5.04 -16.19
N LYS A 117 -3.70 4.07 -15.57
CA LYS A 117 -4.30 3.38 -14.43
C LYS A 117 -4.52 4.33 -13.26
N ARG A 118 -3.54 5.17 -12.96
CA ARG A 118 -3.64 6.18 -11.91
C ARG A 118 -3.91 7.53 -12.54
N ALA A 119 -5.09 8.07 -12.32
CA ALA A 119 -5.46 9.36 -12.93
C ALA A 119 -4.58 10.48 -12.41
N ALA A 120 -4.12 10.40 -11.16
CA ALA A 120 -3.27 11.44 -10.62
C ALA A 120 -2.02 11.63 -11.46
N ASN A 121 -1.46 10.53 -11.98
CA ASN A 121 -0.31 10.65 -12.87
C ASN A 121 -0.66 11.44 -14.13
N LEU A 122 -1.85 11.18 -14.69
CA LEU A 122 -2.28 11.96 -15.84
C LEU A 122 -2.48 13.43 -15.48
N TYR A 123 -3.08 13.69 -14.33
CA TYR A 123 -3.34 15.07 -13.93
C TYR A 123 -2.04 15.84 -13.73
N PHE A 124 -1.04 15.20 -13.12
CA PHE A 124 0.26 15.85 -12.97
C PHE A 124 0.93 16.06 -14.32
N LEU A 125 0.66 15.20 -15.29
CA LEU A 125 1.15 15.43 -16.64
C LEU A 125 0.45 16.62 -17.28
N ALA A 126 -0.85 16.78 -17.00
CA ALA A 126 -1.57 17.95 -17.50
C ALA A 126 -0.97 19.23 -16.93
N LEU A 127 -0.67 19.24 -15.63
CA LEU A 127 -0.05 20.42 -15.03
C LEU A 127 1.29 20.72 -15.67
N LEU A 128 2.09 19.68 -15.93
CA LEU A 128 3.38 19.88 -16.57
C LEU A 128 3.20 20.51 -17.96
N ILE A 129 2.22 20.03 -18.72
CA ILE A 129 1.91 20.66 -20.00
C ILE A 129 1.27 22.03 -19.77
N LEU A 130 0.40 22.13 -18.77
CA LEU A 130 -0.32 23.39 -18.53
C LEU A 130 0.65 24.49 -18.11
N GLN A 131 1.62 24.17 -17.25
CA GLN A 131 2.58 25.16 -16.79
C GLN A 131 3.68 25.43 -17.81
N ALA A 132 3.75 24.66 -18.90
CA ALA A 132 4.80 24.87 -19.89
C ALA A 132 4.54 26.12 -20.72
N VAL A 133 3.30 26.33 -21.13
CA VAL A 133 2.96 27.46 -22.00
C VAL A 133 2.99 28.75 -21.18
N PRO A 134 3.80 29.76 -21.53
CA PRO A 134 3.79 31.00 -20.75
C PRO A 134 2.48 31.77 -20.81
N GLN A 135 1.66 31.56 -21.84
CA GLN A 135 0.43 32.34 -21.98
C GLN A 135 -0.50 32.12 -20.80
N ILE A 136 -0.45 30.94 -20.19
CA ILE A 136 -1.24 30.61 -19.00
C ILE A 136 -0.30 29.92 -18.01
N SER A 137 0.19 30.68 -17.03
CA SER A 137 1.13 30.13 -16.07
C SER A 137 1.14 30.99 -14.82
N THR A 138 1.24 30.33 -13.67
CA THR A 138 1.45 31.02 -12.39
C THR A 138 2.45 30.32 -11.50
N LEU A 139 3.08 29.24 -11.96
CA LEU A 139 4.10 28.54 -11.18
C LEU A 139 5.13 27.96 -12.14
N ALA A 140 6.32 27.71 -11.63
CA ALA A 140 7.38 27.11 -12.43
C ALA A 140 7.07 25.64 -12.69
N TRP A 141 7.35 25.20 -13.92
CA TRP A 141 7.05 23.84 -14.34
C TRP A 141 8.22 22.87 -14.08
N TYR A 142 9.36 23.36 -13.58
CA TYR A 142 10.40 22.47 -13.11
C TYR A 142 10.07 21.90 -11.75
N THR A 143 9.34 22.64 -10.93
CA THR A 143 8.98 22.15 -9.60
C THR A 143 8.03 20.96 -9.64
N THR A 144 7.38 20.72 -10.78
CA THR A 144 6.48 19.58 -10.93
C THR A 144 7.09 18.44 -11.73
N LEU A 145 8.05 18.72 -12.61
CA LEU A 145 8.70 17.66 -13.36
C LEU A 145 9.53 16.78 -12.44
N VAL A 146 10.29 17.39 -11.53
CA VAL A 146 11.15 16.62 -10.63
C VAL A 146 10.33 15.69 -9.74
N PRO A 147 9.30 16.14 -9.03
CA PRO A 147 8.45 15.18 -8.31
C PRO A 147 7.80 14.16 -9.23
N LEU A 148 7.40 14.57 -10.45
CA LEU A 148 6.74 13.64 -11.35
C LEU A 148 7.67 12.49 -11.74
N LEU A 149 8.94 12.80 -12.00
CA LEU A 149 9.89 11.75 -12.35
C LEU A 149 10.11 10.81 -11.17
N VAL A 150 10.10 11.33 -9.95
CA VAL A 150 10.26 10.48 -8.78
C VAL A 150 9.07 9.54 -8.65
N VAL A 151 7.85 10.04 -8.86
CA VAL A 151 6.66 9.20 -8.73
C VAL A 151 6.70 8.08 -9.77
N LEU A 152 6.99 8.44 -11.03
CA LEU A 152 7.10 7.44 -12.08
C LEU A 152 8.42 6.69 -12.01
N GLY A 153 9.49 7.35 -11.56
CA GLY A 153 10.80 6.70 -11.56
C GLY A 153 10.86 5.51 -10.61
N VAL A 154 10.37 5.69 -9.38
CA VAL A 154 10.47 4.62 -8.39
C VAL A 154 9.66 3.40 -8.83
N THR A 155 8.45 3.63 -9.33
CA THR A 155 7.62 2.51 -9.75
C THR A 155 8.19 1.82 -10.98
N ALA A 156 8.91 2.56 -11.84
CA ALA A 156 9.54 1.94 -13.00
C ALA A 156 10.76 1.11 -12.59
N ILE A 157 11.59 1.65 -11.68
CA ILE A 157 12.74 0.88 -11.20
C ILE A 157 12.27 -0.29 -10.36
N LYS A 158 11.19 -0.11 -9.60
CA LYS A 158 10.65 -1.22 -8.81
C LYS A 158 10.17 -2.35 -9.72
N ASP A 159 9.52 -2.01 -10.83
CA ASP A 159 9.02 -3.01 -11.77
C ASP A 159 10.09 -3.48 -12.75
N LEU A 160 11.20 -2.76 -12.87
CA LEU A 160 12.30 -3.23 -13.71
C LEU A 160 13.02 -4.39 -13.04
N VAL A 161 13.32 -4.27 -11.75
CA VAL A 161 14.00 -5.35 -11.03
C VAL A 161 13.09 -6.57 -10.94
N ASP A 162 11.78 -6.36 -10.79
CA ASP A 162 10.86 -7.50 -10.74
C ASP A 162 10.87 -8.27 -12.03
N ASP A 163 10.87 -7.58 -13.18
CA ASP A 163 10.90 -8.26 -14.46
C ASP A 163 12.29 -8.79 -14.78
N VAL A 164 13.34 -8.05 -14.42
CA VAL A 164 14.70 -8.53 -14.64
C VAL A 164 14.94 -9.82 -13.87
N ALA A 165 14.37 -9.92 -12.66
CA ALA A 165 14.44 -11.18 -11.93
C ALA A 165 13.73 -12.29 -12.67
N ARG A 166 12.58 -11.98 -13.29
CA ARG A 166 11.86 -12.99 -14.06
C ARG A 166 12.62 -13.40 -15.31
N HIS A 167 13.53 -12.57 -15.80
CA HIS A 167 14.35 -12.96 -16.95
C HIS A 167 15.45 -13.93 -16.56
N LYS A 168 16.00 -13.80 -15.35
CA LYS A 168 17.06 -14.71 -14.93
C LYS A 168 16.53 -16.11 -14.68
N MET A 169 15.32 -16.22 -14.13
CA MET A 169 14.75 -17.54 -13.86
C MET A 169 14.26 -18.20 -15.15
N ASP A 170 13.68 -17.43 -16.06
CA ASP A 170 13.25 -18.00 -17.33
C ASP A 170 14.45 -18.52 -18.12
N LYS A 171 15.57 -17.80 -18.08
CA LYS A 171 16.78 -18.28 -18.76
C LYS A 171 17.26 -19.58 -18.15
N GLU A 172 17.20 -19.70 -16.82
CA GLU A 172 17.66 -20.92 -16.16
C GLU A 172 16.81 -22.11 -16.58
N ILE A 173 15.50 -21.95 -16.64
CA ILE A 173 14.63 -23.04 -17.08
C ILE A 173 14.91 -23.38 -18.54
N ASN A 174 15.06 -22.37 -19.38
CA ASN A 174 15.30 -22.61 -20.80
C ASN A 174 16.62 -23.32 -21.03
N ASN A 175 17.66 -22.93 -20.31
CA ASN A 175 18.99 -23.50 -20.50
C ASN A 175 19.15 -24.86 -19.83
N ARG A 176 18.09 -25.41 -19.24
CA ARG A 176 18.17 -26.77 -18.69
C ARG A 176 18.45 -27.76 -19.81
N THR A 177 19.40 -28.65 -19.58
CA THR A 177 19.87 -29.57 -20.60
C THR A 177 19.04 -30.84 -20.61
N CYS A 178 18.96 -31.47 -21.77
CA CYS A 178 18.22 -32.72 -21.96
C CYS A 178 18.93 -33.53 -23.03
N GLU A 179 18.26 -34.59 -23.50
CA GLU A 179 18.74 -35.40 -24.60
C GLU A 179 17.61 -35.60 -25.60
N VAL A 180 17.94 -35.52 -26.88
CA VAL A 180 16.97 -35.57 -27.95
C VAL A 180 17.48 -36.51 -29.03
N ILE A 181 16.56 -37.23 -29.66
CA ILE A 181 16.90 -38.02 -30.84
C ILE A 181 17.05 -37.04 -32.00
N LYS A 182 18.29 -36.62 -32.26
CA LYS A 182 18.60 -35.92 -33.49
C LYS A 182 18.79 -36.98 -34.58
N ASP A 183 19.34 -36.61 -35.72
CA ASP A 183 19.48 -37.54 -36.82
C ASP A 183 20.54 -38.58 -36.46
N GLY A 184 20.09 -39.74 -35.97
CA GLY A 184 20.93 -40.91 -35.79
C GLY A 184 21.06 -41.38 -34.36
N ARG A 185 21.21 -40.46 -33.40
CA ARG A 185 21.61 -40.85 -32.06
C ARG A 185 21.08 -39.84 -31.04
N PHE A 186 21.23 -40.19 -29.77
CA PHE A 186 20.89 -39.32 -28.65
C PHE A 186 22.01 -38.32 -28.44
N LYS A 187 21.74 -37.04 -28.69
CA LYS A 187 22.71 -35.98 -28.42
C LYS A 187 22.01 -34.81 -27.75
N VAL A 188 22.81 -34.05 -27.01
CA VAL A 188 22.28 -33.04 -26.10
C VAL A 188 21.47 -32.00 -26.85
N ALA A 189 20.41 -31.51 -26.21
CA ALA A 189 19.57 -30.44 -26.76
C ALA A 189 18.84 -29.78 -25.60
N LYS A 190 19.02 -28.47 -25.45
CA LYS A 190 18.44 -27.76 -24.32
C LYS A 190 16.91 -27.82 -24.37
N TRP A 191 16.29 -27.30 -23.30
CA TRP A 191 14.84 -27.33 -23.22
C TRP A 191 14.19 -26.48 -24.30
N LYS A 192 14.87 -25.44 -24.77
CA LYS A 192 14.32 -24.65 -25.87
C LYS A 192 14.21 -25.47 -27.14
N GLU A 193 15.22 -26.31 -27.42
CA GLU A 193 15.29 -27.04 -28.67
C GLU A 193 14.27 -28.17 -28.75
N ILE A 194 13.60 -28.50 -27.65
CA ILE A 194 12.60 -29.57 -27.68
C ILE A 194 11.36 -29.08 -28.41
N GLN A 195 10.76 -29.97 -29.20
CA GLN A 195 9.55 -29.63 -29.94
C GLN A 195 8.63 -30.84 -29.97
N VAL A 196 7.39 -30.59 -30.40
CA VAL A 196 6.40 -31.66 -30.49
C VAL A 196 6.93 -32.77 -31.40
N GLY A 197 6.67 -34.02 -30.99
CA GLY A 197 7.10 -35.16 -31.78
C GLY A 197 8.60 -35.29 -31.88
N ASP A 198 9.30 -35.16 -30.75
CA ASP A 198 10.76 -35.24 -30.70
C ASP A 198 11.14 -36.18 -29.56
N VAL A 199 11.61 -37.37 -29.91
CA VAL A 199 11.94 -38.38 -28.91
C VAL A 199 13.08 -37.87 -28.03
N ILE A 200 12.94 -38.12 -26.71
CA ILE A 200 13.93 -37.67 -25.73
C ILE A 200 14.24 -38.82 -24.78
N ARG A 201 15.38 -38.71 -24.11
CA ARG A 201 15.77 -39.61 -23.03
C ARG A 201 16.01 -38.81 -21.77
N LEU A 202 15.51 -39.32 -20.65
CA LEU A 202 15.63 -38.65 -19.35
C LEU A 202 16.23 -39.62 -18.35
N LYS A 203 17.15 -39.09 -17.53
CA LYS A 203 17.84 -39.88 -16.52
C LYS A 203 17.18 -39.71 -15.16
N LYS A 204 17.74 -40.39 -14.16
CA LYS A 204 17.23 -40.27 -12.81
C LYS A 204 17.50 -38.88 -12.26
N ASN A 205 16.52 -38.34 -11.51
CA ASN A 205 16.64 -37.01 -10.91
C ASN A 205 16.84 -35.93 -11.97
N ASP A 206 16.13 -36.06 -13.09
CA ASP A 206 16.18 -35.09 -14.17
C ASP A 206 14.77 -34.60 -14.45
N PHE A 207 14.63 -33.29 -14.66
CA PHE A 207 13.33 -32.70 -14.88
C PHE A 207 12.79 -33.08 -16.26
N VAL A 208 11.49 -33.34 -16.32
CA VAL A 208 10.82 -33.60 -17.59
C VAL A 208 10.71 -32.30 -18.38
N PRO A 209 11.11 -32.25 -19.66
CA PRO A 209 11.10 -30.96 -20.37
C PRO A 209 9.74 -30.60 -20.95
N ALA A 210 8.91 -31.60 -21.22
CA ALA A 210 7.64 -31.36 -21.86
C ALA A 210 6.75 -32.57 -21.61
N ASP A 211 5.46 -32.41 -21.89
CA ASP A 211 4.49 -33.48 -21.65
C ASP A 211 4.78 -34.61 -22.62
N ILE A 212 5.49 -35.63 -22.15
CA ILE A 212 5.99 -36.69 -23.00
C ILE A 212 5.16 -37.95 -22.80
N LEU A 213 5.32 -38.89 -23.73
CA LEU A 213 4.71 -40.21 -23.66
C LEU A 213 5.80 -41.22 -23.33
N LEU A 214 5.65 -41.90 -22.19
CA LEU A 214 6.67 -42.86 -21.78
C LEU A 214 6.72 -44.00 -22.79
N LEU A 215 7.91 -44.25 -23.33
CA LEU A 215 8.13 -45.31 -24.31
C LEU A 215 8.94 -46.48 -23.77
N SER A 216 9.85 -46.25 -22.84
CA SER A 216 10.68 -47.31 -22.30
C SER A 216 11.34 -46.82 -21.02
N SER A 217 11.96 -47.75 -20.30
CA SER A 217 12.65 -47.42 -19.06
C SER A 217 13.74 -48.45 -18.81
N SER A 218 14.68 -48.10 -17.93
CA SER A 218 15.80 -48.97 -17.61
C SER A 218 15.39 -50.15 -16.74
N GLU A 219 14.30 -50.03 -15.99
CA GLU A 219 13.81 -51.08 -15.12
C GLU A 219 12.69 -51.85 -15.81
N PRO A 220 12.43 -53.09 -15.41
CA PRO A 220 11.60 -53.97 -16.24
C PRO A 220 10.16 -53.50 -16.34
N ASN A 221 9.50 -53.99 -17.39
CA ASN A 221 8.13 -53.63 -17.76
C ASN A 221 7.99 -52.18 -18.19
N SER A 222 9.11 -51.49 -18.46
CA SER A 222 9.12 -50.09 -18.86
C SER A 222 8.28 -49.25 -17.90
N LEU A 223 8.67 -49.30 -16.64
CA LEU A 223 7.93 -48.69 -15.54
C LEU A 223 8.76 -47.56 -14.97
N CYS A 224 8.12 -46.41 -14.73
CA CYS A 224 8.80 -45.21 -14.28
C CYS A 224 8.06 -44.59 -13.12
N TYR A 225 8.82 -44.12 -12.13
CA TYR A 225 8.30 -43.41 -10.97
C TYR A 225 8.81 -41.97 -11.03
N VAL A 226 7.88 -41.02 -11.02
CA VAL A 226 8.19 -39.61 -11.23
C VAL A 226 7.60 -38.80 -10.08
N GLU A 227 8.38 -37.87 -9.55
CA GLU A 227 7.97 -37.02 -8.43
C GLU A 227 7.37 -35.75 -8.99
N THR A 228 6.04 -35.64 -8.92
CA THR A 228 5.33 -34.46 -9.42
C THR A 228 5.21 -33.42 -8.30
N ALA A 229 6.37 -32.91 -7.89
CA ALA A 229 6.42 -31.96 -6.79
C ALA A 229 5.82 -30.61 -7.15
N GLU A 230 5.67 -30.31 -8.45
CA GLU A 230 5.15 -29.02 -8.88
C GLU A 230 3.69 -29.08 -9.31
N LEU A 231 3.25 -30.20 -9.91
CA LEU A 231 1.84 -30.33 -10.26
C LEU A 231 0.97 -30.36 -9.00
N ASP A 232 1.41 -31.11 -7.99
CA ASP A 232 0.87 -31.04 -6.65
C ASP A 232 2.02 -31.07 -5.67
N GLY A 233 1.98 -30.22 -4.66
CA GLY A 233 3.13 -30.03 -3.81
C GLY A 233 3.45 -31.21 -2.91
N GLU A 234 3.71 -32.37 -3.50
CA GLU A 234 3.96 -33.60 -2.77
C GLU A 234 5.25 -34.24 -3.26
N THR A 235 6.04 -34.75 -2.31
CA THR A 235 7.29 -35.42 -2.62
C THR A 235 7.12 -36.90 -2.91
N ASN A 236 5.94 -37.47 -2.63
CA ASN A 236 5.72 -38.89 -2.87
C ASN A 236 5.74 -39.19 -4.36
N LEU A 237 6.29 -40.35 -4.71
CA LEU A 237 6.45 -40.74 -6.11
C LEU A 237 5.13 -41.21 -6.70
N LYS A 238 4.99 -41.02 -8.01
CA LYS A 238 3.77 -41.37 -8.73
C LYS A 238 4.05 -42.52 -9.69
N PHE A 239 3.12 -43.47 -9.74
CA PHE A 239 3.23 -44.61 -10.64
C PHE A 239 2.91 -44.19 -12.07
N LYS A 240 3.74 -44.64 -13.01
CA LYS A 240 3.52 -44.36 -14.42
C LYS A 240 4.00 -45.55 -15.25
N MET A 241 3.14 -45.99 -16.16
CA MET A 241 3.33 -47.22 -16.93
C MET A 241 3.26 -46.89 -18.41
N SER A 242 4.17 -47.47 -19.19
CA SER A 242 4.20 -47.29 -20.63
C SER A 242 3.35 -48.36 -21.31
N LEU A 243 3.07 -48.14 -22.60
CA LEU A 243 2.31 -49.10 -23.36
C LEU A 243 3.09 -50.41 -23.51
N GLU A 244 2.35 -51.53 -23.52
CA GLU A 244 2.99 -52.83 -23.63
C GLU A 244 3.69 -52.98 -24.98
N ILE A 245 3.06 -52.51 -26.05
CA ILE A 245 3.66 -52.66 -27.38
C ILE A 245 4.98 -51.91 -27.46
N THR A 246 5.02 -50.69 -26.94
CA THR A 246 6.26 -49.92 -26.94
C THR A 246 7.29 -50.47 -25.97
N ASP A 247 6.84 -51.22 -24.96
CA ASP A 247 7.76 -51.73 -23.94
C ASP A 247 8.78 -52.69 -24.56
N GLN A 248 8.32 -53.58 -25.44
CA GLN A 248 9.15 -54.68 -25.92
C GLN A 248 9.86 -54.38 -27.24
N TYR A 249 9.72 -53.17 -27.79
CA TYR A 249 10.36 -52.82 -29.05
C TYR A 249 11.31 -51.65 -28.94
N LEU A 250 10.91 -50.58 -28.26
CA LEU A 250 11.68 -49.33 -28.22
C LEU A 250 12.68 -49.30 -27.07
N GLN A 251 13.09 -50.47 -26.56
CA GLN A 251 14.06 -50.49 -25.47
C GLN A 251 15.40 -49.88 -25.90
N ARG A 252 15.86 -50.22 -27.11
CA ARG A 252 17.17 -49.79 -27.56
C ARG A 252 17.10 -48.39 -28.17
N GLU A 253 18.25 -47.72 -28.18
CA GLU A 253 18.35 -46.40 -28.78
C GLU A 253 18.05 -46.45 -30.28
N ASP A 254 18.52 -47.50 -30.95
CA ASP A 254 18.37 -47.57 -32.40
C ASP A 254 16.91 -47.64 -32.80
N THR A 255 16.10 -48.42 -32.07
CA THR A 255 14.69 -48.55 -32.43
C THR A 255 13.93 -47.26 -32.21
N LEU A 256 14.33 -46.45 -31.23
CA LEU A 256 13.68 -45.16 -31.01
C LEU A 256 13.89 -44.23 -32.20
N ALA A 257 15.09 -44.28 -32.80
CA ALA A 257 15.39 -43.40 -33.92
C ALA A 257 14.47 -43.67 -35.11
N THR A 258 14.26 -44.94 -35.44
CA THR A 258 13.38 -45.32 -36.53
C THR A 258 11.91 -45.36 -36.13
N PHE A 259 11.60 -45.13 -34.85
CA PHE A 259 10.21 -45.10 -34.42
C PHE A 259 9.45 -44.00 -35.14
N ASP A 260 8.28 -44.36 -35.70
CA ASP A 260 7.40 -43.41 -36.37
C ASP A 260 5.99 -43.68 -35.87
N GLY A 261 5.64 -43.01 -34.77
CA GLY A 261 4.34 -43.18 -34.13
C GLY A 261 3.50 -41.92 -34.29
N PHE A 262 2.26 -42.11 -34.73
CA PHE A 262 1.31 -41.02 -34.93
C PHE A 262 0.29 -41.04 -33.80
N ILE A 263 0.13 -39.89 -33.13
CA ILE A 263 -0.76 -39.75 -31.99
C ILE A 263 -1.82 -38.72 -32.33
N GLU A 264 -3.09 -39.07 -32.11
CA GLU A 264 -4.20 -38.13 -32.24
C GLU A 264 -4.82 -38.00 -30.85
N CYS A 265 -4.27 -37.09 -30.06
CA CYS A 265 -4.68 -36.90 -28.68
C CYS A 265 -5.53 -35.64 -28.56
N GLU A 266 -6.04 -35.41 -27.35
CA GLU A 266 -6.87 -34.25 -27.09
C GLU A 266 -6.06 -32.97 -27.18
N GLU A 267 -6.75 -31.87 -27.48
CA GLU A 267 -6.08 -30.59 -27.54
C GLU A 267 -5.53 -30.20 -26.16
N PRO A 268 -4.50 -29.36 -26.12
CA PRO A 268 -3.93 -28.99 -24.81
C PRO A 268 -4.97 -28.33 -23.91
N ASN A 269 -4.89 -28.63 -22.63
CA ASN A 269 -5.81 -28.10 -21.64
C ASN A 269 -5.12 -28.12 -20.28
N ASN A 270 -5.80 -27.55 -19.29
CA ASN A 270 -5.23 -27.40 -17.96
C ASN A 270 -5.51 -28.60 -17.05
N ARG A 271 -6.18 -29.63 -17.55
CA ARG A 271 -6.46 -30.81 -16.73
C ARG A 271 -5.24 -31.70 -16.63
N LEU A 272 -4.98 -32.20 -15.42
CA LEU A 272 -3.78 -32.95 -15.13
C LEU A 272 -4.01 -34.45 -15.02
N ASP A 273 -5.15 -34.87 -14.47
CA ASP A 273 -5.40 -36.28 -14.18
C ASP A 273 -6.14 -37.00 -15.30
N LYS A 274 -6.37 -36.35 -16.44
CA LYS A 274 -7.11 -36.95 -17.54
C LYS A 274 -6.37 -36.72 -18.84
N PHE A 275 -6.26 -37.77 -19.65
CA PHE A 275 -5.66 -37.67 -20.98
C PHE A 275 -6.38 -38.63 -21.90
N THR A 276 -6.97 -38.10 -22.97
CA THR A 276 -7.69 -38.89 -23.96
C THR A 276 -6.92 -38.82 -25.27
N GLY A 277 -6.56 -39.99 -25.80
CA GLY A 277 -5.82 -40.03 -27.04
C GLY A 277 -5.54 -41.47 -27.43
N THR A 278 -4.85 -41.61 -28.57
CA THR A 278 -4.48 -42.91 -29.10
C THR A 278 -3.12 -42.82 -29.76
N LEU A 279 -2.46 -43.98 -29.86
CA LEU A 279 -1.17 -44.11 -30.54
C LEU A 279 -1.37 -45.02 -31.75
N PHE A 280 -1.24 -44.45 -32.95
CA PHE A 280 -1.35 -45.20 -34.19
C PHE A 280 0.06 -45.62 -34.61
N TRP A 281 0.28 -46.93 -34.67
CA TRP A 281 1.61 -47.47 -34.92
C TRP A 281 1.49 -48.96 -35.24
N ARG A 282 2.27 -49.40 -36.22
CA ARG A 282 2.27 -50.79 -36.64
C ARG A 282 0.89 -51.24 -37.09
N ASN A 283 0.17 -50.35 -37.77
CA ASN A 283 -1.16 -50.64 -38.29
C ASN A 283 -2.12 -51.05 -37.17
N THR A 284 -1.99 -50.41 -36.01
CA THR A 284 -2.86 -50.68 -34.88
C THR A 284 -2.91 -49.43 -34.00
N SER A 285 -4.07 -49.23 -33.37
CA SER A 285 -4.30 -48.08 -32.49
C SER A 285 -4.32 -48.56 -31.05
N PHE A 286 -3.52 -47.89 -30.20
CA PHE A 286 -3.42 -48.22 -28.78
C PHE A 286 -3.91 -47.04 -27.96
N PRO A 287 -4.99 -47.17 -27.18
CA PRO A 287 -5.47 -46.01 -26.41
C PRO A 287 -4.47 -45.61 -25.34
N LEU A 288 -4.46 -44.32 -25.02
CA LEU A 288 -3.54 -43.74 -24.06
C LEU A 288 -4.30 -43.25 -22.83
N ASP A 289 -3.54 -43.00 -21.77
CA ASP A 289 -4.12 -42.57 -20.50
C ASP A 289 -3.08 -41.74 -19.75
N ALA A 290 -3.54 -41.07 -18.69
CA ALA A 290 -2.67 -40.19 -17.92
C ALA A 290 -1.49 -40.93 -17.31
N ASP A 291 -1.61 -42.24 -17.11
CA ASP A 291 -0.50 -43.01 -16.55
C ASP A 291 0.69 -43.04 -17.49
N LYS A 292 0.44 -43.11 -18.81
CA LYS A 292 1.52 -43.20 -19.78
C LYS A 292 2.16 -41.85 -20.09
N ILE A 293 1.54 -40.75 -19.68
CA ILE A 293 1.98 -39.41 -20.04
C ILE A 293 2.67 -38.78 -18.84
N LEU A 294 3.97 -38.54 -18.95
CA LEU A 294 4.68 -37.72 -17.98
C LEU A 294 4.43 -36.25 -18.27
N LEU A 295 4.41 -35.45 -17.22
CA LEU A 295 4.18 -34.02 -17.34
C LEU A 295 5.47 -33.24 -17.12
N ARG A 296 5.44 -31.96 -17.48
CA ARG A 296 6.65 -31.16 -17.53
C ARG A 296 7.21 -30.90 -16.13
N GLY A 297 6.36 -30.49 -15.20
CA GLY A 297 6.82 -30.16 -13.87
C GLY A 297 6.99 -31.37 -12.97
N CYS A 298 7.81 -32.32 -13.41
CA CYS A 298 8.02 -33.57 -12.68
C CYS A 298 9.47 -33.99 -12.81
N VAL A 299 9.93 -34.79 -11.85
CA VAL A 299 11.30 -35.27 -11.80
C VAL A 299 11.28 -36.80 -11.75
N ILE A 300 12.06 -37.42 -12.62
CA ILE A 300 12.15 -38.88 -12.66
C ILE A 300 12.98 -39.36 -11.47
N ARG A 301 12.55 -40.47 -10.87
CA ARG A 301 13.24 -41.01 -9.70
C ARG A 301 13.11 -42.52 -9.67
N ASN A 302 14.07 -43.17 -9.02
CA ASN A 302 14.12 -44.63 -8.90
C ASN A 302 13.99 -45.30 -10.26
N THR A 303 14.77 -44.81 -11.22
CA THR A 303 14.92 -45.48 -12.51
C THR A 303 16.09 -44.84 -13.25
N ASP A 304 17.00 -45.66 -13.77
CA ASP A 304 18.24 -45.13 -14.31
C ASP A 304 17.99 -44.21 -15.50
N PHE A 305 17.08 -44.58 -16.39
CA PHE A 305 16.74 -43.72 -17.52
C PHE A 305 15.39 -44.12 -18.08
N CYS A 306 14.81 -43.21 -18.85
CA CYS A 306 13.54 -43.47 -19.52
C CYS A 306 13.52 -42.68 -20.83
N HIS A 307 12.66 -43.13 -21.75
CA HIS A 307 12.52 -42.52 -23.07
C HIS A 307 11.08 -42.08 -23.29
N GLY A 308 10.92 -41.03 -24.07
CA GLY A 308 9.60 -40.56 -24.43
C GLY A 308 9.68 -39.55 -25.55
N LEU A 309 8.51 -39.25 -26.13
CA LEU A 309 8.39 -38.23 -27.17
C LEU A 309 7.41 -37.16 -26.73
N VAL A 310 7.74 -35.91 -27.02
CA VAL A 310 6.94 -34.79 -26.57
C VAL A 310 5.61 -34.77 -27.30
N ILE A 311 4.54 -34.51 -26.56
CA ILE A 311 3.21 -34.29 -27.12
C ILE A 311 2.85 -32.81 -27.09
N PHE A 312 2.82 -32.21 -25.90
CA PHE A 312 2.64 -30.78 -25.73
C PHE A 312 3.99 -30.16 -25.35
N ALA A 313 4.19 -28.90 -25.70
CA ALA A 313 5.48 -28.27 -25.51
C ALA A 313 5.35 -26.77 -25.32
N GLY A 314 6.15 -26.23 -24.40
CA GLY A 314 6.35 -24.80 -24.27
C GLY A 314 5.29 -24.07 -23.48
N ALA A 315 4.16 -23.79 -24.13
CA ALA A 315 3.01 -23.19 -23.48
C ALA A 315 1.79 -24.09 -23.50
N ASP A 316 1.79 -25.15 -24.32
CA ASP A 316 0.76 -26.17 -24.27
C ASP A 316 1.00 -27.18 -23.16
N THR A 317 2.16 -27.15 -22.52
CA THR A 317 2.42 -28.06 -21.41
C THR A 317 1.43 -27.81 -20.28
N LYS A 318 0.95 -28.89 -19.68
CA LYS A 318 -0.10 -28.78 -18.68
C LYS A 318 0.33 -27.97 -17.47
N ILE A 319 1.63 -27.93 -17.16
CA ILE A 319 2.10 -27.07 -16.07
C ILE A 319 1.98 -25.61 -16.45
N MET A 320 2.32 -25.27 -17.70
CA MET A 320 2.29 -23.87 -18.13
C MET A 320 0.86 -23.39 -18.40
N LYS A 321 -0.03 -24.29 -18.80
CA LYS A 321 -1.44 -23.93 -18.89
C LYS A 321 -2.08 -23.79 -17.52
N ASN A 322 -1.46 -24.36 -16.49
CA ASN A 322 -1.89 -24.16 -15.10
C ASN A 322 -1.09 -23.03 -14.47
N SER A 323 -1.18 -21.85 -15.10
CA SER A 323 -0.47 -20.67 -14.63
C SER A 323 -1.27 -19.44 -15.02
N GLY A 324 -1.02 -18.34 -14.31
CA GLY A 324 -1.73 -17.10 -14.53
C GLY A 324 -0.77 -15.95 -14.78
N LYS A 325 -1.35 -14.85 -15.25
CA LYS A 325 -0.56 -13.66 -15.56
C LYS A 325 -0.06 -13.00 -14.29
N THR A 326 1.04 -12.25 -14.42
CA THR A 326 1.62 -11.50 -13.30
C THR A 326 1.01 -10.10 -13.30
N ARG A 327 -0.22 -10.03 -12.80
CA ARG A 327 -0.94 -8.76 -12.76
C ARG A 327 -0.27 -7.80 -11.79
N PHE A 328 -0.37 -6.51 -12.12
CA PHE A 328 0.12 -5.46 -11.23
C PHE A 328 -0.89 -5.24 -10.12
N LYS A 329 -0.50 -5.57 -8.89
CA LYS A 329 -1.42 -5.57 -7.76
C LYS A 329 -1.44 -4.21 -7.09
N ARG A 330 -2.65 -3.68 -6.90
CA ARG A 330 -2.86 -2.38 -6.27
C ARG A 330 -3.75 -2.54 -5.04
N THR A 331 -3.50 -1.69 -4.05
CA THR A 331 -4.23 -1.75 -2.80
C THR A 331 -5.66 -1.22 -2.98
N LYS A 332 -6.53 -1.60 -2.05
CA LYS A 332 -7.88 -1.05 -2.03
C LYS A 332 -7.86 0.45 -1.78
N ILE A 333 -6.96 0.90 -0.89
CA ILE A 333 -6.83 2.34 -0.65
C ILE A 333 -6.43 3.06 -1.92
N ASP A 334 -5.48 2.48 -2.68
CA ASP A 334 -5.11 3.07 -3.96
C ASP A 334 -6.31 3.18 -4.88
N TYR A 335 -7.19 2.18 -4.86
CA TYR A 335 -8.41 2.27 -5.64
C TYR A 335 -9.38 3.29 -5.07
N LEU A 336 -9.41 3.44 -3.74
CA LEU A 336 -10.27 4.46 -3.14
C LEU A 336 -9.83 5.86 -3.54
N MET A 337 -8.52 6.12 -3.56
CA MET A 337 -8.03 7.44 -3.92
C MET A 337 -8.37 7.78 -5.37
N ASN A 338 -8.51 6.78 -6.23
CA ASN A 338 -8.89 7.03 -7.61
C ASN A 338 -10.26 7.73 -7.66
N TYR A 339 -11.25 7.17 -6.97
CA TYR A 339 -12.58 7.75 -6.97
C TYR A 339 -12.68 8.99 -6.09
N MET A 340 -11.80 9.14 -5.11
CA MET A 340 -11.77 10.31 -4.24
C MET A 340 -10.74 11.33 -4.68
N VAL A 341 -10.08 11.10 -5.81
CA VAL A 341 -9.32 12.13 -6.51
C VAL A 341 -10.07 12.63 -7.74
N TYR A 342 -10.95 11.82 -8.34
CA TYR A 342 -11.86 12.34 -9.35
C TYR A 342 -12.72 13.45 -8.76
N THR A 343 -13.12 13.31 -7.49
CA THR A 343 -13.95 14.33 -6.86
C THR A 343 -13.21 15.66 -6.78
N ILE A 344 -11.93 15.63 -6.44
CA ILE A 344 -11.18 16.89 -6.30
C ILE A 344 -11.02 17.54 -7.67
N PHE A 345 -10.81 16.74 -8.72
CA PHE A 345 -10.73 17.31 -10.06
C PHE A 345 -12.03 18.02 -10.43
N VAL A 346 -13.17 17.40 -10.12
CA VAL A 346 -14.45 18.04 -10.43
C VAL A 346 -14.60 19.34 -9.65
N VAL A 347 -14.23 19.33 -8.37
CA VAL A 347 -14.28 20.56 -7.58
C VAL A 347 -13.29 21.58 -8.12
N LEU A 348 -12.07 21.14 -8.45
CA LEU A 348 -11.07 22.06 -8.96
C LEU A 348 -11.52 22.72 -10.25
N ILE A 349 -12.10 21.93 -11.16
CA ILE A 349 -12.63 22.50 -12.40
C ILE A 349 -13.78 23.45 -12.10
N LEU A 350 -14.67 23.06 -11.19
CA LEU A 350 -15.81 23.91 -10.86
C LEU A 350 -15.37 25.19 -10.18
N LEU A 351 -14.40 25.10 -9.25
CA LEU A 351 -13.90 26.30 -8.60
C LEU A 351 -13.24 27.23 -9.60
N SER A 352 -12.30 26.72 -10.39
CA SER A 352 -11.62 27.57 -11.37
C SER A 352 -12.59 28.10 -12.41
N ALA A 353 -13.50 27.26 -12.89
CA ALA A 353 -14.53 27.73 -13.82
C ALA A 353 -15.47 28.72 -13.13
N GLY A 354 -15.77 28.49 -11.86
CA GLY A 354 -16.62 29.42 -11.13
C GLY A 354 -15.95 30.77 -10.92
N LEU A 355 -14.67 30.76 -10.57
CA LEU A 355 -13.94 32.01 -10.42
C LEU A 355 -13.67 32.68 -11.75
N ALA A 356 -13.42 31.89 -12.80
CA ALA A 356 -13.20 32.47 -14.12
C ALA A 356 -14.41 33.25 -14.60
N ILE A 357 -15.61 32.71 -14.36
CA ILE A 357 -16.83 33.43 -14.71
C ILE A 357 -16.94 34.70 -13.87
N GLY A 358 -16.50 34.65 -12.62
CA GLY A 358 -16.54 35.83 -11.77
C GLY A 358 -15.59 36.91 -12.26
N HIS A 359 -14.42 36.52 -12.77
CA HIS A 359 -13.48 37.50 -13.30
C HIS A 359 -13.97 38.10 -14.61
N ALA A 360 -14.67 37.32 -15.43
CA ALA A 360 -15.22 37.86 -16.66
C ALA A 360 -16.19 38.99 -16.37
N TYR A 361 -16.99 38.84 -15.30
CA TYR A 361 -17.89 39.90 -14.90
C TYR A 361 -17.14 41.04 -14.23
N TRP A 362 -16.12 40.72 -13.43
CA TRP A 362 -15.34 41.77 -12.77
C TRP A 362 -14.60 42.62 -13.78
N GLU A 363 -13.97 42.00 -14.78
CA GLU A 363 -13.27 42.76 -15.80
C GLU A 363 -14.23 43.54 -16.67
N ALA A 364 -15.46 43.06 -16.83
CA ALA A 364 -16.45 43.77 -17.63
C ALA A 364 -16.82 45.10 -16.98
N GLN A 365 -16.92 45.12 -15.65
CA GLN A 365 -17.41 46.30 -14.92
C GLN A 365 -16.27 47.12 -14.31
N VAL A 366 -15.44 46.50 -13.48
CA VAL A 366 -14.47 47.22 -12.67
C VAL A 366 -13.10 47.23 -13.35
N GLY A 367 -12.80 46.17 -14.09
CA GLY A 367 -11.48 46.06 -14.70
C GLY A 367 -11.28 46.95 -15.90
N ASN A 368 -12.35 47.22 -16.66
CA ASN A 368 -12.21 48.06 -17.84
C ASN A 368 -12.05 49.53 -17.46
N SER A 369 -12.84 50.00 -16.50
CA SER A 369 -12.79 51.40 -16.08
C SER A 369 -11.63 51.69 -15.12
N SER A 370 -11.01 50.66 -14.56
CA SER A 370 -9.87 50.84 -13.66
C SER A 370 -8.65 51.21 -14.49
N TRP A 371 -8.38 52.52 -14.61
CA TRP A 371 -7.28 52.96 -15.45
C TRP A 371 -5.94 52.42 -14.95
N TYR A 372 -5.79 52.26 -13.64
CA TYR A 372 -4.54 51.74 -13.10
C TYR A 372 -4.26 50.31 -13.52
N LEU A 373 -5.29 49.57 -13.96
CA LEU A 373 -5.13 48.19 -14.41
C LEU A 373 -4.90 48.08 -15.91
N TYR A 374 -4.96 49.18 -16.66
CA TYR A 374 -4.73 49.10 -18.09
C TYR A 374 -3.31 48.62 -18.37
N ASP A 375 -3.20 47.63 -19.27
CA ASP A 375 -1.90 47.06 -19.61
C ASP A 375 -1.75 46.84 -21.10
N GLY A 376 -2.51 47.55 -21.92
CA GLY A 376 -2.50 47.30 -23.34
C GLY A 376 -3.07 45.92 -23.63
N GLU A 377 -2.87 45.49 -24.88
CA GLU A 377 -3.30 44.17 -25.32
C GLU A 377 -4.76 43.92 -24.97
N ASP A 378 -5.62 44.73 -25.57
CA ASP A 378 -7.05 44.69 -25.24
C ASP A 378 -7.65 43.30 -25.45
N ASP A 379 -8.01 42.66 -24.34
CA ASP A 379 -8.68 41.37 -24.36
C ASP A 379 -10.10 41.56 -23.85
N THR A 380 -11.07 41.01 -24.59
CA THR A 380 -12.45 41.13 -24.17
C THR A 380 -12.62 40.44 -22.82
N PRO A 381 -13.57 40.89 -21.98
CA PRO A 381 -13.68 40.30 -20.65
C PRO A 381 -13.90 38.79 -20.67
N SER A 382 -14.56 38.26 -21.69
CA SER A 382 -14.72 36.82 -21.81
C SER A 382 -13.37 36.13 -21.96
N TYR A 383 -12.48 36.69 -22.78
CA TYR A 383 -11.17 36.09 -22.97
C TYR A 383 -10.34 36.17 -21.71
N ARG A 384 -10.39 37.28 -20.99
CA ARG A 384 -9.64 37.41 -19.75
C ARG A 384 -10.09 36.37 -18.73
N GLY A 385 -11.40 36.15 -18.63
CA GLY A 385 -11.89 35.08 -17.76
C GLY A 385 -11.43 33.71 -18.23
N PHE A 386 -11.36 33.51 -19.54
CA PHE A 386 -10.88 32.24 -20.07
C PHE A 386 -9.42 32.00 -19.70
N LEU A 387 -8.59 33.04 -19.77
CA LEU A 387 -7.17 32.87 -19.52
C LEU A 387 -6.91 32.42 -18.08
N ILE A 388 -7.60 33.01 -17.11
CA ILE A 388 -7.33 32.66 -15.72
C ILE A 388 -8.01 31.38 -15.28
N PHE A 389 -8.97 30.87 -16.06
CA PHE A 389 -9.51 29.55 -15.75
C PHE A 389 -8.39 28.53 -15.63
N TRP A 390 -7.39 28.64 -16.51
CA TRP A 390 -6.17 27.88 -16.35
C TRP A 390 -5.28 28.49 -15.27
N GLY A 391 -5.26 29.82 -15.18
CA GLY A 391 -4.46 30.47 -14.16
C GLY A 391 -4.88 30.07 -12.75
N TYR A 392 -6.15 29.71 -12.56
CA TYR A 392 -6.62 29.20 -11.28
C TYR A 392 -6.43 27.69 -11.16
N ILE A 393 -6.16 26.99 -12.25
CA ILE A 393 -5.81 25.57 -12.15
C ILE A 393 -4.43 25.42 -11.52
N ILE A 394 -3.46 26.22 -11.96
CA ILE A 394 -2.13 26.15 -11.38
C ILE A 394 -2.15 26.68 -9.94
N VAL A 395 -2.92 27.74 -9.68
CA VAL A 395 -2.95 28.32 -8.34
C VAL A 395 -3.53 27.32 -7.35
N LEU A 396 -4.62 26.64 -7.72
CA LEU A 396 -5.30 25.68 -6.87
C LEU A 396 -4.90 24.24 -7.16
N ASN A 397 -3.74 24.04 -7.80
CA ASN A 397 -3.32 22.69 -8.17
C ASN A 397 -2.98 21.84 -6.96
N THR A 398 -2.56 22.47 -5.86
CA THR A 398 -2.13 21.72 -4.68
C THR A 398 -3.28 21.00 -3.98
N MET A 399 -4.52 21.16 -4.44
CA MET A 399 -5.61 20.38 -3.87
C MET A 399 -5.35 18.89 -4.02
N VAL A 400 -4.84 18.47 -5.17
CA VAL A 400 -4.32 17.11 -5.37
C VAL A 400 -2.81 17.22 -5.46
N PRO A 401 -2.10 17.32 -4.34
CA PRO A 401 -0.65 17.58 -4.41
C PRO A 401 0.11 16.41 -5.00
N ILE A 402 1.18 16.74 -5.73
CA ILE A 402 2.09 15.71 -6.19
C ILE A 402 2.97 15.19 -5.06
N SER A 403 3.10 15.96 -3.97
CA SER A 403 3.88 15.53 -2.84
C SER A 403 3.27 14.34 -2.12
N LEU A 404 1.95 14.16 -2.21
CA LEU A 404 1.31 13.00 -1.60
C LEU A 404 1.84 11.70 -2.20
N TYR A 405 1.95 11.66 -3.54
CA TYR A 405 2.43 10.48 -4.22
C TYR A 405 3.94 10.36 -4.22
N VAL A 406 4.65 11.38 -3.74
CA VAL A 406 6.08 11.26 -3.51
C VAL A 406 6.37 10.81 -2.09
N SER A 407 5.56 11.25 -1.13
CA SER A 407 5.75 10.85 0.26
C SER A 407 5.27 9.43 0.50
N VAL A 408 4.21 8.99 -0.19
CA VAL A 408 3.74 7.62 -0.05
C VAL A 408 4.83 6.62 -0.42
N GLU A 409 5.70 6.99 -1.35
CA GLU A 409 6.81 6.11 -1.69
C GLU A 409 7.73 5.92 -0.49
N VAL A 410 7.96 6.98 0.27
CA VAL A 410 8.77 6.87 1.48
C VAL A 410 8.02 6.08 2.55
N ILE A 411 6.72 6.34 2.71
CA ILE A 411 5.94 5.64 3.72
C ILE A 411 5.90 4.14 3.41
N ARG A 412 5.64 3.80 2.16
CA ARG A 412 5.59 2.38 1.79
C ARG A 412 6.94 1.71 1.95
N LEU A 413 8.02 2.38 1.50
CA LEU A 413 9.34 1.79 1.60
C LEU A 413 9.77 1.62 3.06
N GLY A 414 9.51 2.62 3.89
CA GLY A 414 9.87 2.50 5.30
C GLY A 414 9.06 1.44 6.02
N GLN A 415 7.76 1.38 5.72
CA GLN A 415 6.91 0.37 6.36
C GLN A 415 7.32 -1.03 5.94
N SER A 416 7.68 -1.22 4.68
CA SER A 416 8.12 -2.54 4.22
C SER A 416 9.39 -2.98 4.92
N HIS A 417 10.34 -2.05 5.11
CA HIS A 417 11.61 -2.40 5.74
C HIS A 417 11.45 -2.77 7.21
N PHE A 418 10.30 -2.47 7.83
CA PHE A 418 10.08 -2.94 9.19
C PHE A 418 9.76 -4.43 9.22
N ILE A 419 9.20 -4.97 8.14
CA ILE A 419 8.98 -6.41 8.06
C ILE A 419 10.31 -7.15 7.93
N ASN A 420 11.22 -6.61 7.12
CA ASN A 420 12.51 -7.26 6.95
C ASN A 420 13.32 -7.25 8.25
N TRP A 421 13.25 -6.14 8.99
CA TRP A 421 14.03 -5.99 10.21
C TRP A 421 13.41 -6.68 11.42
N ASP A 422 12.19 -7.21 11.30
CA ASP A 422 11.50 -7.79 12.45
C ASP A 422 12.24 -9.01 12.95
N LEU A 423 12.70 -8.96 14.20
CA LEU A 423 13.38 -10.10 14.80
C LEU A 423 12.41 -11.17 15.29
N GLN A 424 11.13 -10.83 15.48
CA GLN A 424 10.12 -11.80 15.86
C GLN A 424 9.58 -12.56 14.66
N MET A 425 9.99 -12.21 13.44
CA MET A 425 9.70 -12.96 12.23
C MET A 425 10.97 -13.52 11.60
N TYR A 426 12.03 -13.66 12.39
CA TYR A 426 13.30 -14.17 11.93
C TYR A 426 13.45 -15.61 12.41
N TYR A 427 13.70 -16.52 11.47
CA TYR A 427 13.75 -17.95 11.76
C TYR A 427 15.19 -18.32 12.09
N ALA A 428 15.43 -18.72 13.35
CA ALA A 428 16.79 -18.78 13.86
C ALA A 428 17.63 -19.85 13.17
N GLU A 429 17.12 -21.09 13.10
CA GLU A 429 17.97 -22.19 12.67
C GLU A 429 18.22 -22.17 11.16
N LYS A 430 17.23 -21.77 10.37
CA LYS A 430 17.48 -21.58 8.95
C LYS A 430 18.13 -20.25 8.63
N ASP A 431 18.14 -19.31 9.58
CA ASP A 431 18.77 -18.00 9.38
C ASP A 431 18.15 -17.30 8.17
N THR A 432 16.83 -17.19 8.16
CA THR A 432 16.07 -16.65 7.04
C THR A 432 15.04 -15.63 7.53
N PRO A 433 15.45 -14.37 7.73
CA PRO A 433 14.48 -13.34 8.09
C PRO A 433 13.43 -13.14 7.01
N ALA A 434 12.35 -12.49 7.39
CA ALA A 434 11.27 -12.21 6.46
C ALA A 434 11.75 -11.26 5.37
N LYS A 435 10.90 -11.06 4.36
CA LYS A 435 11.27 -10.22 3.22
C LYS A 435 9.99 -9.70 2.59
N ALA A 436 9.83 -8.38 2.57
CA ALA A 436 8.71 -7.73 1.88
C ALA A 436 9.15 -7.49 0.43
N ARG A 437 8.79 -8.42 -0.44
CA ARG A 437 9.25 -8.36 -1.83
C ARG A 437 8.49 -7.37 -2.67
N THR A 438 7.35 -6.86 -2.18
CA THR A 438 6.57 -5.83 -2.86
C THR A 438 6.16 -4.80 -1.83
N THR A 439 6.74 -3.60 -1.92
CA THR A 439 6.50 -2.56 -0.94
C THR A 439 5.21 -1.79 -1.18
N THR A 440 4.57 -1.95 -2.33
CA THR A 440 3.38 -1.18 -2.65
C THR A 440 2.14 -1.62 -1.88
N LEU A 441 2.14 -2.84 -1.34
CA LEU A 441 0.94 -3.44 -0.76
C LEU A 441 0.99 -3.51 0.76
N ASN A 442 1.80 -2.67 1.39
CA ASN A 442 1.99 -2.78 2.85
C ASN A 442 0.69 -2.57 3.60
N GLU A 443 -0.10 -1.58 3.22
CA GLU A 443 -1.30 -1.25 3.98
C GLU A 443 -2.45 -2.21 3.72
N GLN A 444 -2.38 -3.05 2.69
CA GLN A 444 -3.43 -4.01 2.44
C GLN A 444 -3.40 -5.20 3.39
N LEU A 445 -2.31 -5.40 4.11
CA LEU A 445 -2.25 -6.48 5.09
C LEU A 445 -3.23 -6.27 6.23
N GLY A 446 -3.72 -5.03 6.42
CA GLY A 446 -4.77 -4.73 7.37
C GLY A 446 -6.16 -4.84 6.80
N GLN A 447 -6.30 -5.37 5.57
CA GLN A 447 -7.58 -5.45 4.89
C GLN A 447 -8.03 -6.88 4.63
N ILE A 448 -7.28 -7.88 5.08
CA ILE A 448 -7.48 -9.24 4.62
C ILE A 448 -8.80 -9.80 5.15
N HIS A 449 -9.60 -10.37 4.26
CA HIS A 449 -10.84 -11.03 4.62
C HIS A 449 -10.75 -12.54 4.59
N TYR A 450 -9.93 -13.09 3.70
CA TYR A 450 -9.78 -14.54 3.53
C TYR A 450 -8.30 -14.89 3.46
N ILE A 451 -7.98 -16.12 3.85
CA ILE A 451 -6.65 -16.67 3.68
C ILE A 451 -6.79 -18.03 3.00
N PHE A 452 -6.10 -18.20 1.88
CA PHE A 452 -6.07 -19.46 1.13
C PHE A 452 -4.67 -20.04 1.27
N SER A 453 -4.56 -21.14 2.01
CA SER A 453 -3.26 -21.68 2.40
C SER A 453 -3.08 -23.08 1.85
N ASP A 454 -1.90 -23.36 1.31
CA ASP A 454 -1.51 -24.72 1.03
C ASP A 454 -1.44 -25.50 2.33
N LYS A 455 -1.58 -26.83 2.23
CA LYS A 455 -1.56 -27.67 3.42
C LYS A 455 -0.14 -28.11 3.77
N THR A 456 0.50 -28.84 2.87
CA THR A 456 1.81 -29.44 3.14
C THR A 456 2.92 -28.45 2.84
N GLY A 457 3.85 -28.30 3.77
CA GLY A 457 4.90 -27.33 3.69
C GLY A 457 4.54 -25.99 4.31
N THR A 458 3.28 -25.59 4.24
CA THR A 458 2.80 -24.36 4.85
C THR A 458 2.28 -24.61 6.26
N LEU A 459 1.26 -25.47 6.39
CA LEU A 459 0.77 -25.84 7.71
C LEU A 459 1.62 -26.93 8.34
N THR A 460 2.14 -27.85 7.53
CA THR A 460 2.94 -28.97 8.01
C THR A 460 4.39 -28.78 7.59
N GLN A 461 5.26 -29.58 8.21
CA GLN A 461 6.70 -29.52 7.97
C GLN A 461 7.16 -30.46 6.87
N ASN A 462 6.23 -31.11 6.16
CA ASN A 462 6.56 -32.16 5.19
C ASN A 462 7.32 -33.32 5.85
N ILE A 463 7.21 -33.47 7.16
CA ILE A 463 7.84 -34.54 7.90
C ILE A 463 6.73 -35.37 8.52
N MET A 464 6.66 -36.64 8.14
CA MET A 464 5.62 -37.56 8.59
C MET A 464 6.30 -38.64 9.41
N THR A 465 6.42 -38.40 10.71
CA THR A 465 7.18 -39.27 11.59
C THR A 465 6.29 -40.36 12.20
N PHE A 466 6.95 -41.35 12.80
CA PHE A 466 6.29 -42.44 13.50
C PHE A 466 6.41 -42.19 14.99
N LYS A 467 5.28 -42.06 15.68
CA LYS A 467 5.23 -41.52 17.02
C LYS A 467 4.96 -42.56 18.10
N LYS A 468 4.00 -43.45 17.86
CA LYS A 468 3.63 -44.46 18.86
C LYS A 468 3.14 -45.72 18.16
N CYS A 469 3.19 -46.83 18.90
CA CYS A 469 2.78 -48.13 18.39
C CYS A 469 2.23 -48.96 19.55
N CYS A 470 1.05 -49.53 19.35
CA CYS A 470 0.44 -50.39 20.36
C CYS A 470 0.73 -51.85 20.02
N ILE A 471 2.02 -52.19 20.04
CA ILE A 471 2.45 -53.53 19.70
C ILE A 471 1.90 -54.51 20.72
N ASN A 472 1.39 -55.65 20.24
CA ASN A 472 0.74 -56.66 21.08
C ASN A 472 -0.43 -55.98 21.77
N GLY A 473 -0.46 -55.86 23.09
CA GLY A 473 -1.55 -55.22 23.79
C GLY A 473 -1.13 -53.91 24.46
N GLN A 474 0.11 -53.85 24.91
CA GLN A 474 0.60 -52.68 25.63
C GLN A 474 0.97 -51.57 24.65
N ILE A 475 0.68 -50.33 25.05
CA ILE A 475 1.04 -49.16 24.26
C ILE A 475 2.46 -48.75 24.62
N TYR A 476 3.21 -48.29 23.61
CA TYR A 476 4.61 -47.91 23.77
C TYR A 476 4.81 -46.49 23.27
N GLY A 477 6.02 -45.98 23.46
CA GLY A 477 6.34 -44.62 23.08
C GLY A 477 5.67 -43.57 23.94
N ASP A 478 5.69 -43.76 25.26
CA ASP A 478 5.04 -42.86 26.21
C ASP A 478 6.06 -42.23 27.16
N HIS A 479 7.29 -42.03 26.68
CA HIS A 479 8.33 -41.32 27.42
C HIS A 479 8.71 -42.03 28.72
N ARG A 480 8.39 -43.31 28.86
CA ARG A 480 8.70 -44.04 30.08
C ARG A 480 10.17 -44.46 30.04
N ASP A 481 10.58 -45.29 31.00
CA ASP A 481 11.96 -45.76 31.08
C ASP A 481 12.05 -46.96 32.02
N VAL A 493 16.76 -41.80 23.28
CA VAL A 493 17.32 -43.03 22.76
C VAL A 493 18.56 -42.72 21.93
N ASP A 494 19.56 -43.60 22.01
CA ASP A 494 20.81 -43.43 21.28
C ASP A 494 20.77 -44.06 19.89
N PHE A 495 20.12 -45.22 19.77
CA PHE A 495 20.03 -45.96 18.51
C PHE A 495 21.39 -46.34 17.96
N SER A 496 22.42 -46.38 18.82
CA SER A 496 23.75 -46.76 18.38
C SER A 496 23.91 -48.27 18.23
N TRP A 497 23.07 -49.06 18.90
CA TRP A 497 23.21 -50.51 18.86
C TRP A 497 23.03 -51.08 17.46
N ASN A 498 22.32 -50.37 16.58
CA ASN A 498 22.16 -50.75 15.18
C ASN A 498 22.86 -49.72 14.31
N THR A 499 23.72 -50.20 13.42
CA THR A 499 24.49 -49.31 12.55
C THR A 499 23.65 -48.67 11.46
N TYR A 500 22.41 -49.12 11.27
CA TYR A 500 21.54 -48.60 10.22
C TYR A 500 20.65 -47.46 10.70
N ALA A 501 20.81 -47.00 11.95
CA ALA A 501 19.98 -45.94 12.48
C ALA A 501 20.30 -44.63 11.76
N ASP A 502 19.36 -44.18 10.92
CA ASP A 502 19.56 -42.93 10.21
C ASP A 502 19.60 -41.75 11.17
N GLY A 503 18.76 -41.77 12.21
CA GLY A 503 18.67 -40.69 13.16
C GLY A 503 17.48 -39.76 12.96
N LYS A 504 16.67 -39.99 11.93
CA LYS A 504 15.48 -39.16 11.72
C LYS A 504 14.52 -39.29 12.90
N LEU A 505 14.31 -40.51 13.38
CA LEU A 505 13.38 -40.73 14.47
C LEU A 505 13.90 -40.11 15.76
N ALA A 506 12.98 -39.50 16.52
CA ALA A 506 13.28 -38.89 17.80
C ALA A 506 12.59 -39.64 18.93
N PHE A 507 12.64 -40.97 18.88
CA PHE A 507 11.87 -41.81 19.79
C PHE A 507 12.45 -41.71 21.20
N TYR A 508 11.60 -41.43 22.18
CA TYR A 508 12.05 -41.13 23.54
C TYR A 508 11.93 -42.30 24.51
N ASP A 509 10.91 -43.14 24.37
CA ASP A 509 10.73 -44.25 25.29
C ASP A 509 11.90 -45.22 25.18
N HIS A 510 12.28 -45.80 26.33
CA HIS A 510 13.38 -46.75 26.39
C HIS A 510 12.93 -48.18 26.65
N TYR A 511 11.68 -48.40 27.07
CA TYR A 511 11.20 -49.75 27.26
C TYR A 511 11.18 -50.53 25.95
N LEU A 512 10.81 -49.86 24.86
CA LEU A 512 10.83 -50.50 23.55
C LEU A 512 12.24 -50.93 23.18
N ILE A 513 13.23 -50.05 23.40
CA ILE A 513 14.61 -50.36 23.05
C ILE A 513 15.11 -51.54 23.86
N GLU A 514 14.83 -51.56 25.17
CA GLU A 514 15.26 -52.66 26.00
C GLU A 514 14.59 -53.96 25.57
N GLN A 515 13.30 -53.91 25.26
CA GLN A 515 12.57 -55.13 24.90
C GLN A 515 13.09 -55.72 23.60
N ILE A 516 13.40 -54.87 22.61
CA ILE A 516 13.85 -55.37 21.33
C ILE A 516 15.17 -56.13 21.48
N GLN A 517 16.15 -55.51 22.15
CA GLN A 517 17.43 -56.16 22.35
C GLN A 517 17.29 -57.40 23.23
N SER A 518 16.51 -57.29 24.32
CA SER A 518 16.29 -58.44 25.18
C SER A 518 15.54 -59.55 24.45
N GLY A 519 14.54 -59.19 23.66
CA GLY A 519 13.77 -60.17 22.92
C GLY A 519 12.96 -61.10 23.81
N LYS A 520 12.40 -60.58 24.90
CA LYS A 520 11.58 -61.38 25.79
C LYS A 520 10.15 -61.54 25.29
N GLU A 521 9.77 -60.86 24.22
CA GLU A 521 8.43 -60.94 23.65
C GLU A 521 8.57 -60.99 22.13
N PRO A 522 8.38 -62.16 21.51
CA PRO A 522 8.62 -62.25 20.05
C PRO A 522 7.68 -61.39 19.23
N GLU A 523 6.52 -60.99 19.78
CA GLU A 523 5.59 -60.16 19.01
C GLU A 523 6.20 -58.81 18.68
N VAL A 524 7.15 -58.34 19.49
CA VAL A 524 7.82 -57.07 19.19
C VAL A 524 8.61 -57.18 17.90
N ARG A 525 9.37 -58.27 17.75
CA ARG A 525 10.17 -58.45 16.55
C ARG A 525 9.29 -58.58 15.30
N GLN A 526 8.20 -59.33 15.42
CA GLN A 526 7.31 -59.51 14.27
C GLN A 526 6.66 -58.20 13.85
N PHE A 527 6.37 -57.32 14.80
CA PHE A 527 5.73 -56.05 14.48
C PHE A 527 6.60 -55.22 13.55
N PHE A 528 7.86 -55.01 13.93
CA PHE A 528 8.75 -54.19 13.12
C PHE A 528 9.19 -54.90 11.85
N PHE A 529 9.33 -56.24 11.92
CA PHE A 529 9.67 -56.99 10.72
C PHE A 529 8.56 -56.84 9.68
N LEU A 530 7.31 -56.80 10.12
CA LEU A 530 6.20 -56.54 9.21
C LEU A 530 6.34 -55.18 8.54
N LEU A 531 6.71 -54.16 9.32
CA LEU A 531 6.82 -52.81 8.76
C LEU A 531 7.86 -52.76 7.66
N ALA A 532 8.90 -53.58 7.73
CA ALA A 532 9.92 -53.67 6.70
C ALA A 532 9.60 -54.71 5.64
N VAL A 533 8.40 -55.29 5.66
CA VAL A 533 8.01 -56.33 4.73
C VAL A 533 6.82 -55.86 3.90
N CYS A 534 5.70 -55.58 4.56
CA CYS A 534 4.46 -55.20 3.89
C CYS A 534 4.53 -53.73 3.52
N HIS A 535 5.02 -53.45 2.32
CA HIS A 535 5.15 -52.08 1.84
C HIS A 535 5.55 -52.12 0.38
N THR A 536 5.60 -50.93 -0.23
CA THR A 536 6.11 -50.75 -1.59
C THR A 536 7.28 -49.78 -1.60
N VAL A 537 7.88 -49.52 -0.43
CA VAL A 537 9.00 -48.60 -0.35
C VAL A 537 10.14 -49.11 -1.22
N MET A 538 10.96 -48.19 -1.71
CA MET A 538 12.10 -48.50 -2.56
C MET A 538 13.38 -48.00 -1.92
N VAL A 539 14.45 -48.76 -2.10
CA VAL A 539 15.76 -48.43 -1.56
C VAL A 539 16.54 -47.64 -2.58
N ASP A 540 17.45 -46.79 -2.10
CA ASP A 540 18.33 -46.00 -2.94
C ASP A 540 19.77 -46.48 -2.89
N ARG A 541 20.34 -46.61 -1.69
CA ARG A 541 21.74 -47.01 -1.52
C ARG A 541 22.66 -46.11 -2.33
N THR A 542 22.35 -44.82 -2.33
CA THR A 542 23.12 -43.82 -3.08
C THR A 542 24.26 -43.32 -2.21
N ASP A 543 25.50 -43.58 -2.65
CA ASP A 543 26.70 -43.15 -1.92
C ASP A 543 26.75 -43.78 -0.52
N GLY A 544 26.23 -45.00 -0.39
CA GLY A 544 26.26 -45.70 0.87
C GLY A 544 25.16 -45.34 1.85
N GLN A 545 24.21 -44.49 1.45
CA GLN A 545 23.12 -44.07 2.31
C GLN A 545 21.86 -44.85 1.96
N LEU A 546 21.26 -45.48 2.96
CA LEU A 546 20.07 -46.32 2.76
C LEU A 546 18.82 -45.45 2.83
N ASN A 547 18.71 -44.55 1.85
CA ASN A 547 17.55 -43.67 1.77
C ASN A 547 16.36 -44.42 1.19
N TYR A 548 15.17 -43.99 1.57
CA TYR A 548 13.91 -44.63 1.18
C TYR A 548 13.04 -43.62 0.44
N GLN A 549 12.45 -44.07 -0.67
CA GLN A 549 11.50 -43.27 -1.43
C GLN A 549 10.28 -44.14 -1.70
N ALA A 550 9.09 -43.57 -1.50
CA ALA A 550 7.87 -44.37 -1.57
C ALA A 550 6.73 -43.51 -2.10
N ALA A 551 5.74 -44.18 -2.70
CA ALA A 551 4.56 -43.50 -3.19
C ALA A 551 3.59 -43.13 -2.08
N SER A 552 3.59 -43.90 -0.98
CA SER A 552 2.74 -43.60 0.17
C SER A 552 3.62 -43.02 1.28
N PRO A 553 3.46 -41.75 1.64
CA PRO A 553 4.32 -41.20 2.71
C PRO A 553 4.22 -41.95 4.02
N ASP A 554 3.05 -42.52 4.34
CA ASP A 554 2.92 -43.29 5.57
C ASP A 554 3.81 -44.53 5.54
N GLU A 555 3.86 -45.22 4.40
CA GLU A 555 4.70 -46.42 4.31
C GLU A 555 6.17 -46.07 4.48
N GLY A 556 6.61 -44.96 3.89
CA GLY A 556 8.00 -44.56 4.03
C GLY A 556 8.38 -44.29 5.48
N ALA A 557 7.46 -43.68 6.24
CA ALA A 557 7.71 -43.44 7.65
C ALA A 557 7.83 -44.74 8.43
N LEU A 558 6.98 -45.72 8.10
CA LEU A 558 7.02 -47.00 8.79
C LEU A 558 8.34 -47.72 8.54
N VAL A 559 8.75 -47.79 7.27
CA VAL A 559 10.02 -48.44 6.94
C VAL A 559 11.19 -47.69 7.56
N ASN A 560 11.15 -46.36 7.50
CA ASN A 560 12.17 -45.58 8.20
C ASN A 560 12.12 -45.82 9.70
N ALA A 561 10.91 -45.94 10.25
CA ALA A 561 10.77 -46.29 11.66
C ALA A 561 11.32 -47.68 11.95
N ALA A 562 11.02 -48.64 11.08
CA ALA A 562 11.52 -50.00 11.29
C ALA A 562 13.04 -50.05 11.19
N ARG A 563 13.62 -49.26 10.28
CA ARG A 563 15.07 -49.26 10.13
C ARG A 563 15.76 -48.82 11.40
N ASN A 564 15.23 -47.79 12.07
CA ASN A 564 15.86 -47.28 13.28
C ASN A 564 15.86 -48.32 14.39
N PHE A 565 14.86 -49.21 14.42
CA PHE A 565 14.74 -50.23 15.45
C PHE A 565 15.41 -51.54 15.05
N GLY A 566 16.41 -51.49 14.19
CA GLY A 566 17.18 -52.67 13.79
C GLY A 566 16.69 -53.34 12.52
N PHE A 567 15.37 -53.44 12.34
CA PHE A 567 14.80 -54.12 11.17
C PHE A 567 14.91 -53.19 9.98
N ALA A 568 16.04 -53.27 9.28
CA ALA A 568 16.32 -52.43 8.13
C ALA A 568 15.93 -53.14 6.85
N PHE A 569 15.33 -52.40 5.93
CA PHE A 569 14.94 -52.91 4.61
C PHE A 569 16.13 -52.71 3.67
N LEU A 570 16.95 -53.75 3.53
CA LEU A 570 18.21 -53.61 2.81
C LEU A 570 17.97 -53.36 1.32
N ALA A 571 17.16 -54.18 0.68
CA ALA A 571 16.96 -54.10 -0.76
C ALA A 571 15.87 -55.09 -1.15
N ARG A 572 15.56 -55.12 -2.44
CA ARG A 572 14.53 -56.01 -2.96
C ARG A 572 14.69 -56.12 -4.47
N THR A 573 14.66 -57.35 -4.98
CA THR A 573 14.53 -57.60 -6.40
C THR A 573 13.09 -58.05 -6.68
N GLN A 574 12.82 -58.46 -7.91
CA GLN A 574 11.45 -58.79 -8.30
C GLN A 574 10.91 -59.97 -7.50
N ASN A 575 11.72 -61.01 -7.31
CA ASN A 575 11.23 -62.27 -6.75
C ASN A 575 11.54 -62.46 -5.27
N THR A 576 12.48 -61.71 -4.71
CA THR A 576 12.87 -61.88 -3.31
C THR A 576 13.11 -60.53 -2.65
N ILE A 577 12.98 -60.52 -1.33
CA ILE A 577 13.13 -59.32 -0.51
C ILE A 577 14.15 -59.60 0.59
N THR A 578 15.06 -58.65 0.79
CA THR A 578 16.13 -58.78 1.77
C THR A 578 15.90 -57.80 2.91
N ILE A 579 16.07 -58.29 4.15
CA ILE A 579 15.84 -57.50 5.34
C ILE A 579 16.97 -57.79 6.33
N SER A 580 17.47 -56.75 7.00
CA SER A 580 18.50 -56.88 8.02
C SER A 580 17.84 -56.76 9.39
N GLU A 581 17.85 -57.86 10.15
CA GLU A 581 17.24 -57.92 11.47
C GLU A 581 18.34 -57.91 12.52
N LEU A 582 18.42 -56.82 13.28
CA LEU A 582 19.40 -56.68 14.35
C LEU A 582 20.83 -56.91 13.84
N GLY A 583 21.13 -56.36 12.67
CA GLY A 583 22.46 -56.48 12.10
C GLY A 583 22.76 -57.81 11.47
N THR A 584 21.77 -58.69 11.31
CA THR A 584 21.96 -60.01 10.72
C THR A 584 21.26 -60.05 9.37
N GLU A 585 22.00 -60.46 8.35
CA GLU A 585 21.42 -60.59 7.01
C GLU A 585 20.32 -61.65 7.02
N ARG A 586 19.27 -61.40 6.25
CA ARG A 586 18.14 -62.33 6.21
C ARG A 586 17.36 -62.03 4.94
N THR A 587 17.30 -63.00 4.03
CA THR A 587 16.66 -62.82 2.72
C THR A 587 15.44 -63.72 2.62
N TYR A 588 14.33 -63.14 2.18
CA TYR A 588 13.09 -63.86 1.95
C TYR A 588 12.76 -63.85 0.46
N ASN A 589 12.10 -64.91 0.01
CA ASN A 589 11.67 -65.05 -1.39
C ASN A 589 10.18 -64.77 -1.44
N VAL A 590 9.82 -63.50 -1.66
CA VAL A 590 8.43 -63.13 -1.81
C VAL A 590 7.82 -63.86 -3.00
N LEU A 591 6.56 -64.28 -2.84
CA LEU A 591 5.84 -64.99 -3.88
C LEU A 591 4.50 -64.37 -4.23
N ALA A 592 4.10 -63.27 -3.57
CA ALA A 592 2.87 -62.59 -3.89
C ALA A 592 2.83 -61.26 -3.15
N ILE A 593 2.29 -60.24 -3.82
CA ILE A 593 2.20 -58.89 -3.28
C ILE A 593 0.80 -58.40 -3.59
N LEU A 594 -0.09 -58.46 -2.60
CA LEU A 594 -1.46 -57.96 -2.80
C LEU A 594 -1.42 -56.45 -3.01
N ASP A 595 -2.17 -56.00 -4.02
CA ASP A 595 -2.14 -54.60 -4.39
C ASP A 595 -2.92 -53.75 -3.38
N PHE A 596 -2.60 -52.45 -3.37
CA PHE A 596 -3.25 -51.48 -2.51
C PHE A 596 -4.15 -50.59 -3.36
N ASN A 597 -5.40 -50.42 -2.93
CA ASN A 597 -6.36 -49.58 -3.63
C ASN A 597 -7.13 -48.76 -2.61
N SER A 598 -7.65 -47.61 -3.08
CA SER A 598 -8.41 -46.74 -2.19
C SER A 598 -9.64 -47.46 -1.66
N ASP A 599 -10.35 -48.20 -2.52
CA ASP A 599 -11.48 -49.00 -2.06
C ASP A 599 -11.01 -50.15 -1.18
N ARG A 600 -9.86 -50.74 -1.51
CA ARG A 600 -9.35 -51.87 -0.73
C ARG A 600 -9.04 -51.45 0.70
N LYS A 601 -8.45 -50.27 0.89
CA LYS A 601 -8.12 -49.73 2.20
C LYS A 601 -7.14 -50.62 2.97
N ARG A 602 -6.39 -51.46 2.27
CA ARG A 602 -5.43 -52.36 2.93
C ARG A 602 -4.53 -52.97 1.88
N MET A 603 -3.46 -53.59 2.35
CA MET A 603 -2.55 -54.33 1.49
C MET A 603 -1.92 -55.45 2.30
N SER A 604 -1.42 -56.46 1.59
CA SER A 604 -0.83 -57.62 2.24
C SER A 604 0.27 -58.18 1.35
N ILE A 605 1.07 -59.07 1.92
CA ILE A 605 2.20 -59.67 1.23
C ILE A 605 2.43 -61.06 1.80
N ILE A 606 2.47 -62.06 0.93
CA ILE A 606 2.77 -63.43 1.33
C ILE A 606 4.26 -63.64 1.13
N VAL A 607 4.98 -63.82 2.24
CA VAL A 607 6.43 -63.96 2.24
C VAL A 607 6.77 -65.36 2.74
N ARG A 608 7.52 -66.10 1.92
CA ARG A 608 7.92 -67.46 2.25
C ARG A 608 9.23 -67.43 3.02
N THR A 609 9.21 -67.95 4.24
CA THR A 609 10.40 -67.95 5.08
C THR A 609 11.42 -68.95 4.54
N PRO A 610 12.72 -68.67 4.68
CA PRO A 610 13.72 -69.66 4.24
C PRO A 610 13.57 -71.01 4.91
N GLU A 611 13.16 -71.04 6.17
CA GLU A 611 12.89 -72.31 6.82
C GLU A 611 11.77 -73.06 6.10
N GLY A 612 10.74 -72.34 5.65
CA GLY A 612 9.65 -72.95 4.92
C GLY A 612 8.30 -72.38 5.26
N ASN A 613 8.20 -71.63 6.37
CA ASN A 613 6.93 -71.10 6.80
C ASN A 613 6.42 -70.04 5.83
N ILE A 614 5.10 -69.98 5.69
CA ILE A 614 4.42 -69.01 4.84
C ILE A 614 3.69 -68.02 5.75
N LYS A 615 3.95 -66.73 5.56
CA LYS A 615 3.35 -65.68 6.37
C LYS A 615 2.65 -64.69 5.46
N LEU A 616 1.35 -64.49 5.67
CA LEU A 616 0.58 -63.50 4.94
C LEU A 616 0.54 -62.24 5.81
N TYR A 617 1.56 -61.40 5.67
CA TYR A 617 1.60 -60.15 6.41
C TYR A 617 0.63 -59.15 5.78
N CYS A 618 -0.17 -58.51 6.63
CA CYS A 618 -1.22 -57.61 6.19
C CYS A 618 -1.14 -56.30 6.96
N LYS A 619 -1.59 -55.23 6.31
CA LYS A 619 -1.60 -53.89 6.92
C LYS A 619 -2.67 -53.07 6.24
N GLY A 620 -3.48 -52.37 7.04
CA GLY A 620 -4.54 -51.58 6.47
C GLY A 620 -5.26 -50.79 7.53
N ALA A 621 -6.36 -50.16 7.11
CA ALA A 621 -7.17 -49.36 8.02
C ALA A 621 -7.83 -50.24 9.08
N ASP A 622 -8.09 -49.64 10.24
CA ASP A 622 -8.64 -50.41 11.36
C ASP A 622 -10.02 -50.97 11.03
N THR A 623 -10.84 -50.20 10.31
CA THR A 623 -12.20 -50.64 10.03
C THR A 623 -12.21 -51.92 9.21
N VAL A 624 -11.49 -51.92 8.08
CA VAL A 624 -11.49 -53.10 7.21
C VAL A 624 -10.75 -54.26 7.86
N ILE A 625 -9.66 -53.97 8.58
CA ILE A 625 -8.85 -55.04 9.17
C ILE A 625 -9.67 -55.82 10.19
N TYR A 626 -10.36 -55.10 11.10
CA TYR A 626 -11.09 -55.77 12.16
C TYR A 626 -12.21 -56.66 11.64
N GLU A 627 -12.66 -56.46 10.40
CA GLU A 627 -13.66 -57.31 9.80
C GLU A 627 -13.12 -58.68 9.43
N ARG A 628 -11.81 -58.89 9.50
CA ARG A 628 -11.16 -60.09 8.97
C ARG A 628 -10.16 -60.65 9.98
N LEU A 629 -10.58 -60.76 11.23
CA LEU A 629 -9.77 -61.33 12.31
C LEU A 629 -10.32 -62.68 12.74
N HIS A 630 -9.43 -63.53 13.24
CA HIS A 630 -9.83 -64.82 13.78
C HIS A 630 -10.44 -64.64 15.16
N ARG A 631 -11.34 -65.56 15.53
CA ARG A 631 -12.04 -65.45 16.80
C ARG A 631 -11.10 -65.50 17.99
N MET A 632 -9.94 -66.15 17.84
CA MET A 632 -9.03 -66.32 18.97
C MET A 632 -8.47 -65.00 19.46
N ASN A 633 -8.45 -63.96 18.62
CA ASN A 633 -7.81 -62.69 18.94
C ASN A 633 -8.31 -62.13 20.25
N PRO A 634 -7.49 -62.09 21.31
CA PRO A 634 -7.92 -61.48 22.57
C PRO A 634 -7.53 -60.02 22.73
N THR A 635 -6.71 -59.49 21.83
CA THR A 635 -6.20 -58.13 21.92
C THR A 635 -7.00 -57.14 21.08
N LYS A 636 -8.13 -57.58 20.51
CA LYS A 636 -8.92 -56.69 19.67
C LYS A 636 -9.40 -55.48 20.45
N GLN A 637 -10.00 -55.70 21.62
CA GLN A 637 -10.51 -54.59 22.41
C GLN A 637 -9.38 -53.69 22.90
N GLU A 638 -8.29 -54.29 23.39
CA GLU A 638 -7.19 -53.49 23.90
C GLU A 638 -6.57 -52.63 22.80
N THR A 639 -6.38 -53.21 21.61
CA THR A 639 -5.89 -52.42 20.49
C THR A 639 -6.91 -51.35 20.08
N GLN A 640 -8.20 -51.71 20.13
CA GLN A 640 -9.24 -50.74 19.79
C GLN A 640 -9.20 -49.55 20.75
N ASP A 641 -8.96 -49.81 22.03
CA ASP A 641 -8.81 -48.72 22.98
C ASP A 641 -7.60 -47.85 22.61
N ALA A 642 -6.50 -48.49 22.21
CA ALA A 642 -5.31 -47.73 21.80
C ALA A 642 -5.61 -46.87 20.59
N LEU A 643 -6.39 -47.39 19.64
CA LEU A 643 -6.73 -46.61 18.45
C LEU A 643 -7.46 -45.32 18.84
N ASP A 644 -8.33 -45.39 19.85
CA ASP A 644 -9.03 -44.19 20.30
C ASP A 644 -8.05 -43.17 20.86
N ILE A 645 -7.06 -43.64 21.62
CA ILE A 645 -6.04 -42.73 22.16
C ILE A 645 -5.27 -42.07 21.02
N PHE A 646 -4.88 -42.85 20.02
CA PHE A 646 -4.20 -42.28 18.86
C PHE A 646 -5.13 -41.35 18.08
N ALA A 647 -6.41 -41.71 17.96
CA ALA A 647 -7.35 -40.86 17.26
C ALA A 647 -7.52 -39.51 17.98
N ASN A 648 -7.57 -39.53 19.31
CA ASN A 648 -7.68 -38.29 20.06
C ASN A 648 -6.47 -37.39 19.84
N GLU A 649 -5.30 -37.99 19.65
CA GLU A 649 -4.09 -37.22 19.38
C GLU A 649 -3.94 -36.83 17.91
N THR A 650 -4.88 -37.23 17.06
CA THR A 650 -4.84 -36.92 15.63
C THR A 650 -3.61 -37.56 14.97
N LEU A 651 -3.52 -38.87 15.11
CA LEU A 651 -2.46 -39.67 14.51
C LEU A 651 -3.09 -40.77 13.67
N ARG A 652 -2.62 -40.91 12.43
CA ARG A 652 -3.12 -41.96 11.57
C ARG A 652 -2.74 -43.33 12.14
N THR A 653 -3.64 -44.30 11.96
CA THR A 653 -3.48 -45.63 12.53
C THR A 653 -3.71 -46.69 11.45
N LEU A 654 -2.89 -47.74 11.49
CA LEU A 654 -2.97 -48.85 10.56
C LEU A 654 -2.75 -50.14 11.33
N CYS A 655 -3.76 -51.01 11.34
CA CYS A 655 -3.63 -52.28 12.03
C CYS A 655 -2.70 -53.23 11.27
N LEU A 656 -1.95 -54.03 12.02
CA LEU A 656 -0.99 -54.98 11.47
C LEU A 656 -1.43 -56.39 11.79
N CYS A 657 -1.21 -57.32 10.85
CA CYS A 657 -1.63 -58.69 11.02
C CYS A 657 -0.72 -59.61 10.21
N TYR A 658 -0.77 -60.90 10.53
CA TYR A 658 -0.06 -61.92 9.78
C TYR A 658 -0.96 -63.15 9.68
N LYS A 659 -0.41 -64.26 9.20
CA LYS A 659 -1.11 -65.53 9.15
C LYS A 659 -0.09 -66.65 9.05
N GLU A 660 -0.58 -67.88 9.16
CA GLU A 660 0.23 -69.09 9.16
C GLU A 660 -0.27 -70.08 8.12
N ILE A 661 -0.44 -69.59 6.88
CA ILE A 661 -0.95 -70.41 5.81
C ILE A 661 -0.10 -71.67 5.66
N GLU A 662 -0.77 -72.79 5.44
CA GLU A 662 -0.08 -74.08 5.32
C GLU A 662 0.57 -74.21 3.95
N GLU A 663 1.45 -75.21 3.83
CA GLU A 663 2.15 -75.45 2.57
C GLU A 663 1.17 -75.82 1.47
N LYS A 664 0.41 -76.90 1.68
CA LYS A 664 -0.55 -77.34 0.66
C LYS A 664 -1.69 -76.35 0.50
N GLU A 665 -2.03 -75.62 1.56
CA GLU A 665 -3.17 -74.69 1.50
C GLU A 665 -2.96 -73.62 0.44
N PHE A 666 -1.76 -73.02 0.42
CA PHE A 666 -1.50 -71.96 -0.55
C PHE A 666 -1.22 -72.53 -1.94
N THR A 667 -0.68 -73.74 -2.02
CA THR A 667 -0.32 -74.30 -3.32
C THR A 667 -1.53 -74.40 -4.24
N GLU A 668 -2.67 -74.86 -3.69
CA GLU A 668 -3.90 -74.84 -4.47
C GLU A 668 -4.31 -73.40 -4.81
N TRP A 669 -4.17 -72.49 -3.83
CA TRP A 669 -4.55 -71.10 -4.07
C TRP A 669 -3.60 -70.42 -5.04
N ASN A 670 -2.31 -70.78 -5.00
CA ASN A 670 -1.35 -70.15 -5.91
C ASN A 670 -1.71 -70.43 -7.37
N LYS A 671 -2.09 -71.67 -7.68
CA LYS A 671 -2.57 -71.98 -9.01
C LYS A 671 -3.81 -71.15 -9.35
N LYS A 672 -4.72 -71.00 -8.39
CA LYS A 672 -5.88 -70.14 -8.59
C LYS A 672 -5.47 -68.69 -8.74
N PHE A 673 -4.50 -68.23 -7.95
CA PHE A 673 -4.07 -66.84 -8.01
C PHE A 673 -3.43 -66.52 -9.36
N MET A 674 -2.60 -67.43 -9.88
CA MET A 674 -2.01 -67.20 -11.20
C MET A 674 -3.09 -67.09 -12.27
N ALA A 675 -4.12 -67.93 -12.19
CA ALA A 675 -5.23 -67.82 -13.12
C ALA A 675 -5.96 -66.49 -13.00
N ALA A 676 -5.90 -65.85 -11.83
CA ALA A 676 -6.53 -64.55 -11.64
C ALA A 676 -5.69 -63.40 -12.19
N SER A 677 -4.41 -63.63 -12.46
CA SER A 677 -3.55 -62.57 -12.98
C SER A 677 -3.95 -62.18 -14.40
N VAL A 678 -4.41 -63.14 -15.20
CA VAL A 678 -4.79 -62.83 -16.58
C VAL A 678 -5.99 -61.89 -16.59
N ALA A 679 -6.14 -61.17 -17.71
CA ALA A 679 -7.25 -60.24 -17.84
C ALA A 679 -8.58 -60.95 -17.76
N SER A 680 -8.70 -62.10 -18.43
CA SER A 680 -9.94 -62.86 -18.47
C SER A 680 -11.07 -61.98 -19.02
N THR A 681 -11.84 -61.36 -18.13
CA THR A 681 -12.92 -60.46 -18.53
C THR A 681 -12.66 -59.02 -18.09
N ASN A 682 -12.42 -58.80 -16.80
CA ASN A 682 -12.16 -57.46 -16.27
C ASN A 682 -10.87 -57.45 -15.45
N ARG A 683 -10.59 -58.54 -14.74
CA ARG A 683 -9.50 -58.71 -13.80
C ARG A 683 -9.78 -58.02 -12.46
N ASP A 684 -10.87 -57.27 -12.34
CA ASP A 684 -11.19 -56.61 -11.06
C ASP A 684 -11.91 -57.58 -10.13
N GLU A 685 -13.05 -58.12 -10.59
CA GLU A 685 -13.79 -59.06 -9.76
C GLU A 685 -12.97 -60.31 -9.48
N ALA A 686 -12.25 -60.82 -10.47
CA ALA A 686 -11.42 -61.99 -10.28
C ALA A 686 -10.36 -61.74 -9.20
N LEU A 687 -9.70 -60.58 -9.28
CA LEU A 687 -8.75 -60.22 -8.23
C LEU A 687 -9.45 -59.88 -6.93
N ASP A 688 -10.52 -59.08 -7.00
CA ASP A 688 -11.22 -58.66 -5.79
C ASP A 688 -11.77 -59.88 -5.05
N LYS A 689 -12.30 -60.86 -5.78
CA LYS A 689 -12.82 -62.06 -5.13
C LYS A 689 -11.72 -62.79 -4.38
N VAL A 690 -10.69 -63.26 -5.10
CA VAL A 690 -9.65 -64.08 -4.48
C VAL A 690 -8.93 -63.30 -3.38
N TYR A 691 -8.83 -61.98 -3.53
CA TYR A 691 -8.15 -61.17 -2.50
C TYR A 691 -8.88 -61.28 -1.17
N GLU A 692 -10.20 -61.39 -1.19
CA GLU A 692 -10.96 -61.42 0.05
C GLU A 692 -10.65 -62.67 0.88
N GLU A 693 -10.62 -63.84 0.23
CA GLU A 693 -10.39 -65.07 0.99
C GLU A 693 -8.95 -65.20 1.46
N ILE A 694 -8.01 -64.50 0.84
CA ILE A 694 -6.63 -64.58 1.27
C ILE A 694 -6.48 -64.05 2.69
N GLU A 695 -7.11 -62.91 2.98
CA GLU A 695 -6.86 -62.15 4.20
C GLU A 695 -7.89 -62.44 5.29
N LYS A 696 -8.33 -63.69 5.40
CA LYS A 696 -9.22 -64.13 6.46
C LYS A 696 -8.44 -64.91 7.51
N ASP A 697 -8.98 -64.91 8.73
CA ASP A 697 -8.39 -65.68 9.84
C ASP A 697 -6.98 -65.19 10.16
N LEU A 698 -6.89 -63.93 10.56
CA LEU A 698 -5.63 -63.27 10.86
C LEU A 698 -5.41 -63.13 12.36
N ILE A 699 -4.19 -62.75 12.72
CA ILE A 699 -3.79 -62.49 14.09
C ILE A 699 -3.24 -61.07 14.15
N LEU A 700 -3.69 -60.30 15.15
CA LEU A 700 -3.39 -58.88 15.23
C LEU A 700 -2.21 -58.62 16.16
N LEU A 701 -1.24 -57.84 15.68
CA LEU A 701 -0.18 -57.31 16.52
C LEU A 701 -0.60 -56.01 17.20
N GLY A 702 -1.03 -55.03 16.41
CA GLY A 702 -1.38 -53.74 16.95
C GLY A 702 -1.54 -52.73 15.83
N ALA A 703 -1.44 -51.46 16.21
CA ALA A 703 -1.56 -50.36 15.26
C ALA A 703 -0.43 -49.36 15.51
N THR A 704 0.01 -48.73 14.44
CA THR A 704 1.02 -47.68 14.52
C THR A 704 0.34 -46.32 14.67
N ALA A 705 1.14 -45.31 15.00
CA ALA A 705 0.67 -43.94 15.16
C ALA A 705 1.61 -43.02 14.38
N ILE A 706 1.20 -42.66 13.17
CA ILE A 706 1.99 -41.80 12.30
C ILE A 706 1.58 -40.35 12.54
N GLU A 707 2.53 -39.53 12.96
CA GLU A 707 2.27 -38.12 13.23
C GLU A 707 2.69 -37.30 12.02
N ASP A 708 1.73 -36.59 11.43
CA ASP A 708 2.02 -35.62 10.37
C ASP A 708 2.34 -34.30 11.06
N LYS A 709 3.62 -34.03 11.24
CA LYS A 709 4.04 -32.91 12.09
C LYS A 709 3.56 -31.59 11.52
N LEU A 710 3.05 -30.75 12.41
CA LEU A 710 2.64 -29.39 12.09
C LEU A 710 3.75 -28.42 12.46
N GLN A 711 3.85 -27.33 11.70
CA GLN A 711 4.78 -26.27 12.06
C GLN A 711 4.40 -25.69 13.41
N ASP A 712 5.41 -25.29 14.18
CA ASP A 712 5.16 -24.76 15.50
C ASP A 712 4.29 -23.50 15.41
N GLY A 713 3.27 -23.42 16.27
CA GLY A 713 2.42 -22.26 16.32
C GLY A 713 1.36 -22.18 15.24
N VAL A 714 1.10 -23.26 14.52
CA VAL A 714 0.07 -23.26 13.48
C VAL A 714 -1.31 -23.29 14.14
N PRO A 715 -1.60 -24.22 15.06
CA PRO A 715 -2.91 -24.19 15.72
C PRO A 715 -3.18 -22.89 16.45
N GLU A 716 -2.16 -22.26 17.03
CA GLU A 716 -2.34 -20.96 17.66
C GLU A 716 -2.59 -19.88 16.63
N THR A 717 -1.97 -19.99 15.45
CA THR A 717 -2.15 -18.99 14.41
C THR A 717 -3.58 -18.99 13.88
N ILE A 718 -4.15 -20.17 13.64
CA ILE A 718 -5.46 -20.24 13.01
C ILE A 718 -6.54 -19.71 13.96
N SER A 719 -6.40 -19.97 15.26
CA SER A 719 -7.34 -19.40 16.22
C SER A 719 -7.10 -17.91 16.44
N LYS A 720 -5.83 -17.48 16.41
CA LYS A 720 -5.52 -16.07 16.55
C LYS A 720 -6.12 -15.25 15.40
N LEU A 721 -5.99 -15.76 14.18
CA LEU A 721 -6.55 -15.07 13.02
C LEU A 721 -8.06 -15.26 12.92
N ALA A 722 -8.60 -16.35 13.50
CA ALA A 722 -10.04 -16.53 13.53
C ALA A 722 -10.71 -15.44 14.37
N LYS A 723 -10.07 -15.07 15.48
CA LYS A 723 -10.56 -13.97 16.30
C LYS A 723 -10.49 -12.63 15.60
N ALA A 724 -9.73 -12.52 14.51
CA ALA A 724 -9.67 -11.32 13.69
C ALA A 724 -10.72 -11.32 12.59
N ASP A 725 -11.69 -12.24 12.65
CA ASP A 725 -12.73 -12.36 11.63
C ASP A 725 -12.12 -12.62 10.24
N ILE A 726 -11.09 -13.46 10.21
CA ILE A 726 -10.47 -13.93 8.96
C ILE A 726 -10.87 -15.38 8.76
N LYS A 727 -11.28 -15.71 7.54
CA LYS A 727 -11.68 -17.06 7.18
C LYS A 727 -10.55 -17.73 6.42
N ILE A 728 -10.11 -18.89 6.90
CA ILE A 728 -8.96 -19.58 6.35
C ILE A 728 -9.46 -20.78 5.54
N TRP A 729 -9.08 -20.82 4.26
CA TRP A 729 -9.39 -21.93 3.37
C TRP A 729 -8.10 -22.68 3.05
N VAL A 730 -8.19 -24.00 2.98
CA VAL A 730 -7.02 -24.84 2.72
C VAL A 730 -7.20 -25.43 1.32
N LEU A 731 -6.36 -24.98 0.39
CA LEU A 731 -6.33 -25.49 -0.98
C LEU A 731 -5.09 -26.37 -1.10
N THR A 732 -5.29 -27.67 -1.28
CA THR A 732 -4.21 -28.64 -1.19
C THR A 732 -4.32 -29.65 -2.32
N GLY A 733 -3.17 -30.19 -2.73
CA GLY A 733 -3.10 -31.25 -3.71
C GLY A 733 -3.12 -32.66 -3.15
N ASP A 734 -3.07 -32.81 -1.83
CA ASP A 734 -3.14 -34.12 -1.22
C ASP A 734 -4.53 -34.71 -1.32
N LYS A 735 -4.58 -36.03 -1.17
CA LYS A 735 -5.84 -36.76 -1.18
C LYS A 735 -6.73 -36.33 -0.02
N LYS A 736 -8.00 -36.71 -0.11
CA LYS A 736 -9.01 -36.19 0.81
C LYS A 736 -8.71 -36.58 2.25
N GLU A 737 -8.34 -37.83 2.49
CA GLU A 737 -8.12 -38.29 3.86
C GLU A 737 -6.96 -37.55 4.51
N THR A 738 -5.88 -37.33 3.76
CA THR A 738 -4.75 -36.59 4.30
C THR A 738 -5.13 -35.14 4.57
N ALA A 739 -5.90 -34.53 3.66
CA ALA A 739 -6.33 -33.15 3.86
C ALA A 739 -7.29 -33.04 5.04
N GLU A 740 -8.20 -34.00 5.18
CA GLU A 740 -9.13 -33.98 6.30
C GLU A 740 -8.41 -34.14 7.63
N ASN A 741 -7.42 -35.04 7.69
CA ASN A 741 -6.72 -35.31 8.94
C ASN A 741 -6.02 -34.06 9.46
N ILE A 742 -5.31 -33.35 8.59
CA ILE A 742 -4.64 -32.12 9.01
C ILE A 742 -5.66 -31.07 9.41
N GLY A 743 -6.86 -31.12 8.85
CA GLY A 743 -7.90 -30.19 9.26
C GLY A 743 -8.23 -30.31 10.73
N PHE A 744 -8.25 -31.54 11.25
CA PHE A 744 -8.50 -31.74 12.67
C PHE A 744 -7.28 -31.42 13.50
N ALA A 745 -6.08 -31.68 12.97
CA ALA A 745 -4.85 -31.36 13.70
C ALA A 745 -4.71 -29.86 13.90
N CYS A 746 -5.07 -29.07 12.87
CA CYS A 746 -5.00 -27.62 12.95
C CYS A 746 -6.18 -27.01 13.68
N GLU A 747 -7.18 -27.81 14.06
CA GLU A 747 -8.40 -27.34 14.68
C GLU A 747 -9.26 -26.49 13.73
N LEU A 748 -8.98 -26.56 12.43
CA LEU A 748 -9.92 -25.99 11.46
C LEU A 748 -11.26 -26.71 11.53
N LEU A 749 -11.22 -28.03 11.68
CA LEU A 749 -12.40 -28.86 11.89
C LEU A 749 -12.38 -29.41 13.30
N THR A 750 -13.55 -29.50 13.92
CA THR A 750 -13.71 -30.02 15.26
C THR A 750 -14.89 -30.99 15.28
N GLU A 751 -15.10 -31.63 16.43
CA GLU A 751 -16.22 -32.57 16.55
C GLU A 751 -17.56 -31.87 16.30
N ASP A 752 -17.64 -30.58 16.61
CA ASP A 752 -18.87 -29.84 16.33
C ASP A 752 -19.16 -29.78 14.83
N THR A 753 -18.12 -29.56 14.02
CA THR A 753 -18.32 -29.43 12.58
C THR A 753 -18.81 -30.74 11.98
N THR A 754 -19.82 -30.65 11.13
CA THR A 754 -20.28 -31.77 10.32
C THR A 754 -19.80 -31.55 8.89
N ILE A 755 -19.18 -32.57 8.31
CA ILE A 755 -18.47 -32.42 7.05
C ILE A 755 -19.45 -32.53 5.89
N CYS A 756 -19.42 -31.52 5.01
CA CYS A 756 -20.20 -31.53 3.78
C CYS A 756 -19.24 -31.88 2.63
N TYR A 757 -19.45 -33.04 2.02
CA TYR A 757 -18.58 -33.51 0.96
C TYR A 757 -19.15 -33.07 -0.40
N GLY A 758 -18.44 -33.44 -1.47
CA GLY A 758 -18.85 -33.01 -2.79
C GLY A 758 -20.25 -33.44 -3.17
N GLU A 759 -20.58 -34.70 -2.89
CA GLU A 759 -21.90 -35.22 -3.25
C GLU A 759 -23.00 -34.49 -2.49
N ASP A 760 -22.77 -34.20 -1.20
CA ASP A 760 -23.78 -33.53 -0.40
C ASP A 760 -24.07 -32.13 -0.94
N ILE A 761 -23.02 -31.41 -1.35
CA ILE A 761 -23.21 -30.04 -1.83
C ILE A 761 -24.05 -30.02 -3.11
N ASN A 762 -23.77 -30.96 -4.02
CA ASN A 762 -24.46 -30.96 -5.31
C ASN A 762 -25.97 -31.04 -5.15
N SER A 763 -26.44 -31.73 -4.11
CA SER A 763 -27.87 -31.73 -3.82
C SER A 763 -28.35 -30.34 -3.44
N LEU A 764 -27.56 -29.62 -2.64
CA LEU A 764 -27.96 -28.29 -2.20
C LEU A 764 -27.97 -27.29 -3.36
N LEU A 765 -26.90 -27.28 -4.16
CA LEU A 765 -26.83 -26.33 -5.27
C LEU A 765 -27.92 -26.59 -6.28
N HIS A 766 -28.19 -27.86 -6.59
CA HIS A 766 -29.30 -28.18 -7.49
C HIS A 766 -30.64 -27.82 -6.85
N ALA A 767 -30.76 -28.01 -5.53
CA ALA A 767 -32.01 -27.65 -4.85
C ALA A 767 -32.27 -26.16 -4.94
N ARG A 768 -31.23 -25.34 -4.75
CA ARG A 768 -31.40 -23.90 -4.86
C ARG A 768 -31.78 -23.48 -6.27
N MET A 769 -31.27 -24.19 -7.28
CA MET A 769 -31.59 -23.85 -8.66
C MET A 769 -33.09 -24.02 -8.93
N GLU A 770 -33.68 -25.08 -8.41
CA GLU A 770 -35.08 -25.39 -8.63
C GLU A 770 -36.01 -24.78 -7.58
N ASN A 771 -35.48 -23.96 -6.67
CA ASN A 771 -36.28 -23.34 -5.63
C ASN A 771 -37.44 -22.53 -6.22
N PHE A 790 -28.05 -18.24 4.30
CA PHE A 790 -29.17 -18.77 3.55
C PHE A 790 -29.02 -20.28 3.34
N PHE A 791 -27.86 -20.69 2.85
CA PHE A 791 -27.61 -22.10 2.59
C PHE A 791 -27.52 -22.87 3.90
N PRO A 792 -28.03 -24.11 3.95
CA PRO A 792 -27.96 -24.88 5.21
C PRO A 792 -26.54 -25.08 5.71
N PRO A 793 -25.55 -25.30 4.80
CA PRO A 793 -24.16 -25.43 5.27
C PRO A 793 -23.65 -24.32 6.19
N GLY A 794 -24.37 -23.20 6.27
CA GLY A 794 -24.06 -22.22 7.30
C GLY A 794 -24.11 -22.83 8.69
N GLY A 795 -24.95 -23.85 8.89
CA GLY A 795 -24.99 -24.58 10.13
C GLY A 795 -24.03 -25.75 10.15
N ASN A 796 -23.69 -26.29 8.98
CA ASN A 796 -22.76 -27.42 8.93
C ASN A 796 -21.34 -26.97 9.24
N ARG A 797 -20.91 -25.86 8.65
CA ARG A 797 -19.70 -25.11 9.00
C ARG A 797 -18.42 -25.72 8.46
N ALA A 798 -18.47 -26.83 7.72
CA ALA A 798 -17.28 -27.44 7.13
C ALA A 798 -17.56 -27.85 5.70
N LEU A 799 -16.51 -27.86 4.88
CA LEU A 799 -16.65 -28.14 3.45
C LEU A 799 -15.38 -28.82 2.98
N ILE A 800 -15.50 -30.06 2.51
CA ILE A 800 -14.38 -30.84 1.97
C ILE A 800 -14.76 -31.24 0.56
N ILE A 801 -14.19 -30.57 -0.43
CA ILE A 801 -14.51 -30.79 -1.84
C ILE A 801 -13.25 -31.21 -2.57
N THR A 802 -13.33 -32.30 -3.32
CA THR A 802 -12.26 -32.71 -4.19
C THR A 802 -12.22 -31.83 -5.44
N GLY A 803 -11.03 -31.74 -6.03
CA GLY A 803 -10.90 -30.96 -7.25
C GLY A 803 -11.77 -31.47 -8.38
N SER A 804 -11.98 -32.79 -8.43
CA SER A 804 -12.86 -33.35 -9.45
C SER A 804 -14.28 -32.84 -9.28
N TRP A 805 -14.74 -32.72 -8.03
CA TRP A 805 -16.09 -32.22 -7.79
C TRP A 805 -16.20 -30.72 -8.02
N LEU A 806 -15.10 -29.98 -7.96
CA LEU A 806 -15.15 -28.56 -8.30
C LEU A 806 -15.51 -28.39 -9.78
N ASN A 807 -14.95 -29.21 -10.66
CA ASN A 807 -15.30 -29.12 -12.07
C ASN A 807 -16.78 -29.36 -12.29
N GLU A 808 -17.35 -30.37 -11.61
CA GLU A 808 -18.78 -30.61 -11.73
C GLU A 808 -19.59 -29.43 -11.20
N ILE A 809 -19.18 -28.86 -10.07
CA ILE A 809 -19.89 -27.71 -9.52
C ILE A 809 -19.69 -26.49 -10.42
N LEU A 810 -18.45 -26.23 -10.83
CA LEU A 810 -18.19 -25.14 -11.76
C LEU A 810 -18.74 -25.42 -13.15
N LEU A 811 -18.92 -26.69 -13.51
CA LEU A 811 -19.35 -27.13 -14.83
C LEU A 811 -18.31 -26.83 -15.91
N GLU A 812 -17.07 -26.53 -15.53
CA GLU A 812 -16.03 -26.24 -16.50
C GLU A 812 -15.53 -27.53 -17.15
N LYS A 839 -23.30 -20.69 -25.53
CA LYS A 839 -24.50 -19.90 -25.78
C LYS A 839 -24.74 -18.89 -24.65
N ARG A 840 -25.57 -17.90 -24.92
CA ARG A 840 -25.87 -16.89 -23.89
C ARG A 840 -26.56 -17.53 -22.69
N ARG A 841 -27.50 -18.44 -22.94
CA ARG A 841 -28.22 -19.08 -21.84
C ARG A 841 -27.28 -19.93 -20.99
N LEU A 842 -26.31 -20.59 -21.62
CA LEU A 842 -25.35 -21.38 -20.87
C LEU A 842 -24.51 -20.51 -19.94
N GLU A 843 -24.09 -19.33 -20.41
CA GLU A 843 -23.33 -18.43 -19.56
C GLU A 843 -24.16 -17.94 -18.39
N ALA A 844 -25.47 -17.77 -18.58
CA ALA A 844 -26.33 -17.35 -17.47
C ALA A 844 -26.30 -18.38 -16.34
N LYS A 845 -26.36 -19.67 -16.68
CA LYS A 845 -26.22 -20.70 -15.66
C LYS A 845 -24.82 -20.72 -15.08
N LYS A 846 -23.81 -20.45 -15.91
CA LYS A 846 -22.43 -20.45 -15.44
C LYS A 846 -22.23 -19.41 -14.33
N GLU A 847 -22.68 -18.18 -14.58
CA GLU A 847 -22.54 -17.14 -13.55
C GLU A 847 -23.35 -17.47 -12.32
N GLN A 848 -24.58 -17.95 -12.49
CA GLN A 848 -25.42 -18.28 -11.35
C GLN A 848 -24.86 -19.47 -10.58
N ARG A 849 -24.38 -20.49 -11.30
CA ARG A 849 -23.83 -21.67 -10.62
C ARG A 849 -22.59 -21.31 -9.82
N GLN A 850 -21.73 -20.45 -10.37
CA GLN A 850 -20.57 -19.98 -9.63
C GLN A 850 -21.00 -19.17 -8.40
N LYS A 851 -22.00 -18.31 -8.56
CA LYS A 851 -22.44 -17.49 -7.45
C LYS A 851 -22.99 -18.34 -6.31
N ASN A 852 -23.76 -19.38 -6.64
CA ASN A 852 -24.37 -20.21 -5.61
C ASN A 852 -23.30 -20.91 -4.77
N PHE A 853 -22.26 -21.43 -5.41
CA PHE A 853 -21.23 -22.15 -4.68
C PHE A 853 -20.48 -21.23 -3.72
N VAL A 854 -20.11 -20.03 -4.18
CA VAL A 854 -19.31 -19.13 -3.35
C VAL A 854 -20.08 -18.72 -2.11
N ASP A 855 -21.37 -18.40 -2.27
CA ASP A 855 -22.18 -18.06 -1.11
C ASP A 855 -22.26 -19.23 -0.14
N LEU A 856 -22.44 -20.44 -0.66
CA LEU A 856 -22.43 -21.63 0.19
C LEU A 856 -21.07 -21.85 0.82
N ALA A 857 -19.99 -21.68 0.04
CA ALA A 857 -18.65 -21.94 0.56
C ALA A 857 -18.21 -20.89 1.56
N CYS A 858 -18.60 -19.63 1.35
CA CYS A 858 -18.13 -18.53 2.20
C CYS A 858 -18.76 -18.53 3.58
N GLU A 859 -19.90 -19.19 3.76
CA GLU A 859 -20.58 -19.21 5.05
C GLU A 859 -20.14 -20.37 5.94
N CYS A 860 -19.27 -21.25 5.44
CA CYS A 860 -18.73 -22.34 6.25
C CYS A 860 -17.51 -21.86 7.02
N SER A 861 -17.34 -22.43 8.22
CA SER A 861 -16.21 -22.02 9.06
C SER A 861 -14.88 -22.36 8.40
N ALA A 862 -14.79 -23.54 7.79
CA ALA A 862 -13.57 -23.97 7.13
C ALA A 862 -13.93 -24.67 5.82
N VAL A 863 -13.19 -24.35 4.77
CA VAL A 863 -13.33 -24.99 3.46
C VAL A 863 -11.98 -25.56 3.08
N ILE A 864 -11.96 -26.86 2.76
CA ILE A 864 -10.74 -27.56 2.39
C ILE A 864 -10.94 -28.12 0.99
N CYS A 865 -10.19 -27.58 0.02
CA CYS A 865 -10.28 -28.01 -1.37
C CYS A 865 -9.09 -28.91 -1.67
N CYS A 866 -9.35 -30.20 -1.81
CA CYS A 866 -8.32 -31.20 -2.01
C CYS A 866 -8.29 -31.66 -3.46
N ARG A 867 -7.15 -32.23 -3.86
CA ARG A 867 -6.96 -32.74 -5.21
C ARG A 867 -7.21 -31.66 -6.27
N VAL A 868 -6.80 -30.44 -5.96
CA VAL A 868 -7.01 -29.30 -6.84
C VAL A 868 -5.74 -29.03 -7.62
N THR A 869 -5.90 -28.80 -8.92
CA THR A 869 -4.77 -28.46 -9.77
C THR A 869 -4.29 -27.04 -9.46
N PRO A 870 -3.08 -26.68 -9.87
CA PRO A 870 -2.58 -25.33 -9.55
C PRO A 870 -3.48 -24.23 -10.07
N LYS A 871 -4.15 -24.43 -11.21
CA LYS A 871 -5.08 -23.42 -11.71
C LYS A 871 -6.36 -23.40 -10.90
N GLN A 872 -6.82 -24.56 -10.43
CA GLN A 872 -8.01 -24.60 -9.59
C GLN A 872 -7.79 -23.92 -8.25
N LYS A 873 -6.53 -23.78 -7.82
CA LYS A 873 -6.26 -23.00 -6.62
C LYS A 873 -6.54 -21.52 -6.84
N ALA A 874 -6.15 -20.99 -8.00
CA ALA A 874 -6.41 -19.60 -8.32
C ALA A 874 -7.86 -19.37 -8.73
N MET A 875 -8.53 -20.40 -9.26
CA MET A 875 -9.93 -20.27 -9.62
C MET A 875 -10.78 -19.96 -8.39
N VAL A 876 -10.52 -20.65 -7.27
CA VAL A 876 -11.28 -20.42 -6.06
C VAL A 876 -10.97 -19.03 -5.50
N VAL A 877 -9.72 -18.60 -5.58
CA VAL A 877 -9.36 -17.25 -5.15
C VAL A 877 -10.08 -16.22 -6.02
N ASP A 878 -10.12 -16.46 -7.33
CA ASP A 878 -10.87 -15.56 -8.22
C ASP A 878 -12.35 -15.60 -7.90
N LEU A 879 -12.89 -16.78 -7.60
CA LEU A 879 -14.30 -16.90 -7.27
C LEU A 879 -14.66 -16.02 -6.07
N VAL A 880 -13.86 -16.10 -5.01
CA VAL A 880 -14.14 -15.31 -3.81
C VAL A 880 -14.00 -13.82 -4.11
N LYS A 881 -12.94 -13.43 -4.83
CA LYS A 881 -12.74 -12.01 -5.12
C LYS A 881 -13.90 -11.45 -5.94
N ARG A 882 -14.33 -12.18 -6.97
CA ARG A 882 -15.33 -11.65 -7.89
C ARG A 882 -16.73 -11.63 -7.27
N TYR A 883 -17.10 -12.67 -6.55
CA TYR A 883 -18.48 -12.84 -6.07
C TYR A 883 -18.68 -12.41 -4.63
N LYS A 884 -17.63 -11.90 -3.96
CA LYS A 884 -17.75 -11.34 -2.63
C LYS A 884 -17.07 -10.00 -2.48
N LYS A 885 -16.21 -9.61 -3.42
CA LYS A 885 -15.39 -8.39 -3.29
C LYS A 885 -14.54 -8.43 -2.03
N ALA A 886 -14.19 -9.63 -1.58
CA ALA A 886 -13.32 -9.79 -0.43
C ALA A 886 -11.87 -9.61 -0.85
N ILE A 887 -11.04 -9.21 0.11
CA ILE A 887 -9.60 -9.07 -0.09
C ILE A 887 -8.96 -10.35 0.41
N THR A 888 -8.24 -11.03 -0.48
CA THR A 888 -7.78 -12.39 -0.26
C THR A 888 -6.26 -12.42 -0.10
N LEU A 889 -5.79 -13.30 0.78
CA LEU A 889 -4.38 -13.58 0.95
C LEU A 889 -4.13 -15.04 0.57
N ALA A 890 -3.16 -15.27 -0.31
CA ALA A 890 -2.77 -16.61 -0.73
C ALA A 890 -1.39 -16.90 -0.20
N ILE A 891 -1.26 -17.97 0.58
CA ILE A 891 -0.01 -18.35 1.21
C ILE A 891 0.30 -19.79 0.83
N GLY A 892 1.57 -20.08 0.59
CA GLY A 892 1.95 -21.43 0.21
C GLY A 892 3.43 -21.50 -0.09
N ASP A 893 3.85 -22.70 -0.51
CA ASP A 893 5.23 -22.95 -0.89
C ASP A 893 5.25 -23.86 -2.12
N GLY A 894 6.30 -23.73 -2.92
CA GLY A 894 6.45 -24.55 -4.09
C GLY A 894 5.71 -24.00 -5.29
N ALA A 895 5.99 -24.59 -6.45
CA ALA A 895 5.39 -24.14 -7.70
C ALA A 895 3.89 -24.40 -7.76
N ASN A 896 3.36 -25.23 -6.86
CA ASN A 896 1.92 -25.53 -6.89
C ASN A 896 1.09 -24.29 -6.62
N ASP A 897 1.52 -23.46 -5.67
CA ASP A 897 0.74 -22.33 -5.19
C ASP A 897 1.05 -21.02 -5.89
N VAL A 898 1.93 -21.02 -6.89
CA VAL A 898 2.33 -19.77 -7.52
C VAL A 898 1.13 -19.08 -8.18
N ASN A 899 0.24 -19.87 -8.79
CA ASN A 899 -0.89 -19.27 -9.48
C ASN A 899 -1.80 -18.50 -8.53
N MET A 900 -2.10 -19.08 -7.36
CA MET A 900 -2.94 -18.38 -6.40
C MET A 900 -2.17 -17.29 -5.66
N ILE A 901 -0.86 -17.44 -5.52
CA ILE A 901 -0.03 -16.37 -4.96
C ILE A 901 -0.04 -15.16 -5.90
N LYS A 902 -0.07 -15.42 -7.21
CA LYS A 902 -0.15 -14.35 -8.19
C LYS A 902 -1.57 -13.82 -8.39
N THR A 903 -2.58 -14.54 -7.91
CA THR A 903 -3.98 -14.16 -8.09
C THR A 903 -4.55 -13.39 -6.90
N ALA A 904 -4.19 -13.78 -5.68
CA ALA A 904 -4.75 -13.14 -4.51
C ALA A 904 -4.24 -11.70 -4.39
N HIS A 905 -4.95 -10.90 -3.59
CA HIS A 905 -4.54 -9.52 -3.36
C HIS A 905 -3.17 -9.46 -2.71
N ILE A 906 -2.91 -10.33 -1.75
CA ILE A 906 -1.61 -10.46 -1.09
C ILE A 906 -1.13 -11.89 -1.29
N GLY A 907 0.12 -12.03 -1.68
CA GLY A 907 0.72 -13.35 -1.87
C GLY A 907 1.90 -13.55 -0.96
N VAL A 908 1.88 -14.61 -0.15
CA VAL A 908 2.92 -14.90 0.82
C VAL A 908 3.58 -16.22 0.43
N GLY A 909 4.91 -16.23 0.38
CA GLY A 909 5.64 -17.42 0.01
C GLY A 909 6.50 -17.96 1.14
N ILE A 910 6.18 -19.15 1.62
CA ILE A 910 6.93 -19.74 2.72
C ILE A 910 8.30 -20.18 2.22
N SER A 911 9.34 -19.74 2.93
CA SER A 911 10.70 -20.16 2.61
C SER A 911 10.92 -21.61 3.04
N GLY A 912 11.89 -22.25 2.39
CA GLY A 912 12.24 -23.62 2.71
C GLY A 912 12.39 -24.48 1.47
N GLN A 913 11.63 -24.18 0.42
CA GLN A 913 11.72 -24.93 -0.81
C GLN A 913 13.00 -24.57 -1.55
N GLU A 914 13.76 -25.58 -1.97
CA GLU A 914 15.01 -25.33 -2.68
C GLU A 914 14.76 -24.64 -4.01
N GLY A 915 13.60 -24.88 -4.64
CA GLY A 915 13.31 -24.24 -5.91
C GLY A 915 13.17 -22.74 -5.79
N MET A 916 12.61 -22.26 -4.67
CA MET A 916 12.35 -20.84 -4.45
C MET A 916 11.48 -20.28 -5.56
N GLN A 917 10.29 -20.87 -5.71
CA GLN A 917 9.34 -20.50 -6.75
C GLN A 917 8.12 -19.79 -6.21
N ALA A 918 7.60 -20.21 -5.06
CA ALA A 918 6.57 -19.43 -4.38
C ALA A 918 7.15 -18.22 -3.69
N VAL A 919 8.40 -18.32 -3.23
CA VAL A 919 9.04 -17.17 -2.58
C VAL A 919 9.25 -16.04 -3.58
N MET A 920 9.72 -16.37 -4.79
CA MET A 920 10.07 -15.34 -5.75
C MET A 920 8.84 -14.68 -6.38
N SER A 921 7.69 -15.35 -6.36
CA SER A 921 6.47 -14.81 -6.92
C SER A 921 5.52 -14.23 -5.87
N SER A 922 5.98 -14.13 -4.62
CA SER A 922 5.13 -13.68 -3.51
C SER A 922 5.55 -12.30 -3.07
N ASP A 923 4.57 -11.50 -2.66
CA ASP A 923 4.85 -10.15 -2.16
C ASP A 923 5.69 -10.20 -0.90
N TYR A 924 5.38 -11.13 0.01
CA TYR A 924 6.08 -11.28 1.27
C TYR A 924 6.49 -12.75 1.41
N SER A 925 7.53 -12.99 2.22
CA SER A 925 8.04 -14.34 2.36
C SER A 925 8.74 -14.49 3.70
N PHE A 926 8.29 -15.47 4.49
CA PHE A 926 8.93 -15.84 5.74
C PHE A 926 8.80 -17.34 5.94
N ALA A 927 9.66 -17.90 6.79
CA ALA A 927 9.83 -19.35 6.84
C ALA A 927 8.67 -20.06 7.53
N GLN A 928 8.18 -19.54 8.64
CA GLN A 928 7.19 -20.24 9.45
C GLN A 928 5.79 -19.70 9.17
N PHE A 929 4.79 -20.47 9.60
CA PHE A 929 3.41 -20.03 9.45
C PHE A 929 2.97 -19.13 10.60
N ARG A 930 3.51 -19.34 11.79
CA ARG A 930 3.12 -18.52 12.94
C ARG A 930 3.53 -17.07 12.78
N TYR A 931 4.45 -16.76 11.87
CA TYR A 931 4.81 -15.39 11.58
C TYR A 931 3.71 -14.63 10.85
N LEU A 932 2.65 -15.33 10.41
CA LEU A 932 1.51 -14.64 9.81
C LEU A 932 0.75 -13.83 10.85
N GLN A 933 0.92 -14.11 12.14
CA GLN A 933 0.28 -13.31 13.17
C GLN A 933 0.81 -11.89 13.17
N ARG A 934 2.13 -11.73 13.07
CA ARG A 934 2.74 -10.41 13.09
C ARG A 934 2.54 -9.67 11.78
N LEU A 935 2.48 -10.39 10.65
CA LEU A 935 2.29 -9.72 9.37
C LEU A 935 0.93 -9.03 9.31
N LEU A 936 -0.12 -9.68 9.82
CA LEU A 936 -1.47 -9.16 9.71
C LEU A 936 -1.85 -8.29 10.91
N LEU A 937 -1.59 -8.77 12.13
CA LEU A 937 -2.08 -8.09 13.33
C LEU A 937 -1.17 -6.97 13.82
N VAL A 938 0.08 -6.92 13.37
CA VAL A 938 1.02 -5.89 13.80
C VAL A 938 1.45 -5.04 12.61
N HIS A 939 2.07 -5.68 11.61
CA HIS A 939 2.57 -4.93 10.48
C HIS A 939 1.46 -4.51 9.52
N GLY A 940 0.37 -5.27 9.47
CA GLY A 940 -0.73 -4.93 8.59
C GLY A 940 -1.75 -4.04 9.25
N ARG A 941 -1.92 -4.19 10.57
CA ARG A 941 -2.83 -3.33 11.31
C ARG A 941 -2.27 -1.91 11.40
N TRP A 942 -0.99 -1.80 11.77
CA TRP A 942 -0.36 -0.48 11.81
C TRP A 942 -0.27 0.14 10.43
N SER A 943 0.12 -0.65 9.43
CA SER A 943 0.30 -0.13 8.08
C SER A 943 -0.99 0.47 7.55
N TYR A 944 -2.14 -0.08 7.93
CA TYR A 944 -3.42 0.52 7.55
C TYR A 944 -3.68 1.80 8.34
N ILE A 945 -3.44 1.77 9.65
CA ILE A 945 -3.68 2.95 10.47
C ILE A 945 -2.75 4.09 10.06
N ARG A 946 -1.47 3.77 9.86
CA ARG A 946 -0.51 4.81 9.50
C ARG A 946 -0.80 5.37 8.12
N MET A 947 -1.22 4.54 7.19
CA MET A 947 -1.58 5.02 5.86
C MET A 947 -2.77 5.97 5.93
N CYS A 948 -3.85 5.55 6.61
CA CYS A 948 -5.06 6.36 6.66
C CYS A 948 -4.81 7.68 7.37
N LYS A 949 -4.07 7.65 8.47
CA LYS A 949 -3.70 8.90 9.14
C LYS A 949 -2.87 9.77 8.23
N PHE A 950 -1.96 9.17 7.45
CA PHE A 950 -1.14 9.93 6.53
C PHE A 950 -1.99 10.61 5.46
N LEU A 951 -2.86 9.84 4.80
CA LEU A 951 -3.64 10.39 3.69
C LEU A 951 -4.59 11.48 4.16
N ARG A 952 -5.29 11.24 5.26
CA ARG A 952 -6.30 12.20 5.72
C ARG A 952 -5.66 13.52 6.11
N TYR A 953 -4.52 13.47 6.80
CA TYR A 953 -3.85 14.71 7.18
C TYR A 953 -3.21 15.38 5.98
N PHE A 954 -2.59 14.60 5.10
CA PHE A 954 -1.93 15.19 3.94
C PHE A 954 -2.93 15.88 3.02
N PHE A 955 -4.15 15.34 2.91
CA PHE A 955 -5.19 16.03 2.17
C PHE A 955 -5.69 17.26 2.92
N TYR A 956 -5.74 17.16 4.25
CA TYR A 956 -6.12 18.31 5.07
C TYR A 956 -5.12 19.46 4.92
N LYS A 957 -3.84 19.17 5.12
CA LYS A 957 -2.85 20.24 5.19
C LYS A 957 -2.68 20.97 3.86
N ASN A 958 -3.07 20.34 2.75
CA ASN A 958 -2.98 20.99 1.44
C ASN A 958 -4.28 21.66 1.03
N PHE A 959 -5.43 21.11 1.44
CA PHE A 959 -6.69 21.80 1.23
C PHE A 959 -6.74 23.09 2.03
N ALA A 960 -6.28 23.06 3.28
CA ALA A 960 -6.20 24.28 4.08
C ALA A 960 -5.20 25.26 3.47
N PHE A 961 -4.09 24.75 2.94
CA PHE A 961 -3.04 25.62 2.41
C PHE A 961 -3.44 26.24 1.08
N THR A 962 -4.08 25.47 0.21
CA THR A 962 -4.33 25.91 -1.16
C THR A 962 -5.64 26.66 -1.33
N LEU A 963 -6.61 26.45 -0.43
CA LEU A 963 -7.89 27.13 -0.58
C LEU A 963 -7.87 28.57 -0.10
N VAL A 964 -6.78 29.03 0.53
CA VAL A 964 -6.70 30.44 0.88
C VAL A 964 -6.60 31.29 -0.38
N HIS A 965 -6.11 30.72 -1.48
CA HIS A 965 -6.11 31.44 -2.75
C HIS A 965 -7.53 31.59 -3.27
N PHE A 966 -8.43 30.68 -2.91
CA PHE A 966 -9.82 30.78 -3.36
C PHE A 966 -10.56 31.88 -2.60
N TRP A 967 -10.35 31.97 -1.29
CA TRP A 967 -11.02 33.01 -0.51
C TRP A 967 -10.49 34.39 -0.87
N TYR A 968 -9.18 34.50 -1.11
CA TYR A 968 -8.57 35.76 -1.51
C TYR A 968 -9.01 36.20 -2.89
N SER A 969 -9.62 35.33 -3.68
CA SER A 969 -10.04 35.71 -5.03
C SER A 969 -11.08 36.81 -4.99
N PHE A 970 -11.95 36.80 -3.97
CA PHE A 970 -13.00 37.81 -3.89
C PHE A 970 -12.45 39.19 -3.56
N PHE A 971 -11.21 39.29 -3.10
CA PHE A 971 -10.63 40.54 -2.65
C PHE A 971 -9.48 41.01 -3.52
N ASN A 972 -9.26 40.38 -4.69
CA ASN A 972 -8.24 40.82 -5.63
C ASN A 972 -8.77 40.76 -7.06
N GLY A 973 -10.06 40.94 -7.25
CA GLY A 973 -10.64 40.92 -8.58
C GLY A 973 -10.69 39.56 -9.23
N TYR A 974 -10.63 38.48 -8.43
CA TYR A 974 -10.63 37.12 -8.97
C TYR A 974 -9.48 36.93 -9.97
N SER A 975 -8.34 37.54 -9.66
CA SER A 975 -7.22 37.63 -10.60
C SER A 975 -6.15 36.58 -10.35
N ALA A 976 -6.43 35.58 -9.53
CA ALA A 976 -5.51 34.45 -9.34
C ALA A 976 -4.18 34.89 -8.75
N GLN A 977 -4.24 35.77 -7.75
CA GLN A 977 -3.05 36.21 -7.02
C GLN A 977 -2.92 35.38 -5.75
N THR A 978 -1.76 34.77 -5.56
CA THR A 978 -1.54 33.92 -4.39
C THR A 978 -1.50 34.75 -3.11
N ALA A 979 -2.00 34.16 -2.03
CA ALA A 979 -2.00 34.82 -0.73
C ALA A 979 -0.67 34.67 0.00
N TYR A 980 0.18 33.74 -0.41
CA TYR A 980 1.49 33.53 0.19
C TYR A 980 2.59 33.99 -0.76
N GLU A 981 3.75 34.28 -0.19
CA GLU A 981 4.92 34.56 -1.01
C GLU A 981 5.23 33.38 -1.90
N ASP A 982 5.99 33.63 -2.97
CA ASP A 982 6.25 32.60 -3.96
C ASP A 982 7.06 31.46 -3.35
N TRP A 983 8.03 31.77 -2.49
CA TRP A 983 8.87 30.74 -1.89
C TRP A 983 8.05 29.82 -0.99
N PHE A 984 7.12 30.38 -0.22
CA PHE A 984 6.32 29.55 0.67
C PHE A 984 5.46 28.57 -0.11
N ILE A 985 5.08 28.92 -1.34
CA ILE A 985 4.32 27.99 -2.17
C ILE A 985 5.15 26.75 -2.45
N THR A 986 6.43 26.94 -2.78
CA THR A 986 7.28 25.81 -3.15
C THR A 986 7.65 24.97 -1.94
N LEU A 987 8.05 25.62 -0.84
CA LEU A 987 8.64 24.93 0.30
C LEU A 987 7.63 24.53 1.36
N TYR A 988 6.34 24.76 1.15
CA TYR A 988 5.34 24.37 2.15
C TYR A 988 5.36 22.85 2.37
N ASN A 989 5.35 22.09 1.28
CA ASN A 989 5.33 20.63 1.37
C ASN A 989 6.72 20.02 1.33
N VAL A 990 7.78 20.85 1.30
CA VAL A 990 9.14 20.36 1.26
C VAL A 990 9.73 20.38 2.67
N LEU A 991 9.79 21.57 3.27
CA LEU A 991 10.46 21.77 4.55
C LEU A 991 9.53 22.01 5.72
N TYR A 992 8.36 22.60 5.50
CA TYR A 992 7.54 23.09 6.61
C TYR A 992 6.51 22.09 7.09
N THR A 993 6.09 21.12 6.26
CA THR A 993 5.10 20.15 6.68
C THR A 993 5.40 18.74 6.16
N SER A 994 6.64 18.45 5.81
CA SER A 994 6.98 17.18 5.18
C SER A 994 7.42 16.12 6.17
N LEU A 995 8.24 16.48 7.15
CA LEU A 995 8.81 15.50 8.06
C LEU A 995 7.82 15.02 9.12
N PRO A 996 7.01 15.91 9.73
CA PRO A 996 6.09 15.43 10.77
C PRO A 996 5.15 14.33 10.30
N VAL A 997 4.67 14.41 9.05
CA VAL A 997 3.72 13.42 8.57
C VAL A 997 4.43 12.15 8.12
N LEU A 998 5.69 12.24 7.70
CA LEU A 998 6.42 11.03 7.31
C LEU A 998 6.74 10.17 8.52
N LEU A 999 7.08 10.79 9.65
CA LEU A 999 7.32 10.03 10.87
C LEU A 999 6.05 9.52 11.51
N MET A 1000 4.90 10.15 11.22
CA MET A 1000 3.63 9.58 11.63
C MET A 1000 3.23 8.39 10.76
N GLY A 1001 3.69 8.36 9.52
CA GLY A 1001 3.47 7.23 8.65
C GLY A 1001 4.43 6.09 8.86
N LEU A 1002 5.35 6.23 9.82
CA LEU A 1002 6.35 5.19 10.10
C LEU A 1002 6.50 4.87 11.57
N LEU A 1003 6.13 5.76 12.49
CA LEU A 1003 6.39 5.58 13.92
C LEU A 1003 5.13 5.76 14.75
N ASP A 1004 3.96 5.48 14.19
CA ASP A 1004 2.69 5.65 14.88
C ASP A 1004 2.11 4.29 15.21
N GLN A 1005 1.96 4.00 16.50
CA GLN A 1005 1.35 2.77 17.00
C GLN A 1005 0.22 3.14 17.93
N ASP A 1006 -0.99 2.67 17.62
CA ASP A 1006 -2.11 2.87 18.53
C ASP A 1006 -1.91 2.05 19.80
N VAL A 1007 -1.58 0.76 19.65
CA VAL A 1007 -1.26 -0.12 20.76
C VAL A 1007 0.04 -0.84 20.43
N SER A 1008 0.74 -1.28 21.48
CA SER A 1008 2.00 -1.96 21.30
C SER A 1008 1.81 -3.26 20.53
N ASP A 1009 2.92 -3.87 20.11
CA ASP A 1009 2.85 -5.12 19.36
C ASP A 1009 2.22 -6.22 20.20
N LYS A 1010 2.56 -6.30 21.49
CA LYS A 1010 1.96 -7.31 22.35
C LYS A 1010 0.45 -7.12 22.45
N LEU A 1011 0.00 -5.89 22.63
CA LEU A 1011 -1.43 -5.64 22.71
C LEU A 1011 -2.11 -5.84 21.36
N SER A 1012 -1.37 -5.66 20.26
CA SER A 1012 -1.94 -5.97 18.95
C SER A 1012 -2.23 -7.46 18.82
N LEU A 1013 -1.32 -8.31 19.31
CA LEU A 1013 -1.50 -9.75 19.24
C LEU A 1013 -2.34 -10.30 20.39
N ARG A 1014 -2.31 -9.64 21.56
CA ARG A 1014 -3.17 -10.05 22.66
C ARG A 1014 -4.63 -9.75 22.39
N PHE A 1015 -4.91 -8.77 21.52
CA PHE A 1015 -6.28 -8.35 21.20
C PHE A 1015 -6.47 -8.42 19.70
N PRO A 1016 -6.68 -9.62 19.15
CA PRO A 1016 -6.81 -9.75 17.69
C PRO A 1016 -8.03 -9.03 17.12
N GLY A 1017 -9.03 -8.74 17.95
CA GLY A 1017 -10.25 -8.13 17.44
C GLY A 1017 -10.06 -6.76 16.84
N LEU A 1018 -8.93 -6.10 17.14
CA LEU A 1018 -8.65 -4.78 16.57
C LEU A 1018 -8.44 -4.86 15.06
N TYR A 1019 -8.19 -6.05 14.51
CA TYR A 1019 -8.01 -6.17 13.07
C TYR A 1019 -9.28 -5.84 12.30
N ILE A 1020 -10.45 -5.98 12.95
CA ILE A 1020 -11.72 -5.74 12.27
C ILE A 1020 -11.84 -4.29 11.82
N VAL A 1021 -11.04 -3.39 12.40
CA VAL A 1021 -11.10 -1.99 12.02
C VAL A 1021 -10.76 -1.82 10.54
N GLY A 1022 -9.74 -2.52 10.07
CA GLY A 1022 -9.31 -2.39 8.70
C GLY A 1022 -10.18 -3.17 7.71
N GLN A 1023 -10.66 -4.34 8.13
CA GLN A 1023 -11.49 -5.14 7.24
C GLN A 1023 -12.77 -4.40 6.84
N ARG A 1024 -13.30 -3.56 7.73
CA ARG A 1024 -14.54 -2.86 7.49
C ARG A 1024 -14.35 -1.48 6.88
N ASP A 1025 -13.11 -1.06 6.62
CA ASP A 1025 -12.82 0.23 6.01
C ASP A 1025 -13.40 1.37 6.85
N LEU A 1026 -12.90 1.49 8.07
CA LEU A 1026 -13.41 2.50 9.01
C LEU A 1026 -12.57 3.77 9.04
N LEU A 1027 -11.27 3.69 8.75
CA LEU A 1027 -10.38 4.83 8.88
C LEU A 1027 -10.25 5.65 7.59
N PHE A 1028 -10.78 5.17 6.47
CA PHE A 1028 -10.68 5.91 5.21
C PHE A 1028 -11.87 5.52 4.33
N ASN A 1029 -12.72 6.50 4.04
CA ASN A 1029 -13.94 6.29 3.28
C ASN A 1029 -14.24 7.58 2.53
N TYR A 1030 -15.44 7.64 1.94
CA TYR A 1030 -15.93 8.92 1.43
C TYR A 1030 -16.31 9.84 2.59
N LYS A 1031 -16.95 9.29 3.62
CA LYS A 1031 -17.31 10.10 4.78
C LYS A 1031 -16.08 10.65 5.47
N ARG A 1032 -15.04 9.83 5.64
CA ARG A 1032 -13.82 10.29 6.29
C ARG A 1032 -13.00 11.18 5.37
N PHE A 1033 -13.13 11.00 4.05
CA PHE A 1033 -12.40 11.86 3.12
C PHE A 1033 -13.02 13.26 3.07
N PHE A 1034 -14.34 13.34 2.99
CA PHE A 1034 -15.00 14.64 2.93
C PHE A 1034 -14.90 15.38 4.25
N VAL A 1035 -14.79 14.66 5.37
CA VAL A 1035 -14.60 15.31 6.65
C VAL A 1035 -13.25 16.00 6.68
N SER A 1036 -12.23 15.41 6.05
CA SER A 1036 -10.94 16.08 5.93
C SER A 1036 -11.02 17.29 5.02
N LEU A 1037 -11.78 17.19 3.93
CA LEU A 1037 -12.00 18.36 3.07
C LEU A 1037 -12.75 19.44 3.83
N LEU A 1038 -13.79 19.05 4.58
CA LEU A 1038 -14.51 20.02 5.39
C LEU A 1038 -13.60 20.66 6.41
N HIS A 1039 -12.78 19.87 7.08
CA HIS A 1039 -11.81 20.43 8.03
C HIS A 1039 -10.81 21.34 7.32
N GLY A 1040 -10.35 20.91 6.14
CA GLY A 1040 -9.43 21.75 5.38
C GLY A 1040 -10.07 23.03 4.89
N VAL A 1041 -11.32 22.96 4.44
CA VAL A 1041 -12.00 24.14 3.91
C VAL A 1041 -12.20 25.17 5.02
N LEU A 1042 -12.71 24.75 6.18
CA LEU A 1042 -12.90 25.66 7.29
C LEU A 1042 -11.58 26.22 7.80
N THR A 1043 -10.54 25.39 7.86
CA THR A 1043 -9.24 25.89 8.33
C THR A 1043 -8.71 26.97 7.40
N SER A 1044 -8.87 26.79 6.09
CA SER A 1044 -8.50 27.84 5.14
C SER A 1044 -9.36 29.07 5.35
N MET A 1045 -10.65 28.88 5.60
CA MET A 1045 -11.53 30.01 5.84
C MET A 1045 -11.08 30.81 7.07
N ILE A 1046 -10.70 30.11 8.13
CA ILE A 1046 -10.28 30.80 9.35
C ILE A 1046 -8.93 31.47 9.15
N LEU A 1047 -8.00 30.80 8.45
CA LEU A 1047 -6.66 31.32 8.30
C LEU A 1047 -6.61 32.59 7.47
N PHE A 1048 -7.62 32.84 6.64
CA PHE A 1048 -7.64 34.04 5.80
C PHE A 1048 -8.53 35.14 6.35
N PHE A 1049 -9.65 34.79 6.98
CA PHE A 1049 -10.64 35.79 7.36
C PHE A 1049 -10.43 36.36 8.75
N ILE A 1050 -9.63 35.71 9.60
CA ILE A 1050 -9.28 36.31 10.88
C ILE A 1050 -8.19 37.36 10.65
N PRO A 1051 -7.13 37.07 9.90
CA PRO A 1051 -6.23 38.16 9.50
C PRO A 1051 -6.93 39.27 8.74
N LEU A 1052 -7.83 38.92 7.83
CA LEU A 1052 -8.52 39.92 7.03
C LEU A 1052 -9.19 40.96 7.91
N GLY A 1053 -9.83 40.52 9.00
CA GLY A 1053 -10.37 41.45 9.96
C GLY A 1053 -9.30 42.33 10.59
N ALA A 1054 -8.11 41.76 10.80
CA ALA A 1054 -7.02 42.49 11.45
C ALA A 1054 -6.23 43.37 10.47
N TYR A 1055 -6.37 43.18 9.17
CA TYR A 1055 -5.73 44.03 8.17
C TYR A 1055 -6.69 44.92 7.41
N LEU A 1056 -7.99 44.62 7.41
CA LEU A 1056 -8.94 45.45 6.67
C LEU A 1056 -8.90 46.89 7.12
N GLN A 1057 -8.67 47.14 8.42
CA GLN A 1057 -8.79 48.47 8.98
C GLN A 1057 -7.45 49.00 9.50
N THR A 1058 -6.79 48.32 10.42
CA THR A 1058 -5.50 48.79 10.90
C THR A 1058 -4.75 47.72 11.69
N VAL A 1059 -3.57 47.34 11.21
CA VAL A 1059 -2.59 46.62 12.03
C VAL A 1059 -1.78 47.69 12.73
N GLY A 1060 -0.96 47.31 13.70
CA GLY A 1060 -0.09 48.28 14.35
C GLY A 1060 0.68 49.07 13.31
N GLN A 1061 0.33 50.34 13.16
CA GLN A 1061 0.71 51.12 11.98
C GLN A 1061 1.53 52.34 12.40
N ASP A 1062 2.63 52.55 11.69
CA ASP A 1062 3.58 53.63 11.90
C ASP A 1062 4.52 53.62 10.70
N GLY A 1063 5.62 54.36 10.79
CA GLY A 1063 6.58 54.36 9.69
C GLY A 1063 7.05 52.97 9.32
N GLU A 1064 7.35 52.15 10.32
CA GLU A 1064 7.84 50.78 10.12
C GLU A 1064 6.72 49.82 10.51
N ALA A 1065 5.84 49.51 9.56
CA ALA A 1065 4.62 48.79 9.89
C ALA A 1065 4.24 47.74 8.85
N PRO A 1066 3.59 46.65 9.28
CA PRO A 1066 2.90 45.74 8.33
C PRO A 1066 1.61 46.34 7.80
N SER A 1067 0.73 45.51 7.22
CA SER A 1067 -0.39 45.89 6.36
C SER A 1067 0.05 46.06 4.91
N ASP A 1068 1.19 45.49 4.54
CA ASP A 1068 1.57 45.34 3.15
C ASP A 1068 0.84 44.13 2.58
N TYR A 1069 1.21 43.72 1.37
CA TYR A 1069 0.85 42.38 0.92
C TYR A 1069 1.84 41.35 1.43
N GLN A 1070 3.13 41.72 1.52
CA GLN A 1070 4.12 40.80 2.05
C GLN A 1070 3.83 40.43 3.49
N SER A 1071 3.47 41.42 4.32
CA SER A 1071 3.15 41.14 5.71
C SER A 1071 1.81 40.44 5.85
N PHE A 1072 0.88 40.72 4.95
CA PHE A 1072 -0.37 39.94 4.92
C PHE A 1072 -0.09 38.49 4.59
N ALA A 1073 0.81 38.23 3.63
CA ALA A 1073 1.16 36.87 3.28
C ALA A 1073 1.94 36.18 4.41
N VAL A 1074 2.71 36.95 5.18
CA VAL A 1074 3.47 36.36 6.27
C VAL A 1074 2.54 35.87 7.37
N THR A 1075 1.48 36.62 7.65
CA THR A 1075 0.58 36.27 8.74
C THR A 1075 -0.16 34.97 8.44
N ILE A 1076 -0.60 34.78 7.21
CA ILE A 1076 -1.30 33.54 6.86
C ILE A 1076 -0.33 32.37 6.84
N ALA A 1077 0.87 32.59 6.30
CA ALA A 1077 1.87 31.52 6.26
C ALA A 1077 2.28 31.10 7.66
N SER A 1078 2.54 32.07 8.54
CA SER A 1078 2.92 31.75 9.91
C SER A 1078 1.79 31.04 10.65
N ALA A 1079 0.56 31.53 10.50
CA ALA A 1079 -0.58 30.89 11.14
C ALA A 1079 -0.87 29.53 10.52
N LEU A 1080 -0.56 29.36 9.23
CA LEU A 1080 -0.78 28.08 8.57
C LEU A 1080 0.24 27.05 9.01
N VAL A 1081 1.51 27.44 9.09
CA VAL A 1081 2.57 26.51 9.45
C VAL A 1081 2.36 25.98 10.87
N ILE A 1082 2.07 26.88 11.80
CA ILE A 1082 1.88 26.47 13.19
C ILE A 1082 0.61 25.65 13.34
N THR A 1083 -0.45 26.01 12.61
CA THR A 1083 -1.72 25.30 12.74
C THR A 1083 -1.58 23.85 12.31
N VAL A 1084 -1.01 23.61 11.13
CA VAL A 1084 -0.92 22.24 10.62
C VAL A 1084 0.09 21.44 11.43
N ASN A 1085 1.21 22.05 11.81
CA ASN A 1085 2.19 21.35 12.62
C ASN A 1085 1.68 21.09 14.04
N PHE A 1086 0.66 21.83 14.48
CA PHE A 1086 -0.02 21.51 15.72
C PHE A 1086 -1.15 20.52 15.53
N GLN A 1087 -1.66 20.38 14.31
CA GLN A 1087 -2.68 19.36 14.03
C GLN A 1087 -2.08 17.97 13.96
N ILE A 1088 -0.88 17.85 13.39
CA ILE A 1088 -0.19 16.56 13.39
C ILE A 1088 0.20 16.17 14.80
N GLY A 1089 0.55 17.14 15.64
CA GLY A 1089 0.85 16.82 17.03
C GLY A 1089 -0.31 16.15 17.74
N LEU A 1090 -1.54 16.57 17.44
CA LEU A 1090 -2.70 15.88 17.97
C LEU A 1090 -2.86 14.49 17.35
N ASP A 1091 -2.48 14.34 16.08
CA ASP A 1091 -2.70 13.07 15.39
C ASP A 1091 -1.76 11.99 15.89
N THR A 1092 -0.48 12.31 16.04
CA THR A 1092 0.50 11.32 16.46
C THR A 1092 0.26 10.90 17.91
N SER A 1093 -0.19 9.67 18.10
CA SER A 1093 -0.39 9.11 19.43
C SER A 1093 0.86 8.42 19.98
N TYR A 1094 1.95 8.42 19.22
CA TYR A 1094 3.22 7.81 19.63
C TYR A 1094 4.29 8.88 19.48
N TRP A 1095 4.60 9.58 20.57
CA TRP A 1095 5.43 10.78 20.53
C TRP A 1095 6.88 10.39 20.82
N THR A 1096 7.56 9.89 19.79
CA THR A 1096 8.98 9.64 19.90
C THR A 1096 9.74 10.96 19.85
N PHE A 1097 10.99 10.95 20.32
CA PHE A 1097 11.78 12.17 20.31
C PHE A 1097 11.94 12.72 18.90
N VAL A 1098 12.04 11.85 17.91
CA VAL A 1098 12.12 12.31 16.52
C VAL A 1098 10.80 12.94 16.11
N ASN A 1099 9.67 12.38 16.57
CA ASN A 1099 8.38 12.99 16.28
C ASN A 1099 8.28 14.39 16.89
N ALA A 1100 8.72 14.54 18.15
CA ALA A 1100 8.69 15.85 18.78
C ALA A 1100 9.65 16.81 18.08
N PHE A 1101 10.85 16.35 17.74
CA PHE A 1101 11.82 17.21 17.07
C PHE A 1101 11.30 17.66 15.71
N SER A 1102 10.72 16.73 14.94
CA SER A 1102 10.24 17.07 13.61
C SER A 1102 9.11 18.08 13.66
N ILE A 1103 8.17 17.90 14.58
CA ILE A 1103 7.01 18.80 14.66
C ILE A 1103 7.44 20.19 15.10
N PHE A 1104 8.25 20.27 16.16
CA PHE A 1104 8.76 21.56 16.61
C PHE A 1104 9.92 22.05 15.76
N GLY A 1105 10.63 21.15 15.08
CA GLY A 1105 11.68 21.58 14.19
C GLY A 1105 11.16 22.19 12.90
N SER A 1106 10.04 21.68 12.39
CA SER A 1106 9.43 22.25 11.20
C SER A 1106 8.96 23.68 11.45
N ILE A 1107 8.33 23.91 12.60
CA ILE A 1107 7.92 25.26 12.97
C ILE A 1107 9.14 26.14 13.21
N ALA A 1108 10.13 25.62 13.95
CA ALA A 1108 11.33 26.40 14.22
C ALA A 1108 12.10 26.68 12.92
N LEU A 1109 12.14 25.71 12.02
CA LEU A 1109 12.82 25.91 10.75
C LEU A 1109 12.14 27.00 9.93
N TYR A 1110 10.81 27.01 9.90
CA TYR A 1110 10.10 28.02 9.13
C TYR A 1110 10.45 29.42 9.61
N PHE A 1111 10.47 29.63 10.91
CA PHE A 1111 10.83 30.94 11.46
C PHE A 1111 12.33 31.18 11.38
N GLY A 1112 13.14 30.12 11.41
CA GLY A 1112 14.57 30.30 11.23
C GLY A 1112 14.91 30.80 9.84
N ILE A 1113 14.21 30.30 8.82
CA ILE A 1113 14.51 30.68 7.44
C ILE A 1113 14.24 32.16 7.24
N MET A 1114 13.11 32.65 7.74
CA MET A 1114 12.65 34.01 7.49
C MET A 1114 13.03 34.96 8.61
N PHE A 1115 14.16 34.71 9.28
CA PHE A 1115 14.77 35.61 10.25
C PHE A 1115 16.26 35.71 9.99
N ASP A 1116 16.61 35.86 8.70
CA ASP A 1116 17.99 35.91 8.23
C ASP A 1116 18.83 34.77 8.82
N PHE A 1117 18.19 33.62 9.01
CA PHE A 1117 18.87 32.41 9.49
C PHE A 1117 19.56 32.67 10.82
N THR A 1135 12.71 42.17 5.73
CA THR A 1135 11.41 42.39 5.10
C THR A 1135 10.33 41.64 5.84
N ALA A 1136 10.26 40.32 5.63
CA ALA A 1136 9.25 39.51 6.30
C ALA A 1136 9.55 39.36 7.79
N SER A 1137 10.80 39.57 8.21
CA SER A 1137 11.12 39.53 9.62
C SER A 1137 10.62 40.78 10.35
N ASN A 1138 10.25 41.83 9.62
CA ASN A 1138 9.68 43.01 10.24
C ASN A 1138 8.23 42.77 10.68
N ALA A 1139 7.47 42.01 9.90
CA ALA A 1139 6.09 41.73 10.26
C ALA A 1139 6.01 40.94 11.55
N LEU A 1140 6.88 39.94 11.72
CA LEU A 1140 6.84 39.08 12.89
C LEU A 1140 7.45 39.72 14.13
N ARG A 1141 7.93 40.96 14.03
CA ARG A 1141 8.54 41.66 15.16
C ARG A 1141 7.60 42.70 15.77
N GLN A 1142 6.30 42.46 15.75
CA GLN A 1142 5.32 43.39 16.28
C GLN A 1142 4.23 42.63 17.02
N PRO A 1143 3.61 43.26 18.03
CA PRO A 1143 2.58 42.51 18.80
C PRO A 1143 1.34 42.16 17.99
N TYR A 1144 0.81 43.11 17.22
CA TYR A 1144 -0.47 42.85 16.54
C TYR A 1144 -0.36 41.68 15.57
N ILE A 1145 0.77 41.56 14.89
CA ILE A 1145 0.96 40.43 13.97
C ILE A 1145 0.97 39.12 14.76
N TRP A 1146 1.64 39.11 15.91
CA TRP A 1146 1.71 37.88 16.69
C TRP A 1146 0.40 37.58 17.39
N LEU A 1147 -0.31 38.62 17.84
CA LEU A 1147 -1.63 38.41 18.43
C LEU A 1147 -2.59 37.81 17.40
N THR A 1148 -2.51 38.28 16.16
CA THR A 1148 -3.32 37.69 15.10
C THR A 1148 -2.92 36.24 14.83
N ILE A 1149 -1.62 35.96 14.83
CA ILE A 1149 -1.16 34.60 14.56
C ILE A 1149 -1.52 33.68 15.71
N ILE A 1150 -1.42 34.18 16.96
CA ILE A 1150 -1.82 33.38 18.11
C ILE A 1150 -3.31 33.08 18.06
N LEU A 1151 -4.10 33.97 17.43
CA LEU A 1151 -5.53 33.76 17.35
C LEU A 1151 -5.88 32.77 16.25
N THR A 1152 -5.40 33.01 15.03
CA THR A 1152 -5.72 32.10 13.93
C THR A 1152 -5.29 30.68 14.23
N VAL A 1153 -4.22 30.50 15.02
CA VAL A 1153 -3.81 29.17 15.42
C VAL A 1153 -4.82 28.55 16.36
N ALA A 1154 -5.26 29.31 17.37
CA ALA A 1154 -6.13 28.74 18.39
C ALA A 1154 -7.54 28.51 17.85
N VAL A 1155 -8.09 29.46 17.10
CA VAL A 1155 -9.43 29.28 16.55
C VAL A 1155 -9.46 28.07 15.62
N CYS A 1156 -8.35 27.77 14.95
CA CYS A 1156 -8.29 26.61 14.09
C CYS A 1156 -8.18 25.31 14.87
N LEU A 1157 -7.54 25.34 16.04
CA LEU A 1157 -7.20 24.13 16.80
C LEU A 1157 -8.18 23.84 17.92
N LEU A 1158 -8.65 24.85 18.63
CA LEU A 1158 -9.54 24.60 19.76
C LEU A 1158 -10.81 23.85 19.37
N PRO A 1159 -11.50 24.19 18.27
CA PRO A 1159 -12.63 23.33 17.86
C PRO A 1159 -12.20 21.90 17.56
N VAL A 1160 -10.96 21.69 17.11
CA VAL A 1160 -10.48 20.33 16.86
C VAL A 1160 -10.31 19.58 18.17
N VAL A 1161 -9.74 20.24 19.18
CA VAL A 1161 -9.54 19.58 20.47
C VAL A 1161 -10.88 19.22 21.09
N ALA A 1162 -11.85 20.13 21.02
CA ALA A 1162 -13.18 19.85 21.57
C ALA A 1162 -13.85 18.71 20.82
N ILE A 1163 -13.81 18.74 19.49
CA ILE A 1163 -14.45 17.71 18.69
C ILE A 1163 -13.78 16.36 18.92
N ARG A 1164 -12.44 16.34 18.91
CA ARG A 1164 -11.72 15.09 19.13
C ARG A 1164 -11.99 14.54 20.52
N PHE A 1165 -11.97 15.41 21.53
CA PHE A 1165 -12.21 14.95 22.89
C PHE A 1165 -13.63 14.41 23.05
N LEU A 1166 -14.62 15.11 22.50
CA LEU A 1166 -16.00 14.65 22.60
C LEU A 1166 -16.19 13.34 21.83
N SER A 1167 -15.55 13.21 20.67
CA SER A 1167 -15.76 12.02 19.85
C SER A 1167 -15.30 10.76 20.58
N MET A 1168 -14.14 10.81 21.24
CA MET A 1168 -13.65 9.63 21.95
C MET A 1168 -14.41 9.41 23.25
N THR A 1169 -14.78 10.48 23.94
CA THR A 1169 -15.54 10.32 25.19
C THR A 1169 -16.91 9.72 24.92
N ILE A 1170 -17.64 10.30 23.95
CA ILE A 1170 -18.97 9.79 23.64
C ILE A 1170 -18.89 8.44 22.95
N TRP A 1171 -17.96 8.29 21.99
CA TRP A 1171 -17.84 7.08 21.18
C TRP A 1171 -16.37 6.62 21.18
N PRO A 1172 -15.88 6.13 22.31
CA PRO A 1172 -14.50 5.63 22.35
C PRO A 1172 -14.33 4.43 21.44
N SER A 1173 -13.26 4.43 20.65
CA SER A 1173 -12.97 3.32 19.77
C SER A 1173 -12.35 2.17 20.55
N GLU A 1174 -12.22 1.02 19.88
CA GLU A 1174 -11.65 -0.16 20.54
C GLU A 1174 -10.22 0.10 20.97
N SER A 1175 -9.43 0.76 20.12
CA SER A 1175 -8.08 1.14 20.51
C SER A 1175 -8.11 2.12 21.68
N ASP A 1176 -9.06 3.05 21.68
CA ASP A 1176 -9.17 4.01 22.77
C ASP A 1176 -9.42 3.30 24.10
N LYS A 1177 -10.32 2.31 24.10
CA LYS A 1177 -10.61 1.59 25.34
C LYS A 1177 -9.37 0.90 25.89
N ILE A 1178 -8.60 0.24 25.01
CA ILE A 1178 -7.38 -0.43 25.46
C ILE A 1178 -6.36 0.60 25.92
N GLN A 1179 -6.22 1.70 25.19
CA GLN A 1179 -5.35 2.78 25.66
C GLN A 1179 -5.86 3.37 26.98
N LYS A 1180 -7.17 3.56 27.10
CA LYS A 1180 -7.71 4.08 28.36
C LYS A 1180 -7.49 3.09 29.50
N HIS A 1181 -7.61 1.79 29.22
CA HIS A 1181 -7.36 0.75 30.20
C HIS A 1181 -5.94 0.24 30.16
N ARG A 1182 -5.06 0.85 29.37
CA ARG A 1182 -3.66 0.43 29.29
C ARG A 1182 -2.97 0.64 30.64
N LYS B 28 17.75 -17.02 4.19
CA LYS B 28 17.91 -15.86 3.33
C LYS B 28 19.23 -15.13 3.64
N THR B 29 19.22 -14.35 4.72
CA THR B 29 20.38 -13.56 5.11
C THR B 29 20.56 -13.66 6.63
N ARG B 30 21.54 -12.93 7.15
CA ARG B 30 21.88 -13.02 8.55
C ARG B 30 20.77 -12.41 9.42
N ARG B 31 20.96 -12.47 10.73
CA ARG B 31 19.97 -12.00 11.67
C ARG B 31 19.84 -10.47 11.57
N PRO B 32 18.61 -9.93 11.57
CA PRO B 32 18.48 -8.47 11.62
C PRO B 32 19.07 -7.90 12.91
N ASP B 33 19.68 -6.73 12.80
CA ASP B 33 20.26 -6.10 13.98
C ASP B 33 19.17 -5.67 14.95
N ASN B 34 19.46 -5.77 16.24
CA ASN B 34 18.52 -5.42 17.30
C ASN B 34 18.76 -3.98 17.69
N THR B 35 17.87 -3.08 17.24
CA THR B 35 17.96 -1.67 17.57
C THR B 35 16.55 -1.12 17.72
N ALA B 36 16.45 0.00 18.46
CA ALA B 36 15.15 0.51 18.84
C ALA B 36 14.32 0.92 17.63
N PHE B 37 14.94 1.61 16.67
CA PHE B 37 14.19 2.10 15.52
C PHE B 37 13.68 0.95 14.66
N LYS B 38 14.55 -0.02 14.37
CA LYS B 38 14.19 -1.08 13.43
C LYS B 38 13.12 -2.00 14.00
N GLN B 39 13.18 -2.27 15.31
CA GLN B 39 12.23 -3.16 15.96
C GLN B 39 10.95 -2.44 16.39
N GLN B 40 10.79 -1.17 16.02
CA GLN B 40 9.58 -0.42 16.34
C GLN B 40 9.33 -0.38 17.85
N ARG B 41 10.40 -0.17 18.61
CA ARG B 41 10.32 -0.06 20.07
C ARG B 41 11.05 1.20 20.54
N LEU B 42 10.98 2.25 19.74
CA LEU B 42 11.60 3.52 20.13
C LEU B 42 10.91 4.04 21.39
N PRO B 43 11.67 4.57 22.37
CA PRO B 43 11.00 5.16 23.54
C PRO B 43 10.07 6.29 23.12
N ALA B 44 8.90 6.32 23.76
CA ALA B 44 7.90 7.33 23.41
C ALA B 44 6.93 7.48 24.55
N TRP B 45 6.21 8.60 24.54
CA TRP B 45 5.12 8.86 25.47
C TRP B 45 3.82 8.85 24.69
N GLN B 46 2.84 8.10 25.18
CA GLN B 46 1.54 8.02 24.53
C GLN B 46 0.62 9.06 25.16
N PRO B 47 0.26 10.15 24.46
CA PRO B 47 -0.65 11.12 25.07
C PRO B 47 -2.11 10.80 24.82
N ILE B 48 -2.89 10.73 25.88
CA ILE B 48 -4.33 10.51 25.80
C ILE B 48 -5.03 11.82 26.15
N LEU B 49 -6.03 12.18 25.36
CA LEU B 49 -6.76 13.42 25.62
C LEU B 49 -7.67 13.23 26.83
N THR B 50 -7.07 13.10 28.01
CA THR B 50 -7.83 12.93 29.23
C THR B 50 -8.49 14.25 29.63
N ALA B 51 -9.64 14.13 30.31
CA ALA B 51 -10.41 15.30 30.70
C ALA B 51 -9.65 16.21 31.66
N GLY B 52 -8.59 15.73 32.29
CA GLY B 52 -7.79 16.56 33.17
C GLY B 52 -6.81 17.46 32.47
N THR B 53 -6.71 17.38 31.15
CA THR B 53 -5.80 18.20 30.35
C THR B 53 -6.52 19.10 29.36
N VAL B 54 -7.55 18.60 28.68
CA VAL B 54 -8.27 19.43 27.72
C VAL B 54 -9.05 20.52 28.45
N LEU B 55 -9.63 20.19 29.61
CA LEU B 55 -10.42 21.17 30.35
C LEU B 55 -9.59 22.39 30.76
N PRO B 56 -8.40 22.25 31.34
CA PRO B 56 -7.59 23.45 31.63
C PRO B 56 -7.34 24.31 30.40
N ILE B 57 -6.82 23.73 29.32
CA ILE B 57 -6.49 24.54 28.13
C ILE B 57 -7.71 25.17 27.48
N PHE B 58 -8.91 24.84 27.93
CA PHE B 58 -10.12 25.56 27.54
C PHE B 58 -10.54 26.63 28.53
N PHE B 59 -9.99 26.60 29.74
CA PHE B 59 -10.24 27.63 30.76
C PHE B 59 -9.10 28.63 30.88
N ILE B 60 -7.85 28.17 30.90
CA ILE B 60 -6.73 29.10 30.92
C ILE B 60 -6.69 29.93 29.64
N ILE B 61 -6.99 29.30 28.50
CA ILE B 61 -7.08 30.06 27.25
C ILE B 61 -8.26 31.04 27.32
N GLY B 62 -9.41 30.57 27.81
CA GLY B 62 -10.55 31.44 28.00
C GLY B 62 -10.36 32.47 29.11
N LEU B 63 -9.32 32.31 29.93
CA LEU B 63 -8.98 33.26 30.98
C LEU B 63 -7.88 34.21 30.57
N ILE B 64 -7.03 33.82 29.62
CA ILE B 64 -5.96 34.71 29.14
C ILE B 64 -6.44 35.62 28.02
N PHE B 65 -7.31 35.11 27.15
CA PHE B 65 -7.72 35.90 25.99
C PHE B 65 -8.63 37.05 26.37
N ILE B 66 -9.47 36.87 27.38
CA ILE B 66 -10.38 37.94 27.79
C ILE B 66 -9.62 39.17 28.27
N PRO B 67 -8.70 39.08 29.24
CA PRO B 67 -7.95 40.28 29.64
C PRO B 67 -7.16 40.89 28.51
N ILE B 68 -6.58 40.08 27.63
CA ILE B 68 -5.92 40.62 26.45
C ILE B 68 -6.94 41.20 25.49
N GLY B 69 -8.11 40.57 25.39
CA GLY B 69 -9.17 41.11 24.55
C GLY B 69 -9.68 42.44 25.07
N ILE B 70 -9.78 42.59 26.39
CA ILE B 70 -10.15 43.87 26.97
C ILE B 70 -9.02 44.87 26.79
N GLY B 71 -7.77 44.42 26.94
CA GLY B 71 -6.64 45.33 26.78
C GLY B 71 -6.55 45.89 25.38
N ILE B 72 -6.77 45.06 24.37
CA ILE B 72 -6.75 45.54 22.99
C ILE B 72 -7.94 46.45 22.73
N PHE B 73 -9.14 46.02 23.14
CA PHE B 73 -10.34 46.80 22.85
C PHE B 73 -10.32 48.15 23.55
N VAL B 74 -9.91 48.18 24.82
CA VAL B 74 -9.94 49.42 25.58
C VAL B 74 -8.91 50.41 25.02
N THR B 75 -7.73 49.90 24.64
CA THR B 75 -6.69 50.78 24.13
C THR B 75 -7.03 51.31 22.75
N SER B 76 -7.65 50.49 21.90
CA SER B 76 -8.01 50.92 20.56
C SER B 76 -9.02 52.06 20.60
N ASN B 77 -9.99 51.98 21.51
CA ASN B 77 -10.99 53.03 21.63
C ASN B 77 -10.41 54.33 22.17
N ASN B 78 -9.23 54.28 22.78
CA ASN B 78 -8.57 55.46 23.32
C ASN B 78 -7.67 56.15 22.30
N ILE B 79 -7.68 55.70 21.05
CA ILE B 79 -6.86 56.28 19.99
C ILE B 79 -7.75 57.21 19.18
N ARG B 80 -7.48 58.51 19.25
CA ARG B 80 -8.25 59.47 18.48
C ARG B 80 -7.96 59.31 16.99
N GLU B 81 -9.00 59.44 16.18
CA GLU B 81 -8.86 59.27 14.74
C GLU B 81 -9.95 60.05 14.02
N ILE B 82 -9.56 60.88 13.06
CA ILE B 82 -10.48 61.61 12.20
C ILE B 82 -10.12 61.27 10.76
N GLU B 83 -11.14 60.94 9.97
CA GLU B 83 -10.96 60.45 8.60
C GLU B 83 -11.89 61.23 7.68
N ILE B 84 -11.29 61.98 6.75
CA ILE B 84 -12.03 62.86 5.85
C ILE B 84 -12.04 62.23 4.46
N ASP B 85 -13.23 62.05 3.90
CA ASP B 85 -13.42 61.48 2.57
C ASP B 85 -13.67 62.63 1.60
N TYR B 86 -12.64 63.01 0.85
CA TYR B 86 -12.66 64.21 0.02
C TYR B 86 -12.68 63.91 -1.48
N THR B 87 -13.11 62.71 -1.88
CA THR B 87 -13.19 62.41 -3.30
C THR B 87 -14.24 63.25 -4.00
N GLY B 88 -15.25 63.70 -3.26
CA GLY B 88 -16.24 64.61 -3.82
C GLY B 88 -17.21 63.98 -4.79
N THR B 89 -17.42 62.66 -4.72
CA THR B 89 -18.32 62.00 -5.66
C THR B 89 -19.75 62.50 -5.50
N GLU B 90 -20.20 62.67 -4.26
CA GLU B 90 -21.58 63.06 -4.01
C GLU B 90 -21.75 64.57 -4.14
N PRO B 91 -22.62 65.06 -5.04
CA PRO B 91 -22.90 66.51 -5.08
C PRO B 91 -23.28 67.10 -3.73
N SER B 92 -23.35 68.43 -3.67
CA SER B 92 -23.60 69.17 -2.44
C SER B 92 -22.42 69.09 -1.48
N SER B 93 -21.21 69.00 -2.04
CA SER B 93 -19.96 69.04 -1.30
C SER B 93 -19.05 70.08 -1.93
N PRO B 94 -18.18 70.74 -1.14
CA PRO B 94 -17.31 71.75 -1.74
C PRO B 94 -16.04 71.13 -2.32
N CYS B 95 -16.18 70.02 -3.04
CA CYS B 95 -15.04 69.41 -3.70
C CYS B 95 -15.41 68.76 -5.03
N ASN B 96 -16.65 68.88 -5.50
CA ASN B 96 -17.07 68.21 -6.71
C ASN B 96 -16.43 68.81 -7.96
N LYS B 97 -15.98 70.06 -7.88
CA LYS B 97 -15.45 70.74 -9.07
C LYS B 97 -14.27 70.02 -9.68
N CYS B 98 -13.55 69.20 -8.92
CA CYS B 98 -12.35 68.54 -9.41
C CYS B 98 -12.62 67.18 -10.05
N LEU B 99 -13.87 66.72 -10.06
CA LEU B 99 -14.18 65.49 -10.79
C LEU B 99 -14.07 65.67 -12.29
N SER B 100 -14.19 66.91 -12.77
CA SER B 100 -14.05 67.24 -14.19
C SER B 100 -13.04 68.38 -14.30
N PRO B 101 -11.75 68.08 -14.13
CA PRO B 101 -10.75 69.15 -14.06
C PRO B 101 -10.42 69.75 -15.42
N ASP B 102 -11.22 70.73 -15.85
CA ASP B 102 -10.90 71.45 -17.08
C ASP B 102 -9.55 72.14 -16.96
N VAL B 103 -9.27 72.76 -15.82
CA VAL B 103 -7.97 73.34 -15.52
C VAL B 103 -7.22 72.34 -14.65
N THR B 104 -6.01 71.96 -15.09
CA THR B 104 -5.34 70.81 -14.48
C THR B 104 -5.10 70.97 -12.99
N PRO B 105 -4.57 72.10 -12.48
CA PRO B 105 -4.42 72.24 -11.02
C PRO B 105 -5.75 72.59 -10.37
N CYS B 106 -6.33 71.62 -9.68
CA CYS B 106 -7.59 71.78 -8.98
C CYS B 106 -7.34 71.72 -7.48
N PHE B 107 -7.84 72.73 -6.76
CA PHE B 107 -7.64 72.84 -5.32
C PHE B 107 -8.96 72.62 -4.60
N CYS B 108 -8.94 71.74 -3.61
CA CYS B 108 -10.13 71.32 -2.87
C CYS B 108 -9.91 71.59 -1.39
N THR B 109 -10.90 72.18 -0.73
CA THR B 109 -10.82 72.52 0.69
C THR B 109 -12.02 71.96 1.42
N ILE B 110 -11.76 71.27 2.53
CA ILE B 110 -12.80 70.65 3.35
C ILE B 110 -12.50 70.97 4.81
N ASN B 111 -13.54 71.30 5.57
CA ASN B 111 -13.40 71.71 6.96
C ASN B 111 -13.83 70.58 7.89
N PHE B 112 -12.99 70.29 8.88
CA PHE B 112 -13.30 69.31 9.91
C PHE B 112 -12.90 69.87 11.27
N THR B 113 -13.58 69.38 12.31
CA THR B 113 -13.39 69.87 13.67
C THR B 113 -12.78 68.76 14.53
N LEU B 114 -11.76 69.11 15.31
CA LEU B 114 -11.15 68.21 16.27
C LEU B 114 -11.74 68.53 17.64
N GLU B 115 -12.66 67.68 18.10
CA GLU B 115 -13.30 67.91 19.39
C GLU B 115 -12.32 67.69 20.54
N LYS B 116 -11.51 66.63 20.46
CA LYS B 116 -10.53 66.30 21.48
C LYS B 116 -9.13 66.48 20.91
N SER B 117 -8.30 67.21 21.64
CA SER B 117 -6.95 67.49 21.17
C SER B 117 -6.15 66.20 21.03
N PHE B 118 -5.47 66.05 19.90
CA PHE B 118 -4.60 64.90 19.69
C PHE B 118 -3.35 65.03 20.53
N GLU B 119 -2.89 63.92 21.09
CA GLU B 119 -1.73 63.90 21.97
C GLU B 119 -0.60 63.11 21.33
N GLY B 120 0.64 63.56 21.58
CA GLY B 120 1.80 62.85 21.08
C GLY B 120 1.93 62.96 19.56
N ASN B 121 2.74 62.05 19.01
CA ASN B 121 2.96 62.02 17.57
C ASN B 121 1.66 61.69 16.86
N VAL B 122 1.38 62.42 15.78
CA VAL B 122 0.18 62.25 14.99
C VAL B 122 0.58 61.86 13.58
N PHE B 123 0.00 60.79 13.07
CA PHE B 123 0.34 60.23 11.77
C PHE B 123 -0.72 60.61 10.75
N MET B 124 -0.27 61.07 9.58
CA MET B 124 -1.15 61.53 8.51
C MET B 124 -1.06 60.53 7.36
N TYR B 125 -2.14 59.81 7.11
CA TYR B 125 -2.23 58.83 6.04
C TYR B 125 -3.07 59.38 4.91
N TYR B 126 -3.11 58.64 3.80
CA TYR B 126 -4.11 58.84 2.76
C TYR B 126 -4.71 57.49 2.40
N GLY B 127 -6.04 57.46 2.27
CA GLY B 127 -6.74 56.22 2.00
C GLY B 127 -7.23 56.13 0.57
N LEU B 128 -7.45 54.89 0.13
CA LEU B 128 -8.02 54.63 -1.19
C LEU B 128 -8.88 53.38 -1.08
N SER B 129 -10.13 53.49 -1.50
CA SER B 129 -11.09 52.39 -1.47
C SER B 129 -11.43 51.95 -2.88
N ASN B 130 -11.74 50.66 -3.01
CA ASN B 130 -12.00 50.05 -4.32
C ASN B 130 -10.83 50.27 -5.28
N PHE B 131 -9.62 50.27 -4.74
CA PHE B 131 -8.38 50.44 -5.49
C PHE B 131 -7.59 49.16 -5.33
N TYR B 132 -7.79 48.24 -6.26
CA TYR B 132 -7.21 46.90 -6.18
C TYR B 132 -5.72 46.97 -6.50
N GLN B 133 -4.92 47.28 -5.48
CA GLN B 133 -3.47 47.19 -5.59
C GLN B 133 -2.97 45.76 -5.47
N ASN B 134 -3.85 44.81 -5.17
CA ASN B 134 -3.49 43.40 -5.05
C ASN B 134 -3.84 42.58 -6.29
N HIS B 135 -4.19 43.24 -7.39
CA HIS B 135 -4.45 42.53 -8.64
C HIS B 135 -3.18 41.86 -9.13
N ARG B 136 -3.33 40.68 -9.72
CA ARG B 136 -2.16 39.95 -10.22
C ARG B 136 -1.45 40.74 -11.32
N ARG B 137 -2.21 41.29 -12.27
CA ARG B 137 -1.60 42.05 -13.35
C ARG B 137 -0.95 43.34 -12.86
N TYR B 138 -1.31 43.81 -11.67
CA TYR B 138 -0.77 45.03 -11.09
C TYR B 138 0.35 44.77 -10.10
N VAL B 139 0.20 43.76 -9.24
CA VAL B 139 1.23 43.46 -8.25
C VAL B 139 2.54 43.11 -8.92
N LYS B 140 2.49 42.26 -9.96
CA LYS B 140 3.70 41.84 -10.64
C LYS B 140 4.29 42.96 -11.49
N SER B 141 3.51 43.96 -11.86
CA SER B 141 3.94 44.95 -12.84
C SER B 141 4.98 45.91 -12.25
N ARG B 142 6.16 45.38 -11.92
CA ARG B 142 7.28 46.19 -11.48
C ARG B 142 8.56 45.42 -11.78
N ASP B 143 9.67 46.13 -11.79
CA ASP B 143 10.99 45.54 -11.98
C ASP B 143 11.75 45.72 -10.67
N ASP B 144 11.84 44.65 -9.89
CA ASP B 144 12.51 44.71 -8.60
C ASP B 144 13.99 45.04 -8.76
N SER B 145 14.62 44.48 -9.80
CA SER B 145 16.05 44.71 -10.02
C SER B 145 16.33 46.19 -10.27
N GLN B 146 15.50 46.85 -11.08
CA GLN B 146 15.73 48.25 -11.39
C GLN B 146 15.64 49.12 -10.15
N LEU B 147 14.65 48.86 -9.29
CA LEU B 147 14.50 49.67 -8.08
C LEU B 147 15.70 49.51 -7.15
N ASN B 148 16.33 48.34 -7.15
CA ASN B 148 17.52 48.13 -6.32
C ASN B 148 18.73 48.91 -6.84
N GLY B 149 18.66 49.47 -8.04
CA GLY B 149 19.78 50.20 -8.60
C GLY B 149 20.62 49.35 -9.52
N ASP B 150 19.98 48.46 -10.26
CA ASP B 150 20.69 47.57 -11.19
C ASP B 150 20.91 48.34 -12.49
N SER B 151 22.14 48.81 -12.70
CA SER B 151 22.45 49.59 -13.89
C SER B 151 22.18 48.80 -15.16
N SER B 152 22.36 47.47 -15.11
CA SER B 152 22.06 46.65 -16.28
C SER B 152 20.58 46.74 -16.64
N ALA B 153 19.70 46.70 -15.65
CA ALA B 153 18.26 46.80 -15.86
C ALA B 153 17.75 48.23 -15.80
N LEU B 154 18.61 49.21 -15.48
CA LEU B 154 18.16 50.60 -15.46
C LEU B 154 17.71 51.04 -16.84
N LEU B 155 18.48 50.71 -17.87
CA LEU B 155 18.12 50.98 -19.25
C LEU B 155 17.52 49.77 -19.96
N ASN B 156 17.36 48.65 -19.26
CA ASN B 156 16.74 47.44 -19.81
C ASN B 156 15.76 46.87 -18.80
N PRO B 157 14.62 47.54 -18.58
CA PRO B 157 13.62 46.99 -17.68
C PRO B 157 13.07 45.67 -18.22
N SER B 158 12.69 44.79 -17.29
CA SER B 158 12.30 43.44 -17.65
C SER B 158 10.95 43.44 -18.37
N LYS B 159 10.64 42.28 -18.97
CA LYS B 159 9.30 42.06 -19.52
C LYS B 159 8.22 42.17 -18.47
N GLU B 160 8.56 42.02 -17.20
CA GLU B 160 7.55 41.99 -16.15
C GLU B 160 6.77 43.30 -16.09
N CYS B 161 7.45 44.43 -16.27
CA CYS B 161 6.78 45.73 -16.43
C CYS B 161 6.60 46.06 -17.91
N GLU B 162 5.94 45.15 -18.64
CA GLU B 162 5.82 45.30 -20.09
C GLU B 162 5.05 46.55 -20.49
N PRO B 163 3.85 46.84 -19.96
CA PRO B 163 3.04 47.93 -20.53
C PRO B 163 3.68 49.30 -20.40
N TYR B 164 4.64 49.47 -19.50
CA TYR B 164 5.34 50.73 -19.29
C TYR B 164 6.85 50.51 -19.31
N ARG B 165 7.30 49.60 -20.18
CA ARG B 165 8.73 49.36 -20.32
C ARG B 165 9.43 50.56 -20.94
N ARG B 166 8.89 51.05 -22.06
CA ARG B 166 9.45 52.19 -22.78
C ARG B 166 8.32 53.11 -23.19
N ASN B 167 8.56 54.42 -23.15
CA ASN B 167 7.52 55.38 -23.48
C ASN B 167 7.34 55.51 -24.99
N GLU B 168 8.35 56.03 -25.69
CA GLU B 168 8.39 55.99 -27.14
C GLU B 168 9.63 55.29 -27.67
N ASP B 169 10.81 55.63 -27.18
CA ASP B 169 12.08 55.06 -27.64
C ASP B 169 12.99 54.61 -26.51
N LYS B 170 13.02 55.35 -25.40
CA LYS B 170 13.91 55.09 -24.29
C LYS B 170 13.10 54.62 -23.07
N PRO B 171 13.74 53.88 -22.15
CA PRO B 171 12.96 53.19 -21.12
C PRO B 171 12.49 54.11 -20.01
N ILE B 172 11.41 53.69 -19.37
CA ILE B 172 10.85 54.39 -18.22
C ILE B 172 11.62 53.97 -16.99
N ALA B 173 12.14 54.94 -16.23
CA ALA B 173 12.99 54.59 -15.09
C ALA B 173 12.20 53.87 -14.01
N PRO B 174 11.17 54.47 -13.37
CA PRO B 174 10.26 53.58 -12.60
C PRO B 174 9.25 52.87 -13.49
N CYS B 175 9.69 51.80 -14.13
CA CYS B 175 8.80 51.04 -15.00
C CYS B 175 7.71 50.34 -14.18
N GLY B 176 6.67 49.93 -14.87
CA GLY B 176 5.60 49.15 -14.27
C GLY B 176 4.38 49.98 -13.96
N ALA B 177 3.24 49.29 -13.84
CA ALA B 177 2.00 49.96 -13.50
C ALA B 177 2.02 50.48 -12.07
N ILE B 178 2.77 49.82 -11.17
CA ILE B 178 2.76 50.22 -9.77
C ILE B 178 3.38 51.60 -9.62
N ALA B 179 4.51 51.85 -10.30
CA ALA B 179 5.14 53.17 -10.23
C ALA B 179 4.41 54.20 -11.07
N ASN B 180 3.83 53.77 -12.20
CA ASN B 180 3.13 54.71 -13.07
C ASN B 180 1.93 55.33 -12.37
N SER B 181 1.06 54.51 -11.79
CA SER B 181 -0.15 55.00 -11.16
C SER B 181 0.10 55.43 -9.73
N MET B 182 1.06 56.32 -9.51
CA MET B 182 1.39 56.74 -8.16
C MET B 182 0.43 57.82 -7.68
N PHE B 183 0.15 57.80 -6.38
CA PHE B 183 -0.71 58.80 -5.76
C PHE B 183 0.03 60.13 -5.68
N ASN B 184 -0.48 61.15 -6.39
CA ASN B 184 0.22 62.41 -6.54
C ASN B 184 -0.60 63.61 -6.06
N ASP B 185 -1.58 63.41 -5.17
CA ASP B 185 -2.23 64.54 -4.54
C ASP B 185 -1.32 65.16 -3.50
N THR B 186 -1.54 66.46 -3.25
CA THR B 186 -0.79 67.21 -2.24
C THR B 186 -1.74 67.60 -1.12
N LEU B 187 -1.35 67.31 0.11
CA LEU B 187 -2.17 67.55 1.29
C LEU B 187 -1.47 68.54 2.20
N GLU B 188 -2.21 69.55 2.66
CA GLU B 188 -1.70 70.56 3.57
C GLU B 188 -2.70 70.78 4.69
N LEU B 189 -2.20 70.82 5.92
CA LEU B 189 -3.04 70.97 7.11
C LEU B 189 -2.96 72.41 7.60
N PHE B 190 -4.12 73.03 7.81
CA PHE B 190 -4.20 74.40 8.29
C PHE B 190 -5.11 74.44 9.51
N LEU B 191 -4.63 75.09 10.57
CA LEU B 191 -5.41 75.28 11.79
C LEU B 191 -6.08 76.65 11.73
N ILE B 192 -7.41 76.66 11.85
CA ILE B 192 -8.18 77.90 11.85
C ILE B 192 -8.14 78.46 13.28
N GLY B 193 -7.20 79.35 13.54
CA GLY B 193 -7.04 79.91 14.86
C GLY B 193 -8.15 80.86 15.24
N ASN B 194 -8.09 81.33 16.49
CA ASN B 194 -9.10 82.25 16.99
C ASN B 194 -9.14 83.55 16.20
N ASP B 195 -8.04 83.93 15.56
CA ASP B 195 -7.98 85.14 14.75
C ASP B 195 -8.48 84.92 13.32
N SER B 196 -8.91 83.71 12.97
CA SER B 196 -9.38 83.33 11.65
C SER B 196 -8.26 83.31 10.61
N TYR B 197 -7.00 83.45 11.02
CA TYR B 197 -5.88 83.35 10.10
C TYR B 197 -5.36 81.91 10.09
N PRO B 198 -5.36 81.22 8.95
CA PRO B 198 -4.95 79.81 8.97
C PRO B 198 -3.48 79.67 9.35
N ILE B 199 -3.23 78.81 10.33
CA ILE B 199 -1.88 78.54 10.81
C ILE B 199 -1.39 77.25 10.15
N PRO B 200 -0.32 77.29 9.35
CA PRO B 200 0.18 76.03 8.78
C PRO B 200 0.71 75.11 9.86
N ILE B 201 0.56 73.81 9.63
CA ILE B 201 0.97 72.77 10.56
C ILE B 201 2.17 72.06 9.97
N ALA B 202 3.24 71.94 10.77
CA ALA B 202 4.44 71.27 10.30
C ALA B 202 4.14 69.82 9.97
N LEU B 203 4.64 69.36 8.82
CA LEU B 203 4.44 67.99 8.37
C LEU B 203 5.76 67.46 7.83
N LYS B 204 6.26 66.39 8.43
CA LYS B 204 7.52 65.78 8.02
C LYS B 204 7.26 64.69 6.99
N LYS B 205 8.00 64.74 5.88
CA LYS B 205 7.90 63.75 4.83
C LYS B 205 9.03 62.74 4.85
N LYS B 206 9.79 62.67 5.95
CA LYS B 206 10.89 61.74 6.10
C LYS B 206 10.57 60.71 7.17
N GLY B 207 11.19 59.53 7.04
CA GLY B 207 10.97 58.47 7.99
C GLY B 207 9.56 57.92 7.99
N ILE B 208 8.92 57.86 6.83
CA ILE B 208 7.59 57.29 6.68
C ILE B 208 7.63 55.97 5.91
N ALA B 209 8.80 55.33 5.84
CA ALA B 209 8.96 54.05 5.19
C ALA B 209 9.81 53.14 6.07
N TRP B 210 9.84 51.87 5.72
CA TRP B 210 10.64 50.91 6.47
C TRP B 210 12.11 51.29 6.39
N TRP B 211 12.85 51.05 7.47
CA TRP B 211 14.29 51.29 7.45
C TRP B 211 14.97 50.42 6.41
N THR B 212 14.54 49.17 6.27
CA THR B 212 15.10 48.30 5.25
C THR B 212 14.80 48.85 3.85
N ASP B 213 13.60 49.40 3.66
CA ASP B 213 13.22 49.88 2.32
C ASP B 213 14.11 51.05 1.89
N LYS B 214 14.37 52.00 2.78
CA LYS B 214 15.22 53.14 2.42
C LYS B 214 16.64 52.69 2.08
N ASN B 215 17.19 51.78 2.86
CA ASN B 215 18.62 51.53 2.86
C ASN B 215 19.03 50.20 2.24
N VAL B 216 18.08 49.31 1.96
CA VAL B 216 18.42 48.01 1.37
C VAL B 216 17.65 47.82 0.07
N LYS B 217 16.32 47.83 0.14
CA LYS B 217 15.53 47.47 -1.02
C LYS B 217 15.61 48.52 -2.11
N PHE B 218 15.50 49.80 -1.75
CA PHE B 218 15.48 50.90 -2.71
C PHE B 218 16.78 51.67 -2.65
N ARG B 219 17.44 51.81 -3.80
CA ARG B 219 18.69 52.56 -3.89
C ARG B 219 18.80 53.17 -5.27
N ASN B 220 19.45 54.33 -5.34
CA ASN B 220 19.67 54.99 -6.61
C ASN B 220 20.79 54.30 -7.38
N PRO B 221 20.87 54.50 -8.69
CA PRO B 221 21.96 53.89 -9.47
C PRO B 221 23.31 54.32 -8.93
N PRO B 222 24.30 53.42 -8.88
CA PRO B 222 25.60 53.81 -8.32
C PRO B 222 26.32 54.81 -9.20
N GLY B 223 27.25 55.54 -8.58
CA GLY B 223 28.11 56.46 -9.29
C GLY B 223 27.55 57.87 -9.36
N GLY B 224 28.46 58.82 -9.53
CA GLY B 224 28.09 60.21 -9.65
C GLY B 224 27.79 60.86 -8.31
N ASP B 225 27.43 62.14 -8.38
CA ASP B 225 27.05 62.92 -7.20
C ASP B 225 25.70 63.58 -7.40
N ASN B 226 25.36 63.89 -8.65
CA ASN B 226 24.08 64.48 -8.99
C ASN B 226 23.16 63.43 -9.60
N LEU B 227 21.89 63.48 -9.22
CA LEU B 227 20.93 62.50 -9.72
C LEU B 227 20.63 62.66 -11.21
N GLU B 228 20.94 63.83 -11.78
CA GLU B 228 20.62 64.05 -13.19
C GLU B 228 21.41 63.12 -14.10
N GLU B 229 22.72 63.02 -13.88
CA GLU B 229 23.55 62.20 -14.76
C GLU B 229 23.27 60.72 -14.58
N ARG B 230 22.92 60.30 -13.36
CA ARG B 230 22.66 58.88 -13.12
C ARG B 230 21.49 58.38 -13.97
N PHE B 231 20.41 59.15 -14.03
CA PHE B 231 19.22 58.78 -14.78
C PHE B 231 19.26 59.34 -16.20
N LYS B 232 20.35 59.06 -16.92
CA LYS B 232 20.51 59.54 -18.29
C LYS B 232 19.93 58.52 -19.26
N GLY B 233 19.23 59.02 -20.28
CA GLY B 233 18.59 58.15 -21.24
C GLY B 233 17.46 57.33 -20.66
N THR B 234 16.67 57.91 -19.77
CA THR B 234 15.52 57.24 -19.17
C THR B 234 14.39 58.24 -19.05
N THR B 235 13.27 57.95 -19.70
CA THR B 235 12.12 58.85 -19.67
C THR B 235 11.32 58.67 -18.39
N LYS B 236 10.47 59.66 -18.11
CA LYS B 236 9.57 59.56 -16.98
C LYS B 236 8.43 58.60 -17.29
N PRO B 237 7.76 58.07 -16.27
CA PRO B 237 6.54 57.29 -16.53
C PRO B 237 5.51 58.15 -17.24
N VAL B 238 4.69 57.50 -18.06
CA VAL B 238 3.77 58.23 -18.93
C VAL B 238 2.80 59.07 -18.10
N ASN B 239 2.38 58.55 -16.94
CA ASN B 239 1.40 59.26 -16.14
C ASN B 239 2.03 60.32 -15.24
N TRP B 240 3.30 60.15 -14.87
CA TRP B 240 3.96 61.12 -14.01
C TRP B 240 4.11 62.45 -14.74
N LEU B 241 3.89 63.55 -14.01
CA LEU B 241 4.07 64.87 -14.60
C LEU B 241 5.56 65.19 -14.78
N LYS B 242 6.37 64.87 -13.77
CA LYS B 242 7.80 65.12 -13.81
C LYS B 242 8.56 63.82 -13.54
N PRO B 243 9.79 63.69 -14.04
CA PRO B 243 10.52 62.42 -13.86
C PRO B 243 10.96 62.21 -12.42
N VAL B 244 11.71 61.13 -12.20
CA VAL B 244 12.15 60.76 -10.86
C VAL B 244 13.40 61.56 -10.47
N TYR B 245 13.80 62.51 -11.31
CA TYR B 245 14.95 63.35 -10.97
C TYR B 245 14.71 64.12 -9.68
N MET B 246 13.59 64.82 -9.58
CA MET B 246 13.34 65.81 -8.53
C MET B 246 12.05 65.51 -7.80
N LEU B 247 11.85 64.26 -7.40
CA LEU B 247 10.71 63.92 -6.55
C LEU B 247 10.71 64.75 -5.28
N ASP B 248 11.89 65.04 -4.74
CA ASP B 248 12.01 65.91 -3.57
C ASP B 248 13.30 66.72 -3.71
N SER B 249 13.30 67.91 -3.09
CA SER B 249 14.47 68.77 -3.18
C SER B 249 15.69 68.16 -2.51
N ASP B 250 15.49 67.55 -1.34
CA ASP B 250 16.62 67.01 -0.59
C ASP B 250 17.23 65.83 -1.34
N PRO B 251 18.56 65.76 -1.47
CA PRO B 251 19.15 64.59 -2.15
C PRO B 251 18.87 63.28 -1.46
N ASP B 252 18.64 63.30 -0.14
CA ASP B 252 18.37 62.06 0.58
C ASP B 252 17.01 61.48 0.20
N ASN B 253 16.06 62.33 -0.18
CA ASN B 253 14.67 61.92 -0.38
C ASN B 253 14.25 62.00 -1.85
N ASN B 254 15.20 61.91 -2.78
CA ASN B 254 14.90 61.94 -4.20
C ASN B 254 15.50 60.72 -4.88
N GLY B 255 14.92 60.38 -6.03
CA GLY B 255 15.31 59.18 -6.76
C GLY B 255 14.45 57.99 -6.37
N PHE B 256 14.99 56.79 -6.48
CA PHE B 256 14.28 55.60 -6.00
C PHE B 256 14.15 55.57 -4.48
N ILE B 257 14.91 56.39 -3.76
CA ILE B 257 14.90 56.38 -2.30
C ILE B 257 13.94 57.43 -1.78
N ASN B 258 13.01 57.88 -2.62
CA ASN B 258 12.00 58.85 -2.18
C ASN B 258 10.97 58.15 -1.29
N GLU B 259 10.63 58.80 -0.18
CA GLU B 259 9.71 58.20 0.78
C GLU B 259 8.32 58.00 0.19
N ASP B 260 7.81 59.02 -0.50
CA ASP B 260 6.46 58.91 -1.06
C ASP B 260 6.39 57.83 -2.13
N PHE B 261 7.39 57.77 -3.01
CA PHE B 261 7.44 56.73 -4.02
C PHE B 261 7.57 55.35 -3.38
N ILE B 262 8.43 55.22 -2.37
CA ILE B 262 8.63 53.93 -1.72
C ILE B 262 7.35 53.47 -1.05
N VAL B 263 6.68 54.38 -0.35
CA VAL B 263 5.47 53.99 0.38
C VAL B 263 4.41 53.50 -0.59
N TRP B 264 4.32 54.11 -1.78
CA TRP B 264 3.31 53.71 -2.74
C TRP B 264 3.60 52.33 -3.31
N MET B 265 4.84 52.10 -3.73
CA MET B 265 5.20 50.82 -4.34
C MET B 265 5.02 49.65 -3.38
N ARG B 266 4.97 49.92 -2.09
CA ARG B 266 4.78 48.88 -1.08
C ARG B 266 3.33 48.42 -1.11
N THR B 267 3.03 47.49 -2.01
CA THR B 267 1.64 47.21 -2.38
C THR B 267 0.84 46.72 -1.17
N ALA B 268 -0.43 47.11 -1.13
CA ALA B 268 -1.34 46.69 -0.08
C ALA B 268 -1.88 45.30 -0.37
N ALA B 269 -2.63 44.77 0.60
CA ALA B 269 -3.17 43.42 0.51
C ALA B 269 -4.64 43.38 0.15
N LEU B 270 -5.38 44.47 0.33
CA LEU B 270 -6.81 44.48 0.16
C LEU B 270 -7.22 45.75 -0.60
N PRO B 271 -8.42 45.77 -1.20
CA PRO B 271 -8.81 46.96 -1.97
C PRO B 271 -8.82 48.23 -1.16
N THR B 272 -9.26 48.17 0.10
CA THR B 272 -9.29 49.34 0.97
C THR B 272 -8.00 49.36 1.79
N PHE B 273 -7.22 50.41 1.61
CA PHE B 273 -5.94 50.54 2.30
C PHE B 273 -5.69 52.01 2.61
N ARG B 274 -4.70 52.26 3.46
CA ARG B 274 -4.24 53.60 3.76
C ARG B 274 -2.73 53.58 3.90
N LYS B 275 -2.07 54.54 3.27
CA LYS B 275 -0.61 54.60 3.22
C LYS B 275 -0.14 55.86 3.94
N LEU B 276 0.95 55.72 4.71
CA LEU B 276 1.47 56.84 5.47
C LEU B 276 1.93 57.95 4.53
N TYR B 277 1.62 59.19 4.90
CA TYR B 277 1.91 60.35 4.07
C TYR B 277 2.84 61.35 4.76
N ARG B 278 2.55 61.72 6.01
CA ARG B 278 3.35 62.71 6.72
C ARG B 278 3.37 62.35 8.20
N LEU B 279 4.28 62.99 8.93
CA LEU B 279 4.40 62.86 10.38
C LEU B 279 4.28 64.23 11.02
N ILE B 280 3.60 64.28 12.15
CA ILE B 280 3.50 65.51 12.96
C ILE B 280 4.16 65.17 14.29
N GLU B 281 5.46 65.47 14.39
CA GLU B 281 6.23 65.07 15.56
C GLU B 281 5.76 65.82 16.79
N ARG B 282 6.23 65.35 17.96
CA ARG B 282 5.86 65.97 19.22
C ARG B 282 6.26 67.44 19.23
N LYS B 283 5.34 68.30 19.66
CA LYS B 283 5.63 69.71 19.76
C LYS B 283 6.60 69.97 20.91
N SER B 284 7.44 71.00 20.74
CA SER B 284 8.41 71.33 21.78
C SER B 284 7.70 71.74 23.06
N ASP B 285 6.63 72.52 22.95
CA ASP B 285 5.86 72.94 24.11
C ASP B 285 4.99 71.80 24.62
N LEU B 286 4.49 71.96 25.85
CA LEU B 286 3.73 70.91 26.50
C LEU B 286 2.33 70.74 25.91
N HIS B 287 1.79 71.77 25.24
CA HIS B 287 0.43 71.70 24.76
C HIS B 287 0.31 70.67 23.63
N PRO B 288 -0.90 70.19 23.35
CA PRO B 288 -1.05 69.09 22.39
C PRO B 288 -0.60 69.49 21.00
N THR B 289 -0.17 68.48 20.23
CA THR B 289 0.33 68.73 18.88
C THR B 289 -0.73 69.35 18.00
N LEU B 290 -1.97 68.87 18.09
CA LEU B 290 -3.10 69.40 17.33
C LEU B 290 -4.18 69.80 18.32
N PRO B 291 -4.15 71.01 18.88
CA PRO B 291 -5.17 71.40 19.84
C PRO B 291 -6.56 71.40 19.22
N ALA B 292 -7.56 71.07 20.03
CA ALA B 292 -8.93 70.98 19.56
C ALA B 292 -9.39 72.30 18.97
N GLY B 293 -10.14 72.22 17.88
CA GLY B 293 -10.64 73.42 17.23
C GLY B 293 -11.13 73.11 15.83
N ARG B 294 -11.25 74.16 15.04
CA ARG B 294 -11.69 74.05 13.65
C ARG B 294 -10.48 73.88 12.75
N TYR B 295 -10.53 72.88 11.87
CA TYR B 295 -9.45 72.56 10.96
C TYR B 295 -9.97 72.50 9.53
N SER B 296 -9.13 72.93 8.60
CA SER B 296 -9.44 72.88 7.18
C SER B 296 -8.28 72.22 6.44
N LEU B 297 -8.58 71.23 5.61
CA LEU B 297 -7.59 70.51 4.83
C LEU B 297 -7.52 71.12 3.44
N ASN B 298 -6.34 71.60 3.05
CA ASN B 298 -6.10 72.17 1.73
C ASN B 298 -5.43 71.09 0.88
N VAL B 299 -6.20 70.45 0.02
CA VAL B 299 -5.74 69.32 -0.78
C VAL B 299 -5.81 69.69 -2.25
N THR B 300 -4.73 69.41 -2.98
CA THR B 300 -4.68 69.62 -4.42
C THR B 300 -5.17 68.34 -5.11
N TYR B 301 -6.33 68.43 -5.76
CA TYR B 301 -6.94 67.27 -6.39
C TYR B 301 -6.20 66.96 -7.68
N ASN B 302 -5.46 65.85 -7.69
CA ASN B 302 -4.67 65.44 -8.87
C ASN B 302 -5.00 64.01 -9.27
N TYR B 303 -5.31 63.16 -8.29
CA TYR B 303 -5.48 61.74 -8.54
C TYR B 303 -6.94 61.44 -8.88
N PRO B 304 -7.27 60.97 -10.11
CA PRO B 304 -8.66 60.65 -10.42
C PRO B 304 -9.01 59.21 -10.07
N VAL B 305 -10.10 59.02 -9.33
CA VAL B 305 -10.52 57.68 -8.92
C VAL B 305 -12.00 57.45 -9.17
N HIS B 306 -12.75 58.52 -9.45
CA HIS B 306 -14.20 58.39 -9.55
C HIS B 306 -14.62 57.50 -10.72
N TYR B 307 -13.74 57.27 -11.69
CA TYR B 307 -14.12 56.44 -12.83
C TYR B 307 -14.44 55.02 -12.41
N PHE B 308 -13.63 54.45 -11.51
CA PHE B 308 -13.86 53.11 -10.98
C PHE B 308 -14.48 53.15 -9.59
N ASP B 309 -15.21 54.20 -9.26
CA ASP B 309 -15.91 54.34 -7.98
C ASP B 309 -14.93 54.23 -6.81
N GLY B 310 -13.77 54.86 -6.95
CA GLY B 310 -12.85 54.96 -5.85
C GLY B 310 -13.21 56.08 -4.89
N ARG B 311 -12.53 56.09 -3.75
CA ARG B 311 -12.81 57.07 -2.69
C ARG B 311 -11.50 57.41 -2.01
N LYS B 312 -10.91 58.56 -2.36
CA LYS B 312 -9.75 59.05 -1.66
C LYS B 312 -10.14 59.57 -0.29
N ARG B 313 -9.23 59.40 0.68
CA ARG B 313 -9.49 59.82 2.04
C ARG B 313 -8.19 60.28 2.69
N MET B 314 -8.34 61.15 3.69
CA MET B 314 -7.22 61.57 4.54
C MET B 314 -7.53 61.13 5.97
N ILE B 315 -6.55 60.51 6.61
CA ILE B 315 -6.70 59.96 7.96
C ILE B 315 -5.64 60.59 8.85
N LEU B 316 -6.07 61.08 10.02
CA LEU B 316 -5.17 61.54 11.06
C LEU B 316 -5.33 60.64 12.27
N SER B 317 -4.22 60.07 12.74
CA SER B 317 -4.23 59.14 13.85
C SER B 317 -3.12 59.48 14.82
N THR B 318 -3.31 59.10 16.08
CA THR B 318 -2.35 59.36 17.14
C THR B 318 -1.69 58.06 17.58
N ILE B 319 -0.39 58.13 17.87
CA ILE B 319 0.36 56.93 18.19
C ILE B 319 -0.11 56.35 19.51
N SER B 320 -0.15 55.03 19.60
CA SER B 320 -0.44 54.31 20.82
C SER B 320 0.75 53.43 21.18
N TRP B 321 0.96 53.23 22.48
CA TRP B 321 2.10 52.43 22.92
C TRP B 321 2.04 51.02 22.38
N MET B 322 0.84 50.42 22.35
CA MET B 322 0.68 49.05 21.86
C MET B 322 0.08 49.14 20.45
N GLY B 323 0.98 49.33 19.47
CA GLY B 323 0.58 49.34 18.08
C GLY B 323 -0.46 50.41 17.78
N GLY B 324 -1.48 50.03 17.02
CA GLY B 324 -2.48 50.96 16.54
C GLY B 324 -3.88 50.70 17.07
N LYS B 325 -4.90 50.98 16.24
CA LYS B 325 -6.30 50.89 16.63
C LYS B 325 -6.94 49.73 15.87
N ASN B 326 -7.16 48.62 16.58
CA ASN B 326 -7.72 47.41 15.98
C ASN B 326 -8.87 46.91 16.84
N PRO B 327 -10.11 47.33 16.54
CA PRO B 327 -11.24 46.79 17.32
C PRO B 327 -11.53 45.33 17.04
N PHE B 328 -11.30 44.85 15.81
CA PHE B 328 -11.70 43.50 15.46
C PHE B 328 -10.99 42.47 16.31
N LEU B 329 -9.69 42.65 16.54
CA LEU B 329 -8.96 41.74 17.42
C LEU B 329 -9.52 41.78 18.83
N GLY B 330 -9.98 42.96 19.27
CA GLY B 330 -10.58 43.04 20.59
C GLY B 330 -11.82 42.17 20.72
N ILE B 331 -12.80 42.38 19.85
CA ILE B 331 -14.02 41.57 19.89
C ILE B 331 -13.70 40.12 19.55
N ALA B 332 -12.64 39.88 18.78
CA ALA B 332 -12.25 38.50 18.45
C ALA B 332 -11.80 37.74 19.68
N TYR B 333 -11.02 38.39 20.56
CA TYR B 333 -10.61 37.73 21.80
C TYR B 333 -11.75 37.64 22.81
N ILE B 334 -12.60 38.66 22.89
CA ILE B 334 -13.76 38.56 23.77
C ILE B 334 -14.66 37.42 23.30
N ALA B 335 -14.82 37.28 21.99
CA ALA B 335 -15.60 36.16 21.46
C ALA B 335 -14.86 34.84 21.64
N VAL B 336 -13.59 34.80 21.25
CA VAL B 336 -12.84 33.55 21.35
C VAL B 336 -12.56 33.20 22.80
N GLY B 337 -12.20 34.19 23.61
CA GLY B 337 -12.00 33.92 25.03
C GLY B 337 -13.27 33.45 25.70
N SER B 338 -14.42 34.00 25.30
CA SER B 338 -15.69 33.57 25.86
C SER B 338 -16.10 32.20 25.31
N ILE B 339 -15.93 31.99 24.01
CA ILE B 339 -16.35 30.72 23.40
C ILE B 339 -15.53 29.57 23.97
N SER B 340 -14.22 29.77 24.14
CA SER B 340 -13.38 28.72 24.70
C SER B 340 -13.81 28.39 26.13
N PHE B 341 -14.15 29.42 26.92
CA PHE B 341 -14.59 29.18 28.29
C PHE B 341 -15.89 28.38 28.31
N LEU B 342 -16.81 28.68 27.40
CA LEU B 342 -18.07 27.96 27.35
C LEU B 342 -17.87 26.51 26.89
N LEU B 343 -16.98 26.29 25.92
CA LEU B 343 -16.75 24.95 25.42
C LEU B 343 -16.21 24.04 26.51
N GLY B 344 -15.26 24.53 27.31
CA GLY B 344 -14.74 23.73 28.40
C GLY B 344 -15.82 23.40 29.43
N VAL B 345 -16.71 24.35 29.70
CA VAL B 345 -17.81 24.10 30.62
C VAL B 345 -18.73 23.03 30.05
N VAL B 346 -19.04 23.12 28.75
CA VAL B 346 -19.83 22.08 28.09
C VAL B 346 -19.08 20.76 28.13
N LEU B 347 -17.77 20.79 27.86
CA LEU B 347 -16.97 19.58 27.95
C LEU B 347 -16.92 19.05 29.38
N LEU B 348 -16.82 19.94 30.36
CA LEU B 348 -16.83 19.51 31.75
C LEU B 348 -18.15 18.84 32.11
N VAL B 349 -19.27 19.42 31.67
CA VAL B 349 -20.56 18.81 31.94
C VAL B 349 -20.69 17.46 31.23
N ILE B 350 -20.28 17.40 29.95
CA ILE B 350 -20.36 16.15 29.21
C ILE B 350 -19.47 15.10 29.83
N ASN B 351 -18.28 15.50 30.30
CA ASN B 351 -17.40 14.56 30.97
C ASN B 351 -18.04 14.04 32.25
N HIS B 352 -18.71 14.92 33.00
CA HIS B 352 -19.31 14.51 34.27
C HIS B 352 -20.35 13.42 34.06
N LYS B 353 -21.19 13.57 33.03
CA LYS B 353 -22.19 12.55 32.75
C LYS B 353 -21.55 11.23 32.37
N TYR B 354 -20.48 11.27 31.57
CA TYR B 354 -19.81 10.07 31.09
C TYR B 354 -18.59 9.70 31.93
N ARG B 355 -18.44 10.30 33.11
CA ARG B 355 -17.30 9.99 33.98
C ARG B 355 -17.29 8.52 34.37
#